data_6DBP
# 
_entry.id   6DBP 
# 
_audit_conform.dict_name       mmcif_pdbx.dic 
_audit_conform.dict_version    5.379 
_audit_conform.dict_location   http://mmcif.pdb.org/dictionaries/ascii/mmcif_pdbx.dic 
# 
loop_
_database_2.database_id 
_database_2.database_code 
_database_2.pdbx_database_accession 
_database_2.pdbx_DOI 
PDB   6DBP         pdb_00006dbp 10.2210/pdb6dbp/pdb 
WWPDB D_1000234333 ?            ?                   
# 
_pdbx_database_status.status_code                     REL 
_pdbx_database_status.status_code_sf                  REL 
_pdbx_database_status.status_code_mr                  ? 
_pdbx_database_status.entry_id                        6DBP 
_pdbx_database_status.recvd_initial_deposition_date   2018-05-03 
_pdbx_database_status.SG_entry                        N 
_pdbx_database_status.deposit_site                    RCSB 
_pdbx_database_status.process_site                    RCSB 
_pdbx_database_status.status_code_cs                  ? 
_pdbx_database_status.methods_development_category    ? 
_pdbx_database_status.pdb_format_compatible           Y 
_pdbx_database_status.status_code_nmr_data            ? 
# 
loop_
_audit_author.name 
_audit_author.pdbx_ordinal 
_audit_author.identifier_ORCID 
'Goldgur, Y.'  1 ? 
'Kharas, M.G.' 2 ? 
'Minuesa, G.'  3 ? 
# 
_citation.abstract                  ? 
_citation.abstract_id_CAS           ? 
_citation.book_id_ISBN              ? 
_citation.book_publisher            ? 
_citation.book_publisher_city       ? 
_citation.book_title                ? 
_citation.coordinate_linkage        ? 
_citation.country                   UK 
_citation.database_id_Medline       ? 
_citation.details                   ? 
_citation.id                        primary 
_citation.journal_abbrev            'Nat Commun' 
_citation.journal_id_ASTM           ? 
_citation.journal_id_CSD            ? 
_citation.journal_id_ISSN           2041-1723 
_citation.journal_full              ? 
_citation.journal_issue             ? 
_citation.journal_volume            10 
_citation.language                  ? 
_citation.page_first                2691 
_citation.page_last                 2691 
_citation.title                     'Small-molecule targeting of MUSASHI RNA-binding activity in acute myeloid leukemia.' 
_citation.year                      2019 
_citation.database_id_CSD           ? 
_citation.pdbx_database_id_DOI      10.1038/s41467-019-10523-3 
_citation.pdbx_database_id_PubMed   31217428 
_citation.unpublished_flag          ? 
# 
loop_
_citation_author.citation_id 
_citation_author.name 
_citation_author.ordinal 
_citation_author.identifier_ORCID 
primary 'Minuesa, G.'      1  ?                   
primary 'Albanese, S.K.'   2  0000-0003-0973-5030 
primary 'Xie, W.'          3  0000-0002-4550-6211 
primary 'Kazansky, Y.'     4  ?                   
primary 'Worroll, D.'      5  0000-0001-7351-676X 
primary 'Chow, A.'         6  ?                   
primary 'Schurer, A.'      7  ?                   
primary 'Park, S.M.'       8  ?                   
primary 'Rotsides, C.Z.'   9  ?                   
primary 'Taggart, J.'      10 ?                   
primary 'Rizzi, A.'        11 0000-0001-7693-2013 
primary 'Naden, L.N.'      12 ?                   
primary 'Chou, T.'         13 ?                   
primary 'Gourkanti, S.'    14 ?                   
primary 'Cappel, D.'       15 0000-0002-8460-7867 
primary 'Passarelli, M.C.' 16 ?                   
primary 'Fairchild, L.'    17 ?                   
primary 'Adura, C.'        18 ?                   
primary 'Glickman, J.F.'   19 ?                   
primary 'Schulman, J.'     20 ?                   
primary 'Famulare, C.'     21 ?                   
primary 'Patel, M.'        22 ?                   
primary 'Eibl, J.K.'       23 ?                   
primary 'Ross, G.M.'       24 ?                   
primary 'Bhattacharya, S.' 25 ?                   
primary 'Tan, D.S.'        26 0000-0002-7956-9659 
primary 'Leslie, C.S.'     27 0000-0002-4571-5910 
primary 'Beuming, T.'      28 ?                   
primary 'Patel, D.J.'      29 0000-0002-9779-7778 
primary 'Goldgur, Y.'      30 ?                   
primary 'Chodera, J.D.'    31 0000-0003-0542-119X 
primary 'Kharas, M.G.'     32 0000-0002-1165-6991 
# 
_cell.angle_alpha                  90.00 
_cell.angle_alpha_esd              ? 
_cell.angle_beta                   108.87 
_cell.angle_beta_esd               ? 
_cell.angle_gamma                  90.00 
_cell.angle_gamma_esd              ? 
_cell.entry_id                     6DBP 
_cell.details                      ? 
_cell.formula_units_Z              ? 
_cell.length_a                     30.317 
_cell.length_a_esd                 ? 
_cell.length_b                     64.413 
_cell.length_b_esd                 ? 
_cell.length_c                     38.387 
_cell.length_c_esd                 ? 
_cell.volume                       ? 
_cell.volume_esd                   ? 
_cell.Z_PDB                        4 
_cell.reciprocal_angle_alpha       ? 
_cell.reciprocal_angle_beta        ? 
_cell.reciprocal_angle_gamma       ? 
_cell.reciprocal_angle_alpha_esd   ? 
_cell.reciprocal_angle_beta_esd    ? 
_cell.reciprocal_angle_gamma_esd   ? 
_cell.reciprocal_length_a          ? 
_cell.reciprocal_length_b          ? 
_cell.reciprocal_length_c          ? 
_cell.reciprocal_length_a_esd      ? 
_cell.reciprocal_length_b_esd      ? 
_cell.reciprocal_length_c_esd      ? 
_cell.pdbx_unique_axis             ? 
# 
_symmetry.entry_id                         6DBP 
_symmetry.cell_setting                     ? 
_symmetry.Int_Tables_number                4 
_symmetry.space_group_name_Hall            ? 
_symmetry.space_group_name_H-M             'P 1 21 1' 
_symmetry.pdbx_full_space_group_name_H-M   ? 
# 
loop_
_entity.id 
_entity.type 
_entity.src_method 
_entity.pdbx_description 
_entity.formula_weight 
_entity.pdbx_number_of_molecules 
_entity.pdbx_ec 
_entity.pdbx_mutation 
_entity.pdbx_fragment 
_entity.details 
1 polymer man 'RNA-binding protein Musashi homolog 2' 9593.038 2   ? ? ? ? 
2 water   nat water                                   18.015   140 ? ? ? ? 
# 
_entity_name_com.entity_id   1 
_entity_name_com.name        Musashi-2 
# 
_entity_poly.entity_id                      1 
_entity_poly.type                           'polypeptide(L)' 
_entity_poly.nstd_linkage                   no 
_entity_poly.nstd_monomer                   no 
_entity_poly.pdbx_seq_one_letter_code       
;MKMFIGGLSWQTSPDSLRDYFSKFGEIRECMVMRDPTTKRSRGFGFVTFADPASVDKVLGQPHHELDSKTIDPKVAFPRR
AQPK
;
_entity_poly.pdbx_seq_one_letter_code_can   
;MKMFIGGLSWQTSPDSLRDYFSKFGEIRECMVMRDPTTKRSRGFGFVTFADPASVDKVLGQPHHELDSKTIDPKVAFPRR
AQPK
;
_entity_poly.pdbx_strand_id                 A,B 
_entity_poly.pdbx_target_identifier         ? 
# 
loop_
_entity_poly_seq.entity_id 
_entity_poly_seq.num 
_entity_poly_seq.mon_id 
_entity_poly_seq.hetero 
1 1  MET n 
1 2  LYS n 
1 3  MET n 
1 4  PHE n 
1 5  ILE n 
1 6  GLY n 
1 7  GLY n 
1 8  LEU n 
1 9  SER n 
1 10 TRP n 
1 11 GLN n 
1 12 THR n 
1 13 SER n 
1 14 PRO n 
1 15 ASP n 
1 16 SER n 
1 17 LEU n 
1 18 ARG n 
1 19 ASP n 
1 20 TYR n 
1 21 PHE n 
1 22 SER n 
1 23 LYS n 
1 24 PHE n 
1 25 GLY n 
1 26 GLU n 
1 27 ILE n 
1 28 ARG n 
1 29 GLU n 
1 30 CYS n 
1 31 MET n 
1 32 VAL n 
1 33 MET n 
1 34 ARG n 
1 35 ASP n 
1 36 PRO n 
1 37 THR n 
1 38 THR n 
1 39 LYS n 
1 40 ARG n 
1 41 SER n 
1 42 ARG n 
1 43 GLY n 
1 44 PHE n 
1 45 GLY n 
1 46 PHE n 
1 47 VAL n 
1 48 THR n 
1 49 PHE n 
1 50 ALA n 
1 51 ASP n 
1 52 PRO n 
1 53 ALA n 
1 54 SER n 
1 55 VAL n 
1 56 ASP n 
1 57 LYS n 
1 58 VAL n 
1 59 LEU n 
1 60 GLY n 
1 61 GLN n 
1 62 PRO n 
1 63 HIS n 
1 64 HIS n 
1 65 GLU n 
1 66 LEU n 
1 67 ASP n 
1 68 SER n 
1 69 LYS n 
1 70 THR n 
1 71 ILE n 
1 72 ASP n 
1 73 PRO n 
1 74 LYS n 
1 75 VAL n 
1 76 ALA n 
1 77 PHE n 
1 78 PRO n 
1 79 ARG n 
1 80 ARG n 
1 81 ALA n 
1 82 GLN n 
1 83 PRO n 
1 84 LYS n 
# 
_entity_src_gen.entity_id                          1 
_entity_src_gen.pdbx_src_id                        1 
_entity_src_gen.pdbx_alt_source_flag               sample 
_entity_src_gen.pdbx_seq_type                      'Biological sequence' 
_entity_src_gen.pdbx_beg_seq_num                   1 
_entity_src_gen.pdbx_end_seq_num                   84 
_entity_src_gen.gene_src_common_name               Human 
_entity_src_gen.gene_src_genus                     ? 
_entity_src_gen.pdbx_gene_src_gene                 MSI2 
_entity_src_gen.gene_src_species                   ? 
_entity_src_gen.gene_src_strain                    ? 
_entity_src_gen.gene_src_tissue                    ? 
_entity_src_gen.gene_src_tissue_fraction           ? 
_entity_src_gen.gene_src_details                   ? 
_entity_src_gen.pdbx_gene_src_fragment             ? 
_entity_src_gen.pdbx_gene_src_scientific_name      'Homo sapiens' 
_entity_src_gen.pdbx_gene_src_ncbi_taxonomy_id     9606 
_entity_src_gen.pdbx_gene_src_variant              ? 
_entity_src_gen.pdbx_gene_src_cell_line            ? 
_entity_src_gen.pdbx_gene_src_atcc                 ? 
_entity_src_gen.pdbx_gene_src_organ                ? 
_entity_src_gen.pdbx_gene_src_organelle            ? 
_entity_src_gen.pdbx_gene_src_cell                 ? 
_entity_src_gen.pdbx_gene_src_cellular_location    ? 
_entity_src_gen.host_org_common_name               ? 
_entity_src_gen.pdbx_host_org_scientific_name      'Escherichia coli' 
_entity_src_gen.pdbx_host_org_ncbi_taxonomy_id     511693 
_entity_src_gen.host_org_genus                     ? 
_entity_src_gen.pdbx_host_org_gene                 ? 
_entity_src_gen.pdbx_host_org_organ                ? 
_entity_src_gen.host_org_species                   ? 
_entity_src_gen.pdbx_host_org_tissue               ? 
_entity_src_gen.pdbx_host_org_tissue_fraction      ? 
_entity_src_gen.pdbx_host_org_strain               BL21 
_entity_src_gen.pdbx_host_org_variant              DE3 
_entity_src_gen.pdbx_host_org_cell_line            ? 
_entity_src_gen.pdbx_host_org_atcc                 ? 
_entity_src_gen.pdbx_host_org_culture_collection   ? 
_entity_src_gen.pdbx_host_org_cell                 ? 
_entity_src_gen.pdbx_host_org_organelle            ? 
_entity_src_gen.pdbx_host_org_cellular_location    ? 
_entity_src_gen.pdbx_host_org_vector_type          ? 
_entity_src_gen.pdbx_host_org_vector               ? 
_entity_src_gen.host_org_details                   ? 
_entity_src_gen.expression_system_id               ? 
_entity_src_gen.plasmid_name                       ? 
_entity_src_gen.plasmid_details                    ? 
_entity_src_gen.pdbx_description                   ? 
# 
_struct_ref.id                         1 
_struct_ref.db_name                    UNP 
_struct_ref.db_code                    MSI2H_HUMAN 
_struct_ref.pdbx_db_accession          Q96DH6 
_struct_ref.pdbx_db_isoform            ? 
_struct_ref.entity_id                  1 
_struct_ref.pdbx_seq_one_letter_code   
;KMFIGGLSWQTSPDSLRDYFSKFGEIRECMVMRDPTTKRSRGFGFVTFADPASVDKVLGQPHHELDSKTIDPKVAFPRRA
QPK
;
_struct_ref.pdbx_align_begin           22 
# 
loop_
_struct_ref_seq.align_id 
_struct_ref_seq.ref_id 
_struct_ref_seq.pdbx_PDB_id_code 
_struct_ref_seq.pdbx_strand_id 
_struct_ref_seq.seq_align_beg 
_struct_ref_seq.pdbx_seq_align_beg_ins_code 
_struct_ref_seq.seq_align_end 
_struct_ref_seq.pdbx_seq_align_end_ins_code 
_struct_ref_seq.pdbx_db_accession 
_struct_ref_seq.db_align_beg 
_struct_ref_seq.pdbx_db_align_beg_ins_code 
_struct_ref_seq.db_align_end 
_struct_ref_seq.pdbx_db_align_end_ins_code 
_struct_ref_seq.pdbx_auth_seq_align_beg 
_struct_ref_seq.pdbx_auth_seq_align_end 
1 1 6DBP A 2 ? 84 ? Q96DH6 22 ? 104 ? 2 84 
2 1 6DBP B 2 ? 84 ? Q96DH6 22 ? 104 ? 2 84 
# 
loop_
_struct_ref_seq_dif.align_id 
_struct_ref_seq_dif.pdbx_pdb_id_code 
_struct_ref_seq_dif.mon_id 
_struct_ref_seq_dif.pdbx_pdb_strand_id 
_struct_ref_seq_dif.seq_num 
_struct_ref_seq_dif.pdbx_pdb_ins_code 
_struct_ref_seq_dif.pdbx_seq_db_name 
_struct_ref_seq_dif.pdbx_seq_db_accession_code 
_struct_ref_seq_dif.db_mon_id 
_struct_ref_seq_dif.pdbx_seq_db_seq_num 
_struct_ref_seq_dif.details 
_struct_ref_seq_dif.pdbx_auth_seq_num 
_struct_ref_seq_dif.pdbx_ordinal 
1 6DBP MET A 1 ? UNP Q96DH6 ? ? 'initiating methionine' 1 1 
2 6DBP MET B 1 ? UNP Q96DH6 ? ? 'initiating methionine' 1 2 
# 
loop_
_chem_comp.id 
_chem_comp.type 
_chem_comp.mon_nstd_flag 
_chem_comp.name 
_chem_comp.pdbx_synonyms 
_chem_comp.formula 
_chem_comp.formula_weight 
ALA 'L-peptide linking' y ALANINE         ? 'C3 H7 N O2'     89.093  
ARG 'L-peptide linking' y ARGININE        ? 'C6 H15 N4 O2 1' 175.209 
ASP 'L-peptide linking' y 'ASPARTIC ACID' ? 'C4 H7 N O4'     133.103 
CYS 'L-peptide linking' y CYSTEINE        ? 'C3 H7 N O2 S'   121.158 
GLN 'L-peptide linking' y GLUTAMINE       ? 'C5 H10 N2 O3'   146.144 
GLU 'L-peptide linking' y 'GLUTAMIC ACID' ? 'C5 H9 N O4'     147.129 
GLY 'peptide linking'   y GLYCINE         ? 'C2 H5 N O2'     75.067  
HIS 'L-peptide linking' y HISTIDINE       ? 'C6 H10 N3 O2 1' 156.162 
HOH non-polymer         . WATER           ? 'H2 O'           18.015  
ILE 'L-peptide linking' y ISOLEUCINE      ? 'C6 H13 N O2'    131.173 
LEU 'L-peptide linking' y LEUCINE         ? 'C6 H13 N O2'    131.173 
LYS 'L-peptide linking' y LYSINE          ? 'C6 H15 N2 O2 1' 147.195 
MET 'L-peptide linking' y METHIONINE      ? 'C5 H11 N O2 S'  149.211 
PHE 'L-peptide linking' y PHENYLALANINE   ? 'C9 H11 N O2'    165.189 
PRO 'L-peptide linking' y PROLINE         ? 'C5 H9 N O2'     115.130 
SER 'L-peptide linking' y SERINE          ? 'C3 H7 N O3'     105.093 
THR 'L-peptide linking' y THREONINE       ? 'C4 H9 N O3'     119.119 
TRP 'L-peptide linking' y TRYPTOPHAN      ? 'C11 H12 N2 O2'  204.225 
TYR 'L-peptide linking' y TYROSINE        ? 'C9 H11 N O3'    181.189 
VAL 'L-peptide linking' y VALINE          ? 'C5 H11 N O2'    117.146 
# 
_exptl.absorpt_coefficient_mu     ? 
_exptl.absorpt_correction_T_max   ? 
_exptl.absorpt_correction_T_min   ? 
_exptl.absorpt_correction_type    ? 
_exptl.absorpt_process_details    ? 
_exptl.entry_id                   6DBP 
_exptl.crystals_number            1 
_exptl.details                    ? 
_exptl.method                     'X-RAY DIFFRACTION' 
_exptl.method_details             ? 
# 
_exptl_crystal.colour                      ? 
_exptl_crystal.density_diffrn              ? 
_exptl_crystal.density_Matthews            1.85 
_exptl_crystal.density_method              ? 
_exptl_crystal.density_percent_sol         33.46 
_exptl_crystal.description                 ? 
_exptl_crystal.F_000                       ? 
_exptl_crystal.id                          1 
_exptl_crystal.preparation                 ? 
_exptl_crystal.size_max                    ? 
_exptl_crystal.size_mid                    ? 
_exptl_crystal.size_min                    ? 
_exptl_crystal.size_rad                    ? 
_exptl_crystal.colour_lustre               ? 
_exptl_crystal.colour_modifier             ? 
_exptl_crystal.colour_primary              ? 
_exptl_crystal.density_meas                ? 
_exptl_crystal.density_meas_esd            ? 
_exptl_crystal.density_meas_gt             ? 
_exptl_crystal.density_meas_lt             ? 
_exptl_crystal.density_meas_temp           ? 
_exptl_crystal.density_meas_temp_esd       ? 
_exptl_crystal.density_meas_temp_gt        ? 
_exptl_crystal.density_meas_temp_lt        ? 
_exptl_crystal.pdbx_crystal_image_url      ? 
_exptl_crystal.pdbx_crystal_image_format   ? 
_exptl_crystal.pdbx_mosaicity              ? 
_exptl_crystal.pdbx_mosaicity_esd          ? 
# 
_exptl_crystal_grow.apparatus       ? 
_exptl_crystal_grow.atmosphere      ? 
_exptl_crystal_grow.crystal_id      1 
_exptl_crystal_grow.details         ? 
_exptl_crystal_grow.method          'VAPOR DIFFUSION, SITTING DROP' 
_exptl_crystal_grow.method_ref      ? 
_exptl_crystal_grow.pH              7.5 
_exptl_crystal_grow.pressure        ? 
_exptl_crystal_grow.pressure_esd    ? 
_exptl_crystal_grow.seeding         ? 
_exptl_crystal_grow.seeding_ref     ? 
_exptl_crystal_grow.temp            293 
_exptl_crystal_grow.temp_details    ? 
_exptl_crystal_grow.temp_esd        ? 
_exptl_crystal_grow.time            ? 
_exptl_crystal_grow.pdbx_details    '50 mM Tris-HCl, 150 mM NaCl, 1 mM EDTA, 1mM DTT, pH 7.5' 
_exptl_crystal_grow.pdbx_pH_range   ? 
# 
_diffrn.ambient_environment    ? 
_diffrn.ambient_temp           100 
_diffrn.ambient_temp_details   ? 
_diffrn.ambient_temp_esd       ? 
_diffrn.crystal_id             1 
_diffrn.crystal_support        ? 
_diffrn.crystal_treatment      ? 
_diffrn.details                ? 
_diffrn.id                     1 
_diffrn.ambient_pressure       ? 
_diffrn.ambient_pressure_esd   ? 
_diffrn.ambient_pressure_gt    ? 
_diffrn.ambient_pressure_lt    ? 
_diffrn.ambient_temp_gt        ? 
_diffrn.ambient_temp_lt        ? 
# 
_diffrn_detector.details                      ? 
_diffrn_detector.detector                     PIXEL 
_diffrn_detector.diffrn_id                    1 
_diffrn_detector.type                         'DECTRIS PILATUS3 S 6M' 
_diffrn_detector.area_resol_mean              ? 
_diffrn_detector.dtime                        ? 
_diffrn_detector.pdbx_frames_total            ? 
_diffrn_detector.pdbx_collection_time_total   ? 
_diffrn_detector.pdbx_collection_date         2014-02-14 
# 
_diffrn_radiation.collimation                      ? 
_diffrn_radiation.diffrn_id                        1 
_diffrn_radiation.filter_edge                      ? 
_diffrn_radiation.inhomogeneity                    ? 
_diffrn_radiation.monochromator                    ? 
_diffrn_radiation.polarisn_norm                    ? 
_diffrn_radiation.polarisn_ratio                   ? 
_diffrn_radiation.probe                            ? 
_diffrn_radiation.type                             ? 
_diffrn_radiation.xray_symbol                      ? 
_diffrn_radiation.wavelength_id                    1 
_diffrn_radiation.pdbx_monochromatic_or_laue_m_l   M 
_diffrn_radiation.pdbx_wavelength_list             ? 
_diffrn_radiation.pdbx_wavelength                  ? 
_diffrn_radiation.pdbx_diffrn_protocol             'SINGLE WAVELENGTH' 
_diffrn_radiation.pdbx_analyzer                    ? 
_diffrn_radiation.pdbx_scattering_type             x-ray 
# 
_diffrn_radiation_wavelength.id           1 
_diffrn_radiation_wavelength.wavelength   0.97920 
_diffrn_radiation_wavelength.wt           1.0 
# 
_diffrn_source.current                     ? 
_diffrn_source.details                     ? 
_diffrn_source.diffrn_id                   1 
_diffrn_source.power                       ? 
_diffrn_source.size                        ? 
_diffrn_source.source                      SYNCHROTRON 
_diffrn_source.target                      ? 
_diffrn_source.type                        'APS BEAMLINE 24-ID-C' 
_diffrn_source.voltage                     ? 
_diffrn_source.take-off_angle              ? 
_diffrn_source.pdbx_wavelength_list        0.97920 
_diffrn_source.pdbx_wavelength             ? 
_diffrn_source.pdbx_synchrotron_beamline   24-ID-C 
_diffrn_source.pdbx_synchrotron_site       APS 
# 
_reflns.B_iso_Wilson_estimate            ? 
_reflns.entry_id                         6DBP 
_reflns.data_reduction_details           ? 
_reflns.data_reduction_method            ? 
_reflns.d_resolution_high                1.60 
_reflns.d_resolution_low                 30.0 
_reflns.details                          ? 
_reflns.limit_h_max                      ? 
_reflns.limit_h_min                      ? 
_reflns.limit_k_max                      ? 
_reflns.limit_k_min                      ? 
_reflns.limit_l_max                      ? 
_reflns.limit_l_min                      ? 
_reflns.number_all                       ? 
_reflns.number_obs                       16779 
_reflns.observed_criterion               ? 
_reflns.observed_criterion_F_max         ? 
_reflns.observed_criterion_F_min         ? 
_reflns.observed_criterion_I_max         ? 
_reflns.observed_criterion_I_min         ? 
_reflns.observed_criterion_sigma_F       ? 
_reflns.observed_criterion_sigma_I       ? 
_reflns.percent_possible_obs             91.5 
_reflns.R_free_details                   ? 
_reflns.Rmerge_F_all                     ? 
_reflns.Rmerge_F_obs                     ? 
_reflns.Friedel_coverage                 ? 
_reflns.number_gt                        ? 
_reflns.threshold_expression             ? 
_reflns.pdbx_redundancy                  2.7 
_reflns.pdbx_Rmerge_I_obs                ? 
_reflns.pdbx_Rmerge_I_all                ? 
_reflns.pdbx_Rsym_value                  ? 
_reflns.pdbx_netI_over_av_sigmaI         ? 
_reflns.pdbx_netI_over_sigmaI            21.4 
_reflns.pdbx_res_netI_over_av_sigmaI_2   ? 
_reflns.pdbx_res_netI_over_sigmaI_2      ? 
_reflns.pdbx_chi_squared                 ? 
_reflns.pdbx_scaling_rejects             ? 
_reflns.pdbx_d_res_high_opt              ? 
_reflns.pdbx_d_res_low_opt               ? 
_reflns.pdbx_d_res_opt_method            ? 
_reflns.phase_calculation_details        ? 
_reflns.pdbx_Rrim_I_all                  ? 
_reflns.pdbx_Rpim_I_all                  0.028 
_reflns.pdbx_d_opt                       ? 
_reflns.pdbx_number_measured_all         ? 
_reflns.pdbx_diffrn_id                   1 
_reflns.pdbx_ordinal                     1 
_reflns.pdbx_CC_half                     0.997 
_reflns.pdbx_R_split                     ? 
# 
_reflns_shell.d_res_high                  1.60 
_reflns_shell.d_res_low                   1.66 
_reflns_shell.meanI_over_sigI_all         ? 
_reflns_shell.meanI_over_sigI_obs         3.0 
_reflns_shell.number_measured_all         ? 
_reflns_shell.number_measured_obs         ? 
_reflns_shell.number_possible             ? 
_reflns_shell.number_unique_all           ? 
_reflns_shell.number_unique_obs           1112 
_reflns_shell.percent_possible_all        60.6 
_reflns_shell.percent_possible_obs        ? 
_reflns_shell.Rmerge_F_all                ? 
_reflns_shell.Rmerge_F_obs                ? 
_reflns_shell.Rmerge_I_all                ? 
_reflns_shell.Rmerge_I_obs                ? 
_reflns_shell.meanI_over_sigI_gt          ? 
_reflns_shell.meanI_over_uI_all           ? 
_reflns_shell.meanI_over_uI_gt            ? 
_reflns_shell.number_measured_gt          ? 
_reflns_shell.number_unique_gt            ? 
_reflns_shell.percent_possible_gt         ? 
_reflns_shell.Rmerge_F_gt                 ? 
_reflns_shell.Rmerge_I_gt                 ? 
_reflns_shell.pdbx_redundancy             1.8 
_reflns_shell.pdbx_Rsym_value             ? 
_reflns_shell.pdbx_chi_squared            ? 
_reflns_shell.pdbx_netI_over_sigmaI_all   ? 
_reflns_shell.pdbx_netI_over_sigmaI_obs   ? 
_reflns_shell.pdbx_Rrim_I_all             ? 
_reflns_shell.pdbx_Rpim_I_all             0.163 
_reflns_shell.pdbx_rejects                ? 
_reflns_shell.pdbx_ordinal                1 
_reflns_shell.pdbx_diffrn_id              1 
_reflns_shell.pdbx_CC_half                0.908 
_reflns_shell.pdbx_R_split                ? 
# 
_refine.aniso_B[1][1]                            ? 
_refine.aniso_B[1][2]                            ? 
_refine.aniso_B[1][3]                            ? 
_refine.aniso_B[2][2]                            ? 
_refine.aniso_B[2][3]                            ? 
_refine.aniso_B[3][3]                            ? 
_refine.B_iso_max                                ? 
_refine.B_iso_mean                               ? 
_refine.B_iso_min                                ? 
_refine.correlation_coeff_Fo_to_Fc               ? 
_refine.correlation_coeff_Fo_to_Fc_free          ? 
_refine.details                                  ? 
_refine.diff_density_max                         ? 
_refine.diff_density_max_esd                     ? 
_refine.diff_density_min                         ? 
_refine.diff_density_min_esd                     ? 
_refine.diff_density_rms                         ? 
_refine.diff_density_rms_esd                     ? 
_refine.entry_id                                 6DBP 
_refine.pdbx_refine_id                           'X-RAY DIFFRACTION' 
_refine.ls_abs_structure_details                 ? 
_refine.ls_abs_structure_Flack                   ? 
_refine.ls_abs_structure_Flack_esd               ? 
_refine.ls_abs_structure_Rogers                  ? 
_refine.ls_abs_structure_Rogers_esd              ? 
_refine.ls_d_res_high                            1.603 
_refine.ls_d_res_low                             28.687 
_refine.ls_extinction_coef                       ? 
_refine.ls_extinction_coef_esd                   ? 
_refine.ls_extinction_expression                 ? 
_refine.ls_extinction_method                     ? 
_refine.ls_goodness_of_fit_all                   ? 
_refine.ls_goodness_of_fit_all_esd               ? 
_refine.ls_goodness_of_fit_obs                   ? 
_refine.ls_goodness_of_fit_obs_esd               ? 
_refine.ls_hydrogen_treatment                    ? 
_refine.ls_matrix_type                           ? 
_refine.ls_number_constraints                    ? 
_refine.ls_number_parameters                     ? 
_refine.ls_number_reflns_all                     ? 
_refine.ls_number_reflns_obs                     16762 
_refine.ls_number_reflns_R_free                  1665 
_refine.ls_number_reflns_R_work                  ? 
_refine.ls_number_restraints                     ? 
_refine.ls_percent_reflns_obs                    91.30 
_refine.ls_percent_reflns_R_free                 9.93 
_refine.ls_R_factor_all                          ? 
_refine.ls_R_factor_obs                          0.1779 
_refine.ls_R_factor_R_free                       0.2106 
_refine.ls_R_factor_R_free_error                 ? 
_refine.ls_R_factor_R_free_error_details         ? 
_refine.ls_R_factor_R_work                       0.1743 
_refine.ls_R_Fsqd_factor_obs                     ? 
_refine.ls_R_I_factor_obs                        ? 
_refine.ls_redundancy_reflns_all                 ? 
_refine.ls_redundancy_reflns_obs                 ? 
_refine.ls_restrained_S_all                      ? 
_refine.ls_restrained_S_obs                      ? 
_refine.ls_shift_over_esd_max                    ? 
_refine.ls_shift_over_esd_mean                   ? 
_refine.ls_structure_factor_coef                 ? 
_refine.ls_weighting_details                     ? 
_refine.ls_weighting_scheme                      ? 
_refine.ls_wR_factor_all                         ? 
_refine.ls_wR_factor_obs                         ? 
_refine.ls_wR_factor_R_free                      ? 
_refine.ls_wR_factor_R_work                      ? 
_refine.occupancy_max                            ? 
_refine.occupancy_min                            ? 
_refine.solvent_model_details                    ? 
_refine.solvent_model_param_bsol                 ? 
_refine.solvent_model_param_ksol                 ? 
_refine.ls_R_factor_gt                           ? 
_refine.ls_goodness_of_fit_gt                    ? 
_refine.ls_goodness_of_fit_ref                   ? 
_refine.ls_shift_over_su_max                     ? 
_refine.ls_shift_over_su_max_lt                  ? 
_refine.ls_shift_over_su_mean                    ? 
_refine.ls_shift_over_su_mean_lt                 ? 
_refine.pdbx_ls_sigma_I                          ? 
_refine.pdbx_ls_sigma_F                          1.38 
_refine.pdbx_ls_sigma_Fsqd                       ? 
_refine.pdbx_data_cutoff_high_absF               ? 
_refine.pdbx_data_cutoff_high_rms_absF           ? 
_refine.pdbx_data_cutoff_low_absF                ? 
_refine.pdbx_isotropic_thermal_model             ? 
_refine.pdbx_ls_cross_valid_method               'FREE R-VALUE' 
_refine.pdbx_method_to_determine_struct          'MOLECULAR REPLACEMENT' 
_refine.pdbx_starting_model                      1UAW 
_refine.pdbx_stereochemistry_target_values       ? 
_refine.pdbx_R_Free_selection_details            ? 
_refine.pdbx_stereochem_target_val_spec_case     ? 
_refine.pdbx_overall_ESU_R                       ? 
_refine.pdbx_overall_ESU_R_Free                  ? 
_refine.pdbx_solvent_vdw_probe_radii             1.11 
_refine.pdbx_solvent_ion_probe_radii             ? 
_refine.pdbx_solvent_shrinkage_radii             0.90 
_refine.pdbx_real_space_R                        ? 
_refine.pdbx_density_correlation                 ? 
_refine.pdbx_pd_number_of_powder_patterns        ? 
_refine.pdbx_pd_number_of_points                 ? 
_refine.pdbx_pd_meas_number_of_points            ? 
_refine.pdbx_pd_proc_ls_prof_R_factor            ? 
_refine.pdbx_pd_proc_ls_prof_wR_factor           ? 
_refine.pdbx_pd_Marquardt_correlation_coeff      ? 
_refine.pdbx_pd_Fsqrd_R_factor                   ? 
_refine.pdbx_pd_ls_matrix_band_width             ? 
_refine.pdbx_overall_phase_error                 22.10 
_refine.pdbx_overall_SU_R_free_Cruickshank_DPI   ? 
_refine.pdbx_overall_SU_R_free_Blow_DPI          ? 
_refine.pdbx_overall_SU_R_Blow_DPI               ? 
_refine.pdbx_TLS_residual_ADP_flag               ? 
_refine.pdbx_diffrn_id                           1 
_refine.overall_SU_B                             ? 
_refine.overall_SU_ML                            0.15 
_refine.overall_SU_R_Cruickshank_DPI             ? 
_refine.overall_SU_R_free                        ? 
_refine.overall_FOM_free_R_set                   ? 
_refine.overall_FOM_work_R_set                   ? 
_refine.pdbx_average_fsc_overall                 ? 
_refine.pdbx_average_fsc_work                    ? 
_refine.pdbx_average_fsc_free                    ? 
# 
_refine_hist.pdbx_refine_id                   'X-RAY DIFFRACTION' 
_refine_hist.cycle_id                         LAST 
_refine_hist.pdbx_number_atoms_protein        1328 
_refine_hist.pdbx_number_atoms_nucleic_acid   0 
_refine_hist.pdbx_number_atoms_ligand         0 
_refine_hist.number_atoms_solvent             140 
_refine_hist.number_atoms_total               1468 
_refine_hist.d_res_high                       1.603 
_refine_hist.d_res_low                        28.687 
# 
loop_
_refine_ls_restr.pdbx_refine_id 
_refine_ls_restr.criterion 
_refine_ls_restr.dev_ideal 
_refine_ls_restr.dev_ideal_target 
_refine_ls_restr.number 
_refine_ls_restr.rejects 
_refine_ls_restr.type 
_refine_ls_restr.weight 
_refine_ls_restr.pdbx_restraint_function 
'X-RAY DIFFRACTION' ? 0.007 ? 1363 ? f_bond_d           ? ? 
'X-RAY DIFFRACTION' ? 0.863 ? 1831 ? f_angle_d          ? ? 
'X-RAY DIFFRACTION' ? 3.342 ? 831  ? f_dihedral_angle_d ? ? 
'X-RAY DIFFRACTION' ? 0.060 ? 188  ? f_chiral_restr     ? ? 
'X-RAY DIFFRACTION' ? 0.007 ? 239  ? f_plane_restr      ? ? 
# 
loop_
_refine_ls_shell.pdbx_refine_id 
_refine_ls_shell.d_res_high 
_refine_ls_shell.d_res_low 
_refine_ls_shell.number_reflns_all 
_refine_ls_shell.number_reflns_obs 
_refine_ls_shell.number_reflns_R_free 
_refine_ls_shell.number_reflns_R_work 
_refine_ls_shell.percent_reflns_obs 
_refine_ls_shell.percent_reflns_R_free 
_refine_ls_shell.R_factor_all 
_refine_ls_shell.R_factor_obs 
_refine_ls_shell.R_factor_R_free 
_refine_ls_shell.R_factor_R_free_error 
_refine_ls_shell.R_factor_R_work 
_refine_ls_shell.redundancy_reflns_all 
_refine_ls_shell.redundancy_reflns_obs 
_refine_ls_shell.wR_factor_all 
_refine_ls_shell.wR_factor_obs 
_refine_ls_shell.wR_factor_R_free 
_refine_ls_shell.wR_factor_R_work 
_refine_ls_shell.pdbx_total_number_of_bins_used 
_refine_ls_shell.pdbx_phase_error 
_refine_ls_shell.pdbx_fsc_work 
_refine_ls_shell.pdbx_fsc_free 
'X-RAY DIFFRACTION' 1.6032 1.6503  . . 91  796  59.00 . . . 0.2357 . 0.1914 . . . . . . . . . . 
'X-RAY DIFFRACTION' 1.6503 1.7036  . . 105 967  70.00 . . . 0.2932 . 0.1888 . . . . . . . . . . 
'X-RAY DIFFRACTION' 1.7036 1.7645  . . 123 1168 85.00 . . . 0.2342 . 0.1880 . . . . . . . . . . 
'X-RAY DIFFRACTION' 1.7645 1.8351  . . 147 1303 96.00 . . . 0.2169 . 0.1849 . . . . . . . . . . 
'X-RAY DIFFRACTION' 1.8351 1.9186  . . 147 1367 99.00 . . . 0.2330 . 0.1793 . . . . . . . . . . 
'X-RAY DIFFRACTION' 1.9186 2.0197  . . 144 1362 98.00 . . . 0.2093 . 0.1726 . . . . . . . . . . 
'X-RAY DIFFRACTION' 2.0197 2.1462  . . 162 1329 98.00 . . . 0.1988 . 0.1681 . . . . . . . . . . 
'X-RAY DIFFRACTION' 2.1462 2.3119  . . 151 1347 99.00 . . . 0.2174 . 0.1643 . . . . . . . . . . 
'X-RAY DIFFRACTION' 2.3119 2.5444  . . 139 1379 98.00 . . . 0.2411 . 0.1805 . . . . . . . . . . 
'X-RAY DIFFRACTION' 2.5444 2.9123  . . 157 1334 99.00 . . . 0.2316 . 0.1875 . . . . . . . . . . 
'X-RAY DIFFRACTION' 2.9123 3.6680  . . 151 1359 98.00 . . . 0.1956 . 0.1747 . . . . . . . . . . 
'X-RAY DIFFRACTION' 3.6680 28.6920 . . 148 1386 98.00 . . . 0.1816 . 0.1640 . . . . . . . . . . 
# 
_struct.entry_id                     6DBP 
_struct.title                        'RNA-recognition motif 1 of human MSI2' 
_struct.pdbx_model_details           ? 
_struct.pdbx_formula_weight          ? 
_struct.pdbx_formula_weight_method   ? 
_struct.pdbx_model_type_details      ? 
_struct.pdbx_CASP_flag               N 
# 
_struct_keywords.entry_id        6DBP 
_struct_keywords.text            'MUSASHI2 RNA RECOGNITION MOTIF, RNA BINDING PROTEIN' 
_struct_keywords.pdbx_keywords   'RNA BINDING PROTEIN' 
# 
loop_
_struct_asym.id 
_struct_asym.pdbx_blank_PDB_chainid_flag 
_struct_asym.pdbx_modified 
_struct_asym.entity_id 
_struct_asym.details 
A N N 1 ? 
B N N 1 ? 
C N N 2 ? 
D N N 2 ? 
# 
loop_
_struct_conf.conf_type_id 
_struct_conf.id 
_struct_conf.pdbx_PDB_helix_id 
_struct_conf.beg_label_comp_id 
_struct_conf.beg_label_asym_id 
_struct_conf.beg_label_seq_id 
_struct_conf.pdbx_beg_PDB_ins_code 
_struct_conf.end_label_comp_id 
_struct_conf.end_label_asym_id 
_struct_conf.end_label_seq_id 
_struct_conf.pdbx_end_PDB_ins_code 
_struct_conf.beg_auth_comp_id 
_struct_conf.beg_auth_asym_id 
_struct_conf.beg_auth_seq_id 
_struct_conf.end_auth_comp_id 
_struct_conf.end_auth_asym_id 
_struct_conf.end_auth_seq_id 
_struct_conf.pdbx_PDB_helix_class 
_struct_conf.details 
_struct_conf.pdbx_PDB_helix_length 
HELX_P HELX_P1 AA1 SER A 13 ? SER A 22 ? SER A 13 SER A 22 1 ? 10 
HELX_P HELX_P2 AA2 LYS A 23 ? GLY A 25 ? LYS A 23 GLY A 25 5 ? 3  
HELX_P HELX_P3 AA3 ASP A 51 ? GLN A 61 ? ASP A 51 GLN A 61 1 ? 11 
HELX_P HELX_P4 AA4 SER B 13 ? SER B 22 ? SER B 13 SER B 22 1 ? 10 
HELX_P HELX_P5 AA5 LYS B 23 ? GLY B 25 ? LYS B 23 GLY B 25 5 ? 3  
HELX_P HELX_P6 AA6 ASP B 51 ? GLN B 61 ? ASP B 51 GLN B 61 1 ? 11 
# 
_struct_conf_type.id          HELX_P 
_struct_conf_type.criteria    ? 
_struct_conf_type.reference   ? 
# 
loop_
_struct_sheet.id 
_struct_sheet.type 
_struct_sheet.number_strands 
_struct_sheet.details 
AA1 ? 5 ? 
AA2 ? 2 ? 
AA3 ? 5 ? 
AA4 ? 2 ? 
# 
loop_
_struct_sheet_order.sheet_id 
_struct_sheet_order.range_id_1 
_struct_sheet_order.range_id_2 
_struct_sheet_order.offset 
_struct_sheet_order.sense 
AA1 1 2 ? anti-parallel 
AA1 2 3 ? anti-parallel 
AA1 3 4 ? anti-parallel 
AA1 4 5 ? anti-parallel 
AA2 1 2 ? anti-parallel 
AA3 1 2 ? anti-parallel 
AA3 2 3 ? anti-parallel 
AA3 3 4 ? anti-parallel 
AA3 4 5 ? anti-parallel 
AA4 1 2 ? anti-parallel 
# 
loop_
_struct_sheet_range.sheet_id 
_struct_sheet_range.id 
_struct_sheet_range.beg_label_comp_id 
_struct_sheet_range.beg_label_asym_id 
_struct_sheet_range.beg_label_seq_id 
_struct_sheet_range.pdbx_beg_PDB_ins_code 
_struct_sheet_range.end_label_comp_id 
_struct_sheet_range.end_label_asym_id 
_struct_sheet_range.end_label_seq_id 
_struct_sheet_range.pdbx_end_PDB_ins_code 
_struct_sheet_range.beg_auth_comp_id 
_struct_sheet_range.beg_auth_asym_id 
_struct_sheet_range.beg_auth_seq_id 
_struct_sheet_range.end_auth_comp_id 
_struct_sheet_range.end_auth_asym_id 
_struct_sheet_range.end_auth_seq_id 
AA1 1 LYS A 74 ? ALA A 76 ? LYS A 74 ALA A 76 
AA1 2 LYS A 2  ? SER A 9  ? LYS A 2  SER A 9  
AA1 3 ARG A 42 ? PHE A 49 ? ARG A 42 PHE A 49 
AA1 4 ILE A 27 ? ARG A 34 ? ILE A 27 ARG A 34 
AA1 5 ARG B 79 ? ARG B 80 ? ARG B 79 ARG B 80 
AA2 1 HIS A 64 ? LEU A 66 ? HIS A 64 LEU A 66 
AA2 2 LYS A 69 ? ILE A 71 ? LYS A 69 ILE A 71 
AA3 1 ARG A 79 ? ARG A 80 ? ARG A 79 ARG A 80 
AA3 2 ILE B 27 ? ARG B 34 ? ILE B 27 ARG B 34 
AA3 3 ARG B 42 ? PHE B 49 ? ARG B 42 PHE B 49 
AA3 4 LYS B 2  ? SER B 9  ? LYS B 2  SER B 9  
AA3 5 LYS B 74 ? ALA B 76 ? LYS B 74 ALA B 76 
AA4 1 GLU B 65 ? LEU B 66 ? GLU B 65 LEU B 66 
AA4 2 LYS B 69 ? THR B 70 ? LYS B 69 THR B 70 
# 
loop_
_pdbx_struct_sheet_hbond.sheet_id 
_pdbx_struct_sheet_hbond.range_id_1 
_pdbx_struct_sheet_hbond.range_id_2 
_pdbx_struct_sheet_hbond.range_1_label_atom_id 
_pdbx_struct_sheet_hbond.range_1_label_comp_id 
_pdbx_struct_sheet_hbond.range_1_label_asym_id 
_pdbx_struct_sheet_hbond.range_1_label_seq_id 
_pdbx_struct_sheet_hbond.range_1_PDB_ins_code 
_pdbx_struct_sheet_hbond.range_1_auth_atom_id 
_pdbx_struct_sheet_hbond.range_1_auth_comp_id 
_pdbx_struct_sheet_hbond.range_1_auth_asym_id 
_pdbx_struct_sheet_hbond.range_1_auth_seq_id 
_pdbx_struct_sheet_hbond.range_2_label_atom_id 
_pdbx_struct_sheet_hbond.range_2_label_comp_id 
_pdbx_struct_sheet_hbond.range_2_label_asym_id 
_pdbx_struct_sheet_hbond.range_2_label_seq_id 
_pdbx_struct_sheet_hbond.range_2_PDB_ins_code 
_pdbx_struct_sheet_hbond.range_2_auth_atom_id 
_pdbx_struct_sheet_hbond.range_2_auth_comp_id 
_pdbx_struct_sheet_hbond.range_2_auth_asym_id 
_pdbx_struct_sheet_hbond.range_2_auth_seq_id 
AA1 1 2 O LYS A 74 ? O LYS A 74 N PHE A 4  ? N PHE A 4  
AA1 2 3 N ILE A 5  ? N ILE A 5  O GLY A 45 ? O GLY A 45 
AA1 3 4 O THR A 48 ? O THR A 48 N GLU A 29 ? N GLU A 29 
AA1 4 5 N VAL A 32 ? N VAL A 32 O ARG B 79 ? O ARG B 79 
AA2 1 2 N LEU A 66 ? N LEU A 66 O LYS A 69 ? O LYS A 69 
AA3 1 2 N ARG A 79 ? N ARG A 79 O VAL B 32 ? O VAL B 32 
AA3 2 3 N GLU B 29 ? N GLU B 29 O THR B 48 ? O THR B 48 
AA3 3 4 O VAL B 47 ? O VAL B 47 N MET B 3  ? N MET B 3  
AA3 4 5 N LYS B 2  ? N LYS B 2  O ALA B 76 ? O ALA B 76 
AA4 1 2 N LEU B 66 ? N LEU B 66 O LYS B 69 ? O LYS B 69 
# 
_atom_sites.entry_id                    6DBP 
_atom_sites.fract_transf_matrix[1][1]   0.00708766 
_atom_sites.fract_transf_matrix[1][2]   -0.03376673 
_atom_sites.fract_transf_matrix[1][3]   0.00497079 
_atom_sites.fract_transf_matrix[2][1]   0.00297718 
_atom_sites.fract_transf_matrix[2][2]   -0.00160561 
_atom_sites.fract_transf_matrix[2][3]   -0.01515203 
_atom_sites.fract_transf_matrix[3][1]   0.02682251 
_atom_sites.fract_transf_matrix[3][2]   -0.00274380 
_atom_sites.fract_transf_matrix[3][3]   0.00556104 
_atom_sites.fract_transf_vector[1]      0.159138 
_atom_sites.fract_transf_vector[2]      0.122779 
_atom_sites.fract_transf_vector[3]      0.235175 
# 
loop_
_atom_type.symbol 
C 
N 
O 
S 
# 
loop_
_atom_site.group_PDB 
_atom_site.id 
_atom_site.type_symbol 
_atom_site.label_atom_id 
_atom_site.label_alt_id 
_atom_site.label_comp_id 
_atom_site.label_asym_id 
_atom_site.label_entity_id 
_atom_site.label_seq_id 
_atom_site.pdbx_PDB_ins_code 
_atom_site.Cartn_x 
_atom_site.Cartn_y 
_atom_site.Cartn_z 
_atom_site.occupancy 
_atom_site.B_iso_or_equiv 
_atom_site.pdbx_formal_charge 
_atom_site.auth_seq_id 
_atom_site.auth_comp_id 
_atom_site.auth_asym_id 
_atom_site.auth_atom_id 
_atom_site.pdbx_PDB_model_num 
ATOM   1    N N   . MET A 1 1  ? 3.342   -10.451 6.925   1.00 32.08 ? 1   MET A N   1 
ATOM   2    C CA  . MET A 1 1  ? 2.113   -10.850 6.243   1.00 31.76 ? 1   MET A CA  1 
ATOM   3    C C   . MET A 1 1  ? 0.954   -9.932  6.641   1.00 29.54 ? 1   MET A C   1 
ATOM   4    O O   . MET A 1 1  ? 0.437   -9.927  7.755   1.00 32.81 ? 1   MET A O   1 
ATOM   5    C CB  . MET A 1 1  ? 1.789   -12.336 6.497   1.00 37.96 ? 1   MET A CB  1 
ATOM   6    C CG  . MET A 1 1  ? 1.728   -12.856 7.955   1.00 46.62 ? 1   MET A CG  1 
ATOM   7    S SD  . MET A 1 1  ? 0.336   -12.444 9.036   1.00 59.01 ? 1   MET A SD  1 
ATOM   8    C CE  . MET A 1 1  ? 1.244   -11.640 10.344  1.00 34.56 ? 1   MET A CE  1 
ATOM   9    N N   . LYS A 1 2  ? 0.569   -9.109  5.689   1.00 24.75 ? 2   LYS A N   1 
ATOM   10   C CA  . LYS A 1 2  ? -0.444  -8.097  5.920   1.00 21.04 ? 2   LYS A CA  1 
ATOM   11   C C   . LYS A 1 2  ? -1.693  -8.461  5.141   1.00 17.83 ? 2   LYS A C   1 
ATOM   12   O O   . LYS A 1 2  ? -1.665  -9.297  4.235   1.00 21.45 ? 2   LYS A O   1 
ATOM   13   C CB  . LYS A 1 2  ? 0.070   -6.708  5.511   1.00 21.05 ? 2   LYS A CB  1 
ATOM   14   C CG  . LYS A 1 2  ? 1.543   -6.505  5.849   1.00 28.90 ? 2   LYS A CG  1 
ATOM   15   C CD  . LYS A 1 2  ? 1.924   -5.046  6.049   1.00 30.57 ? 2   LYS A CD  1 
ATOM   16   C CE  . LYS A 1 2  ? 3.337   -4.921  6.618   1.00 36.07 ? 2   LYS A CE  1 
ATOM   17   N NZ  . LYS A 1 2  ? 3.408   -5.225  8.080   1.00 34.51 ? 2   LYS A NZ  1 
ATOM   18   N N   . MET A 1 3  ? -2.807  -7.854  5.526   1.00 10.76 ? 3   MET A N   1 
ATOM   19   C CA  . MET A 1 3  ? -3.980  -7.817  4.670   1.00 14.07 ? 3   MET A CA  1 
ATOM   20   C C   . MET A 1 3  ? -4.123  -6.419  4.082   1.00 12.53 ? 3   MET A C   1 
ATOM   21   O O   . MET A 1 3  ? -3.956  -5.419  4.786   1.00 14.59 ? 3   MET A O   1 
ATOM   22   C CB  . MET A 1 3  ? -5.246  -8.204  5.440   1.00 13.81 ? 3   MET A CB  1 
ATOM   23   C CG  . MET A 1 3  ? -5.131  -9.573  6.107   1.00 17.02 ? 3   MET A CG  1 
ATOM   24   S SD  . MET A 1 3  ? -6.762  -10.336 6.258   1.00 16.06 ? 3   MET A SD  1 
ATOM   25   C CE  . MET A 1 3  ? -7.077  -10.921 4.592   1.00 16.16 ? 3   MET A CE  1 
ATOM   26   N N   . PHE A 1 4  ? -4.390  -6.361  2.783   1.00 12.64 ? 4   PHE A N   1 
ATOM   27   C CA  . PHE A 1 4  ? -4.667  -5.123  2.065   1.00 13.63 ? 4   PHE A CA  1 
ATOM   28   C C   . PHE A 1 4  ? -6.169  -5.009  1.875   1.00 11.33 ? 4   PHE A C   1 
ATOM   29   O O   . PHE A 1 4  ? -6.811  -5.954  1.405   1.00 12.65 ? 4   PHE A O   1 
ATOM   30   C CB  . PHE A 1 4  ? -3.962  -5.114  0.701   1.00 12.57 ? 4   PHE A CB  1 
ATOM   31   C CG  . PHE A 1 4  ? -4.418  -4.014  -0.211  1.00 11.61 ? 4   PHE A CG  1 
ATOM   32   C CD1 . PHE A 1 4  ? -3.935  -2.736  -0.037  1.00 13.02 ? 4   PHE A CD1 1 
ATOM   33   C CD2 . PHE A 1 4  ? -5.319  -4.268  -1.239  1.00 13.56 ? 4   PHE A CD2 1 
ATOM   34   C CE1 . PHE A 1 4  ? -4.356  -1.706  -0.866  1.00 16.44 ? 4   PHE A CE1 1 
ATOM   35   C CE2 . PHE A 1 4  ? -5.746  -3.244  -2.076  1.00 14.79 ? 4   PHE A CE2 1 
ATOM   36   C CZ  . PHE A 1 4  ? -5.263  -1.958  -1.876  1.00 14.86 ? 4   PHE A CZ  1 
ATOM   37   N N   . ILE A 1 5  ? -6.731  -3.849  2.212   1.00 10.87 ? 5   ILE A N   1 
ATOM   38   C CA  . ILE A 1 5  ? -8.154  -3.598  2.021   1.00 14.21 ? 5   ILE A CA  1 
ATOM   39   C C   . ILE A 1 5  ? -8.306  -2.351  1.167   1.00 14.12 ? 5   ILE A C   1 
ATOM   40   O O   . ILE A 1 5  ? -8.047  -1.234  1.634   1.00 12.98 ? 5   ILE A O   1 
ATOM   41   C CB  . ILE A 1 5  ? -8.904  -3.438  3.346   1.00 14.92 ? 5   ILE A CB  1 
ATOM   42   C CG1 . ILE A 1 5  ? -8.623  -4.636  4.249   1.00 18.10 ? 5   ILE A CG1 1 
ATOM   43   C CG2 . ILE A 1 5  ? -10.385 -3.323  3.077   1.00 17.89 ? 5   ILE A CG2 1 
ATOM   44   C CD1 . ILE A 1 5  ? -7.536  -4.384  5.234   1.00 14.88 ? 5   ILE A CD1 1 
ATOM   45   N N   . GLY A 1 6  ? -8.751  -2.533  -0.078  1.00 15.08 ? 6   GLY A N   1 
ATOM   46   C CA  . GLY A 1 6  ? -9.046  -1.397  -0.925  1.00 16.46 ? 6   GLY A CA  1 
ATOM   47   C C   . GLY A 1 6  ? -10.500 -0.933  -0.838  1.00 14.64 ? 6   GLY A C   1 
ATOM   48   O O   . GLY A 1 6  ? -11.368 -1.604  -0.283  1.00 15.80 ? 6   GLY A O   1 
ATOM   49   N N   . GLY A 1 7  ? -10.742 0.252   -1.391  1.00 14.58 ? 7   GLY A N   1 
ATOM   50   C CA  . GLY A 1 7  ? -12.105 0.738   -1.529  1.00 15.43 ? 7   GLY A CA  1 
ATOM   51   C C   . GLY A 1 7  ? -12.748 1.171   -0.231  1.00 13.58 ? 7   GLY A C   1 
ATOM   52   O O   . GLY A 1 7  ? -13.972 1.086   -0.099  1.00 14.64 ? 7   GLY A O   1 
ATOM   53   N N   . LEU A 1 8  ? -11.958 1.643   0.729   1.00 13.36 ? 8   LEU A N   1 
ATOM   54   C CA  . LEU A 1 8  ? -12.523 2.108   1.987   1.00 11.65 ? 8   LEU A CA  1 
ATOM   55   C C   . LEU A 1 8  ? -13.276 3.415   1.783   1.00 12.19 ? 8   LEU A C   1 
ATOM   56   O O   . LEU A 1 8  ? -12.918 4.247   0.943   1.00 12.81 ? 8   LEU A O   1 
ATOM   57   C CB  . LEU A 1 8  ? -11.429 2.323   3.032   1.00 10.92 ? 8   LEU A CB  1 
ATOM   58   C CG  . LEU A 1 8  ? -10.625 1.075   3.383   1.00 12.32 ? 8   LEU A CG  1 
ATOM   59   C CD1 . LEU A 1 8  ? -9.529  1.413   4.382   1.00 14.74 ? 8   LEU A CD1 1 
ATOM   60   C CD2 . LEU A 1 8  ? -11.552 0.039   3.929   1.00 12.94 ? 8   LEU A CD2 1 
ATOM   61   N N   . SER A 1 9  ? -14.325 3.596   2.572   1.00 12.20 ? 9   SER A N   1 
ATOM   62   C CA  . SER A 1 9  ? -14.966 4.900   2.644   1.00 13.52 ? 9   SER A CA  1 
ATOM   63   C C   . SER A 1 9  ? -13.981 5.944   3.157   1.00 12.78 ? 9   SER A C   1 
ATOM   64   O O   . SER A 1 9  ? -13.103 5.653   3.971   1.00 11.58 ? 9   SER A O   1 
ATOM   65   C CB  . SER A 1 9  ? -16.168 4.841   3.582   1.00 13.42 ? 9   SER A CB  1 
ATOM   66   O OG  . SER A 1 9  ? -16.744 6.121   3.740   1.00 14.71 ? 9   SER A OG  1 
ATOM   67   N N   . TRP A 1 10 ? -14.130 7.180   2.670   1.00 15.20 ? 10  TRP A N   1 
ATOM   68   C CA  . TRP A 1 10 ? -13.346 8.267   3.239   1.00 16.81 ? 10  TRP A CA  1 
ATOM   69   C C   . TRP A 1 10 ? -13.618 8.455   4.726   1.00 15.58 ? 10  TRP A C   1 
ATOM   70   O O   . TRP A 1 10 ? -12.762 8.999   5.434   1.00 17.54 ? 10  TRP A O   1 
ATOM   71   C CB  . TRP A 1 10 ? -13.615 9.571   2.489   1.00 18.16 ? 10  TRP A CB  1 
ATOM   72   C CG  . TRP A 1 10 ? -14.940 10.167  2.787   1.00 19.71 ? 10  TRP A CG  1 
ATOM   73   C CD1 . TRP A 1 10 ? -16.093 9.956   2.114   1.00 19.98 ? 10  TRP A CD1 1 
ATOM   74   C CD2 . TRP A 1 10 ? -15.247 11.095  3.836   1.00 20.98 ? 10  TRP A CD2 1 
ATOM   75   N NE1 . TRP A 1 10 ? -17.115 10.683  2.680   1.00 21.41 ? 10  TRP A NE1 1 
ATOM   76   C CE2 . TRP A 1 10 ? -16.618 11.394  3.737   1.00 21.71 ? 10  TRP A CE2 1 
ATOM   77   C CE3 . TRP A 1 10 ? -14.495 11.703  4.846   1.00 21.51 ? 10  TRP A CE3 1 
ATOM   78   C CZ2 . TRP A 1 10 ? -17.256 12.273  4.611   1.00 21.01 ? 10  TRP A CZ2 1 
ATOM   79   C CZ3 . TRP A 1 10 ? -15.132 12.581  5.717   1.00 22.80 ? 10  TRP A CZ3 1 
ATOM   80   C CH2 . TRP A 1 10 ? -16.499 12.856  5.586   1.00 24.21 ? 10  TRP A CH2 1 
ATOM   81   N N   . GLN A 1 11 ? -14.766 7.986   5.220   1.00 16.29 ? 11  GLN A N   1 
ATOM   82   C CA  . GLN A 1 11 ? -15.082 8.101   6.636   1.00 15.89 ? 11  GLN A CA  1 
ATOM   83   C C   . GLN A 1 11 ? -14.399 7.045   7.484   1.00 17.45 ? 11  GLN A C   1 
ATOM   84   O O   . GLN A 1 11 ? -14.477 7.124   8.714   1.00 20.83 ? 11  GLN A O   1 
ATOM   85   C CB  . GLN A 1 11 ? -16.592 8.012   6.852   1.00 19.52 ? 11  GLN A CB  1 
ATOM   86   C CG  . GLN A 1 11 ? -17.337 9.195   6.256   1.00 23.10 ? 11  GLN A CG  1 
ATOM   87   C CD  . GLN A 1 11 ? -18.752 9.277   6.771   1.00 30.72 ? 11  GLN A CD  1 
ATOM   88   O OE1 . GLN A 1 11 ? -19.585 8.419   6.470   1.00 28.39 ? 11  GLN A OE1 1 
ATOM   89   N NE2 . GLN A 1 11 ? -19.029 10.303  7.571   1.00 31.04 ? 11  GLN A NE2 1 
ATOM   90   N N   . THR A 1 12 ? -13.739 6.070   6.873   1.00 13.95 ? 12  THR A N   1 
ATOM   91   C CA  . THR A 1 12 ? -13.117 4.998   7.633   1.00 14.43 ? 12  THR A CA  1 
ATOM   92   C C   . THR A 1 12 ? -11.776 5.480   8.164   1.00 17.32 ? 12  THR A C   1 
ATOM   93   O O   . THR A 1 12 ? -10.837 5.720   7.400   1.00 18.97 ? 12  THR A O   1 
ATOM   94   C CB  . THR A 1 12 ? -12.965 3.749   6.774   1.00 14.58 ? 12  THR A CB  1 
ATOM   95   O OG1 . THR A 1 12 ? -14.267 3.344   6.314   1.00 13.42 ? 12  THR A OG1 1 
ATOM   96   C CG2 . THR A 1 12 ? -12.343 2.624   7.586   1.00 16.55 ? 12  THR A CG2 1 
ATOM   97   N N   . SER A 1 13 ? -11.696 5.628   9.465   1.00 16.31 ? 13  SER A N   1 
ATOM   98   C CA  . SER A 1 13 ? -10.459 5.981   10.143  1.00 16.61 ? 13  SER A CA  1 
ATOM   99   C C   . SER A 1 13 ? -9.652  4.723   10.412  1.00 14.98 ? 13  SER A C   1 
ATOM   100  O O   . SER A 1 13 ? -10.171 3.610   10.337  1.00 15.17 ? 13  SER A O   1 
ATOM   101  C CB  . SER A 1 13 ? -10.801 6.682   11.447  1.00 19.96 ? 13  SER A CB  1 
ATOM   102  O OG  . SER A 1 13 ? -11.467 5.757   12.282  1.00 19.10 ? 13  SER A OG  1 
ATOM   103  N N   . PRO A 1 14 ? -8.370  4.852   10.759  1.00 13.76 ? 14  PRO A N   1 
ATOM   104  C CA  . PRO A 1 14 ? -7.623  3.647   11.151  1.00 16.15 ? 14  PRO A CA  1 
ATOM   105  C C   . PRO A 1 14 ? -8.205  2.988   12.382  1.00 16.21 ? 14  PRO A C   1 
ATOM   106  O O   . PRO A 1 14 ? -8.128  1.759   12.507  1.00 14.69 ? 14  PRO A O   1 
ATOM   107  C CB  . PRO A 1 14 ? -6.197  4.166   11.394  1.00 17.53 ? 14  PRO A CB  1 
ATOM   108  C CG  . PRO A 1 14 ? -6.352  5.612   11.631  1.00 20.15 ? 14  PRO A CG  1 
ATOM   109  C CD  . PRO A 1 14 ? -7.534  6.069   10.832  1.00 18.98 ? 14  PRO A CD  1 
ATOM   110  N N   . ASP A 1 15 ? -8.803  3.768   13.289  1.00 16.54 ? 15  ASP A N   1 
ATOM   111  C CA  . ASP A 1 15 ? -9.446  3.176   14.455  1.00 17.60 ? 15  ASP A CA  1 
ATOM   112  C C   . ASP A 1 15 ? -10.657 2.351   14.052  1.00 14.91 ? 15  ASP A C   1 
ATOM   113  O O   . ASP A 1 15 ? -10.874 1.261   14.597  1.00 16.39 ? 15  ASP A O   1 
ATOM   114  C CB  . ASP A 1 15 ? -9.840  4.267   15.449  1.00 20.72 ? 15  ASP A CB  1 
ATOM   115  C CG  . ASP A 1 15 ? -8.635  4.918   16.100  1.00 30.03 ? 15  ASP A CG  1 
ATOM   116  O OD1 . ASP A 1 15 ? -7.520  4.381   15.945  1.00 29.83 ? 15  ASP A OD1 1 
ATOM   117  O OD2 . ASP A 1 15 ? -8.802  5.961   16.768  1.00 33.60 ? 15  ASP A OD2 1 
ATOM   118  N N   . SER A 1 16 ? -11.448 2.848   13.095  1.00 13.89 ? 16  SER A N   1 
ATOM   119  C CA  . SER A 1 16 ? -12.595 2.096   12.587  1.00 14.51 ? 16  SER A CA  1 
ATOM   120  C C   . SER A 1 16 ? -12.151 0.789   11.943  1.00 14.69 ? 16  SER A C   1 
ATOM   121  O O   . SER A 1 16 ? -12.759 -0.273  12.150  1.00 13.14 ? 16  SER A O   1 
ATOM   122  C CB  . SER A 1 16 ? -13.356 2.948   11.567  1.00 19.87 ? 16  SER A CB  1 
ATOM   123  O OG  . SER A 1 16 ? -14.382 2.194   10.936  1.00 25.39 ? 16  SER A OG  1 
ATOM   124  N N   . LEU A 1 17 ? -11.111 0.859   11.125  1.00 12.06 ? 17  LEU A N   1 
ATOM   125  C CA  . LEU A 1 17 ? -10.623 -0.346  10.474  1.00 11.62 ? 17  LEU A CA  1 
ATOM   126  C C   . LEU A 1 17 ? -10.068 -1.314  11.507  1.00 11.91 ? 17  LEU A C   1 
ATOM   127  O O   . LEU A 1 17 ? -10.308 -2.524  11.430  1.00 11.44 ? 17  LEU A O   1 
ATOM   128  C CB  . LEU A 1 17 ? -9.570  0.028   9.435   1.00 13.59 ? 17  LEU A CB  1 
ATOM   129  C CG  . LEU A 1 17 ? -9.032  -1.087  8.553   1.00 16.09 ? 17  LEU A CG  1 
ATOM   130  C CD1 . LEU A 1 17 ? -10.059 -1.502  7.527   1.00 14.51 ? 17  LEU A CD1 1 
ATOM   131  C CD2 . LEU A 1 17 ? -7.775  -0.571  7.885   1.00 16.00 ? 17  LEU A CD2 1 
ATOM   132  N N   . ARG A 1 18 ? -9.359  -0.791  12.510  1.00 11.45 ? 18  ARG A N   1 
ATOM   133  C CA  . ARG A 1 18 ? -8.838  -1.640  13.579  1.00 14.69 ? 18  ARG A CA  1 
ATOM   134  C C   . ARG A 1 18 ? -9.969  -2.320  14.338  1.00 12.77 ? 18  ARG A C   1 
ATOM   135  O O   . ARG A 1 18 ? -9.911  -3.525  14.622  1.00 13.87 ? 18  ARG A O   1 
ATOM   136  C CB  . ARG A 1 18 ? -7.976  -0.808  14.531  1.00 16.63 ? 18  ARG A CB  1 
ATOM   137  C CG  . ARG A 1 18 ? -7.458  -1.573  15.746  1.00 17.58 ? 18  ARG A CG  1 
ATOM   138  C CD  . ARG A 1 18 ? -7.258  -0.643  16.947  1.00 29.41 ? 18  ARG A CD  1 
ATOM   139  N NE  . ARG A 1 18 ? -8.512  -0.053  17.410  1.00 22.59 ? 18  ARG A NE  1 
ATOM   140  C CZ  . ARG A 1 18 ? -8.604  1.136   18.001  1.00 25.82 ? 18  ARG A CZ  1 
ATOM   141  N NH1 . ARG A 1 18 ? -7.511  1.859   18.208  1.00 33.04 ? 18  ARG A NH1 1 
ATOM   142  N NH2 . ARG A 1 18 ? -9.780  1.601   18.388  1.00 28.48 ? 18  ARG A NH2 1 
ATOM   143  N N   . ASP A 1 19 ? -11.007 -1.557  14.689  1.00 15.24 ? 19  ASP A N   1 
ATOM   144  C CA  . ASP A 1 19 ? -12.110 -2.119  15.461  1.00 14.97 ? 19  ASP A CA  1 
ATOM   145  C C   . ASP A 1 19 ? -12.792 -3.248  14.699  1.00 14.63 ? 19  ASP A C   1 
ATOM   146  O O   . ASP A 1 19 ? -13.150 -4.277  15.288  1.00 17.61 ? 19  ASP A O   1 
ATOM   147  C CB  . ASP A 1 19 ? -13.114 -1.023  15.811  1.00 15.40 ? 19  ASP A CB  1 
ATOM   148  C CG  . ASP A 1 19 ? -12.589 -0.070  16.870  1.00 20.55 ? 19  ASP A CG  1 
ATOM   149  O OD1 . ASP A 1 19 ? -11.527 -0.352  17.456  1.00 20.04 ? 19  ASP A OD1 1 
ATOM   150  O OD2 . ASP A 1 19 ? -13.248 0.961   17.110  1.00 25.44 ? 19  ASP A OD2 1 
ATOM   151  N N   . TYR A 1 20 ? -12.967 -3.084  13.389  1.00 10.94 ? 20  TYR A N   1 
ATOM   152  C CA  . TYR A 1 20 ? -13.595 -4.138  12.596  1.00 12.15 ? 20  TYR A CA  1 
ATOM   153  C C   . TYR A 1 20 ? -12.743 -5.395  12.604  1.00 12.66 ? 20  TYR A C   1 
ATOM   154  O O   . TYR A 1 20 ? -13.236 -6.501  12.850  1.00 13.62 ? 20  TYR A O   1 
ATOM   155  C CB  . TYR A 1 20 ? -13.830 -3.656  11.157  1.00 11.53 ? 20  TYR A CB  1 
ATOM   156  C CG  . TYR A 1 20 ? -14.526 -4.702  10.319  1.00 14.53 ? 20  TYR A CG  1 
ATOM   157  C CD1 . TYR A 1 20 ? -15.898 -4.811  10.334  1.00 13.72 ? 20  TYR A CD1 1 
ATOM   158  C CD2 . TYR A 1 20 ? -13.806 -5.582  9.522   1.00 11.89 ? 20  TYR A CD2 1 
ATOM   159  C CE1 . TYR A 1 20 ? -16.546 -5.774  9.577   1.00 14.24 ? 20  TYR A CE1 1 
ATOM   160  C CE2 . TYR A 1 20 ? -14.442 -6.555  8.764   1.00 13.72 ? 20  TYR A CE2 1 
ATOM   161  C CZ  . TYR A 1 20 ? -15.806 -6.648  8.805   1.00 13.29 ? 20  TYR A CZ  1 
ATOM   162  O OH  . TYR A 1 20 ? -16.455 -7.605  8.062   1.00 15.13 ? 20  TYR A OH  1 
ATOM   163  N N   . PHE A 1 21 ? -11.454 -5.252  12.346  1.00 10.41 ? 21  PHE A N   1 
ATOM   164  C CA  . PHE A 1 21 ? -10.662 -6.455  12.177  1.00 11.31 ? 21  PHE A CA  1 
ATOM   165  C C   . PHE A 1 21 ? -10.203 -7.067  13.494  1.00 11.47 ? 21  PHE A C   1 
ATOM   166  O O   . PHE A 1 21 ? -9.844  -8.250  13.515  1.00 13.15 ? 21  PHE A O   1 
ATOM   167  C CB  . PHE A 1 21 ? -9.504  -6.155  11.241  1.00 11.75 ? 21  PHE A CB  1 
ATOM   168  C CG  . PHE A 1 21 ? -9.930  -6.127  9.809   1.00 11.84 ? 21  PHE A CG  1 
ATOM   169  C CD1 . PHE A 1 21 ? -10.247 -7.309  9.157   1.00 15.64 ? 21  PHE A CD1 1 
ATOM   170  C CD2 . PHE A 1 21 ? -10.110 -4.924  9.133   1.00 11.09 ? 21  PHE A CD2 1 
ATOM   171  C CE1 . PHE A 1 21 ? -10.677 -7.304  7.839   1.00 17.65 ? 21  PHE A CE1 1 
ATOM   172  C CE2 . PHE A 1 21 ? -10.548 -4.923  7.812   1.00 13.44 ? 21  PHE A CE2 1 
ATOM   173  C CZ  . PHE A 1 21 ? -10.827 -6.105  7.172   1.00 18.17 ? 21  PHE A CZ  1 
ATOM   174  N N   . SER A 1 22 ? -10.273 -6.332  14.599  1.00 11.81 ? 22  SER A N   1 
ATOM   175  C CA  . SER A 1 22 ? -9.899  -6.928  15.875  1.00 13.83 ? 22  SER A CA  1 
ATOM   176  C C   . SER A 1 22 ? -10.859 -8.031  16.304  1.00 15.27 ? 22  SER A C   1 
ATOM   177  O O   . SER A 1 22 ? -10.498 -8.834  17.176  1.00 13.91 ? 22  SER A O   1 
ATOM   178  C CB  . SER A 1 22 ? -9.808  -5.841  16.951  1.00 14.64 ? 22  SER A CB  1 
ATOM   179  O OG  . SER A 1 22 ? -11.101 -5.350  17.263  1.00 18.92 ? 22  SER A OG  1 
ATOM   180  N N   . LYS A 1 23 ? -12.053 -8.114  15.699  1.00 13.44 ? 23  LYS A N   1 
ATOM   181  C CA  . LYS A 1 23 ? -12.956 -9.223  16.002  1.00 13.96 ? 23  LYS A CA  1 
ATOM   182  C C   . LYS A 1 23 ? -12.379 -10.552 15.552  1.00 13.30 ? 23  LYS A C   1 
ATOM   183  O O   . LYS A 1 23 ? -12.838 -11.605 16.013  1.00 15.23 ? 23  LYS A O   1 
ATOM   184  C CB  . LYS A 1 23 ? -14.329 -9.023  15.345  1.00 17.11 ? 23  LYS A CB  1 
ATOM   185  C CG  . LYS A 1 23 ? -14.922 -7.639  15.520  1.00 22.60 ? 23  LYS A CG  1 
ATOM   186  C CD  . LYS A 1 23 ? -15.499 -7.439  16.886  1.00 29.42 ? 23  LYS A CD  1 
ATOM   187  C CE  . LYS A 1 23 ? -16.275 -6.129  16.939  1.00 30.13 ? 23  LYS A CE  1 
ATOM   188  N NZ  . LYS A 1 23 ? -16.226 -5.523  18.302  1.00 36.94 ? 23  LYS A NZ  1 
ATOM   189  N N   . PHE A 1 24 ? -11.372 -10.527 14.681  1.00 11.62 ? 24  PHE A N   1 
ATOM   190  C CA  . PHE A 1 24 ? -10.766 -11.740 14.155  1.00 12.45 ? 24  PHE A CA  1 
ATOM   191  C C   . PHE A 1 24 ? -9.466  -12.119 14.846  1.00 14.07 ? 24  PHE A C   1 
ATOM   192  O O   . PHE A 1 24 ? -8.933  -13.193 14.558  1.00 16.47 ? 24  PHE A O   1 
ATOM   193  C CB  . PHE A 1 24 ? -10.510 -11.586 12.652  1.00 9.90  ? 24  PHE A CB  1 
ATOM   194  C CG  . PHE A 1 24 ? -11.758 -11.318 11.867  1.00 11.28 ? 24  PHE A CG  1 
ATOM   195  C CD1 . PHE A 1 24 ? -12.166 -10.009 11.598  1.00 12.08 ? 24  PHE A CD1 1 
ATOM   196  C CD2 . PHE A 1 24 ? -12.561 -12.364 11.435  1.00 11.69 ? 24  PHE A CD2 1 
ATOM   197  C CE1 . PHE A 1 24 ? -13.325 -9.765  10.877  1.00 14.07 ? 24  PHE A CE1 1 
ATOM   198  C CE2 . PHE A 1 24 ? -13.725 -12.115 10.722  1.00 13.06 ? 24  PHE A CE2 1 
ATOM   199  C CZ  . PHE A 1 24 ? -14.109 -10.815 10.448  1.00 14.58 ? 24  PHE A CZ  1 
ATOM   200  N N   . GLY A 1 25 ? -8.943  -11.282 15.720  1.00 12.46 ? 25  GLY A N   1 
ATOM   201  C CA  . GLY A 1 25 ? -7.719  -11.608 16.423  1.00 16.68 ? 25  GLY A CA  1 
ATOM   202  C C   . GLY A 1 25 ? -6.922  -10.358 16.744  1.00 13.86 ? 25  GLY A C   1 
ATOM   203  O O   . GLY A 1 25 ? -7.287  -9.241  16.382  1.00 14.63 ? 25  GLY A O   1 
ATOM   204  N N   . GLU A 1 26 ? -5.816  -10.584 17.448  1.00 14.93 ? 26  GLU A N   1 
ATOM   205  C CA  . GLU A 1 26 ? -4.946  -9.503  17.887  1.00 12.65 ? 26  GLU A CA  1 
ATOM   206  C C   . GLU A 1 26 ? -4.326  -8.793  16.693  1.00 12.39 ? 26  GLU A C   1 
ATOM   207  O O   . GLU A 1 26 ? -3.776  -9.428  15.795  1.00 13.91 ? 26  GLU A O   1 
ATOM   208  C CB  . GLU A 1 26 ? -3.831  -10.056 18.789  1.00 15.17 ? 26  GLU A CB  1 
ATOM   209  C CG  . GLU A 1 26 ? -2.835  -8.982  19.206  1.00 13.40 ? 26  GLU A CG  1 
ATOM   210  C CD  . GLU A 1 26 ? -1.619  -9.529  19.933  1.00 18.04 ? 26  GLU A CD  1 
ATOM   211  O OE1 . GLU A 1 26 ? -1.569  -10.752 20.160  1.00 17.67 ? 26  GLU A OE1 1 
ATOM   212  O OE2 . GLU A 1 26 ? -0.706  -8.730  20.256  1.00 19.81 ? 26  GLU A OE2 1 
ATOM   213  N N   . ILE A 1 27 ? -4.398  -7.464  16.698  1.00 14.39 ? 27  ILE A N   1 
ATOM   214  C CA  . ILE A 1 27 ? -3.834  -6.642  15.634  1.00 13.93 ? 27  ILE A CA  1 
ATOM   215  C C   . ILE A 1 27 ? -2.515  -6.048  16.116  1.00 16.13 ? 27  ILE A C   1 
ATOM   216  O O   . ILE A 1 27 ? -2.441  -5.488  17.221  1.00 18.26 ? 27  ILE A O   1 
ATOM   217  C CB  . ILE A 1 27 ? -4.824  -5.553  15.195  1.00 14.58 ? 27  ILE A CB  1 
ATOM   218  C CG1 . ILE A 1 27 ? -6.015  -6.222  14.488  1.00 15.92 ? 27  ILE A CG1 1 
ATOM   219  C CG2 . ILE A 1 27 ? -4.131  -4.547  14.279  1.00 16.97 ? 27  ILE A CG2 1 
ATOM   220  C CD1 . ILE A 1 27 ? -7.095  -5.294  14.042  1.00 20.91 ? 27  ILE A CD1 1 
ATOM   221  N N   . ARG A 1 28 ? -1.458  -6.223  15.313  1.00 14.93 ? 28  ARG A N   1 
ATOM   222  C CA  . ARG A 1 28 ? -0.165  -5.599  15.577  1.00 17.16 ? 28  ARG A CA  1 
ATOM   223  C C   . ARG A 1 28 ? -0.046  -4.215  14.958  1.00 19.58 ? 28  ARG A C   1 
ATOM   224  O O   . ARG A 1 28 ? 0.634   -3.352  15.520  1.00 22.82 ? 28  ARG A O   1 
ATOM   225  C CB  . ARG A 1 28 ? 0.991   -6.469  15.057  1.00 19.12 ? 28  ARG A CB  1 
ATOM   226  C CG  . ARG A 1 28 ? 1.220   -7.790  15.812  1.00 23.90 ? 28  ARG A CG  1 
ATOM   227  C CD  . ARG A 1 28 ? 2.738   -8.122  15.972  1.00 27.32 ? 28  ARG A CD  1 
ATOM   228  N NE  . ARG A 1 28 ? 3.029   -9.228  16.907  1.00 29.85 ? 28  ARG A NE  1 
ATOM   229  C CZ  . ARG A 1 28 ? 2.582   -9.308  18.161  1.00 26.80 ? 28  ARG A CZ  1 
ATOM   230  N NH1 . ARG A 1 28 ? 1.820   -8.346  18.663  1.00 30.51 ? 28  ARG A NH1 1 
ATOM   231  N NH2 . ARG A 1 28 ? 2.899   -10.358 18.926  1.00 24.13 ? 28  ARG A NH2 1 
ATOM   232  N N   . GLU A 1 29 ? -0.681  -3.977  13.810  1.00 17.03 ? 29  GLU A N   1 
ATOM   233  C CA  . GLU A 1 29 ? -0.590  -2.668  13.182  1.00 19.46 ? 29  GLU A CA  1 
ATOM   234  C C   . GLU A 1 29 ? -1.780  -2.510  12.261  1.00 15.22 ? 29  GLU A C   1 
ATOM   235  O O   . GLU A 1 29 ? -2.258  -3.482  11.680  1.00 15.81 ? 29  GLU A O   1 
ATOM   236  C CB  . GLU A 1 29 ? 0.711   -2.489  12.388  1.00 19.97 ? 29  GLU A CB  1 
ATOM   237  C CG  . GLU A 1 29 ? 0.818   -1.146  11.698  1.00 28.55 ? 29  GLU A CG  1 
ATOM   238  C CD  . GLU A 1 29 ? 2.063   -1.021  10.857  1.00 36.64 ? 29  GLU A CD  1 
ATOM   239  O OE1 . GLU A 1 29 ? 2.172   -1.761  9.854   1.00 38.81 ? 29  GLU A OE1 1 
ATOM   240  O OE2 . GLU A 1 29 ? 2.919   -0.173  11.191  1.00 41.26 ? 29  GLU A OE2 1 
ATOM   241  N N   . CYS A 1 30 ? -2.266  -1.281  12.156  1.00 16.42 ? 30  CYS A N   1 
ATOM   242  C CA  . CYS A 1 30 ? -3.410  -1.010  11.303  1.00 13.39 ? 30  CYS A CA  1 
ATOM   243  C C   . CYS A 1 30 ? -3.263  0.399   10.755  1.00 18.08 ? 30  CYS A C   1 
ATOM   244  O O   . CYS A 1 30 ? -3.182  1.361   11.523  1.00 18.36 ? 30  CYS A O   1 
ATOM   245  C CB  . CYS A 1 30 ? -4.711  -1.177  12.082  1.00 18.85 ? 30  CYS A CB  1 
ATOM   246  S SG  . CYS A 1 30 ? -6.176  -0.864  11.112  1.00 21.97 ? 30  CYS A SG  1 
ATOM   247  N N   . MET A 1 31 ? -3.213  0.536   9.433   1.00 14.13 ? 31  MET A N   1 
ATOM   248  C CA  . MET A 1 31 ? -3.024  1.861   8.868   1.00 16.08 ? 31  MET A CA  1 
ATOM   249  C C   . MET A 1 31 ? -3.979  2.074   7.710   1.00 16.71 ? 31  MET A C   1 
ATOM   250  O O   . MET A 1 31 ? -4.320  1.135   6.988   1.00 16.06 ? 31  MET A O   1 
ATOM   251  C CB  . MET A 1 31 ? -1.579  2.085   8.407   1.00 17.89 ? 31  MET A CB  1 
ATOM   252  C CG  . MET A 1 31 ? -1.064  1.103   7.408   1.00 23.88 ? 31  MET A CG  1 
ATOM   253  S SD  . MET A 1 31 ? 0.400   1.766   6.559   1.00 34.92 ? 31  MET A SD  1 
ATOM   254  C CE  . MET A 1 31 ? 1.427   2.207   7.953   1.00 34.97 ? 31  MET A CE  1 
ATOM   255  N N   . VAL A 1 32 ? -4.425  3.323   7.563   1.00 13.60 ? 32  VAL A N   1 
ATOM   256  C CA  . VAL A 1 32 ? -5.248  3.764   6.446   1.00 14.64 ? 32  VAL A CA  1 
ATOM   257  C C   . VAL A 1 32 ? -4.544  4.934   5.771   1.00 14.85 ? 32  VAL A C   1 
ATOM   258  O O   . VAL A 1 32 ? -3.798  5.685   6.403   1.00 15.22 ? 32  VAL A O   1 
ATOM   259  C CB  . VAL A 1 32 ? -6.668  4.173   6.910   1.00 18.60 ? 32  VAL A CB  1 
ATOM   260  C CG1 . VAL A 1 32 ? -7.482  4.771   5.775   1.00 22.69 ? 32  VAL A CG1 1 
ATOM   261  C CG2 . VAL A 1 32 ? -7.399  2.982   7.506   1.00 17.82 ? 32  VAL A CG2 1 
ATOM   262  N N   . MET A 1 33 ? -4.762  5.070   4.469   1.00 14.10 ? 33  MET A N   1 
ATOM   263  C CA  . MET A 1 33 ? -4.385  6.286   3.769   1.00 14.19 ? 33  MET A CA  1 
ATOM   264  C C   . MET A 1 33 ? -5.436  6.592   2.718   1.00 16.20 ? 33  MET A C   1 
ATOM   265  O O   . MET A 1 33 ? -6.089  5.692   2.189   1.00 14.67 ? 33  MET A O   1 
ATOM   266  C CB  . MET A 1 33 ? -3.013  6.145   3.116   1.00 15.75 ? 33  MET A CB  1 
ATOM   267  C CG  . MET A 1 33 ? -2.949  4.974   2.188   1.00 18.33 ? 33  MET A CG  1 
ATOM   268  S SD  . MET A 1 33 ? -1.278  4.458   1.818   1.00 28.71 ? 33  MET A SD  1 
ATOM   269  C CE  . MET A 1 33 ? -0.583  4.339   3.426   1.00 32.29 ? 33  MET A CE  1 
ATOM   270  N N   . ARG A 1 34 ? -5.621  7.879   2.444   1.00 18.46 ? 34  ARG A N   1 
ATOM   271  C CA  . ARG A 1 34 ? -6.430  8.263   1.301   1.00 21.72 ? 34  ARG A CA  1 
ATOM   272  C C   . ARG A 1 34 ? -5.801  7.680   0.042   1.00 21.57 ? 34  ARG A C   1 
ATOM   273  O O   . ARG A 1 34 ? -4.583  7.764   -0.147  1.00 23.11 ? 34  ARG A O   1 
ATOM   274  C CB  . ARG A 1 34 ? -6.516  9.794   1.231   1.00 20.67 ? 34  ARG A CB  1 
ATOM   275  C CG  . ARG A 1 34 ? -7.153  10.345  -0.030  1.00 26.53 ? 34  ARG A CG  1 
ATOM   276  C CD  . ARG A 1 34 ? -6.156  11.189  -0.761  1.00 27.21 ? 34  ARG A CD  1 
ATOM   277  N NE  . ARG A 1 34 ? -6.563  11.501  -2.125  1.00 29.86 ? 34  ARG A NE  1 
ATOM   278  C CZ  . ARG A 1 34 ? -5.733  11.993  -3.040  1.00 35.99 ? 34  ARG A CZ  1 
ATOM   279  N NH1 . ARG A 1 34 ? -4.458  12.213  -2.727  1.00 26.66 ? 34  ARG A NH1 1 
ATOM   280  N NH2 . ARG A 1 34 ? -6.173  12.253  -4.264  1.00 36.45 ? 34  ARG A NH2 1 
ATOM   281  N N   . ASP A 1 35 ? -6.615  7.048   -0.792  1.00 19.96 ? 35  ASP A N   1 
ATOM   282  C CA  . ASP A 1 35 ? -6.143  6.448   -2.038  1.00 22.27 ? 35  ASP A CA  1 
ATOM   283  C C   . ASP A 1 35 ? -5.794  7.547   -3.040  1.00 25.65 ? 35  ASP A C   1 
ATOM   284  O O   . ASP A 1 35 ? -6.706  8.198   -3.566  1.00 24.30 ? 35  ASP A O   1 
ATOM   285  C CB  . ASP A 1 35 ? -7.227  5.508   -2.589  1.00 22.00 ? 35  ASP A CB  1 
ATOM   286  C CG  . ASP A 1 35 ? -6.816  4.796   -3.871  1.00 29.21 ? 35  ASP A CG  1 
ATOM   287  O OD1 . ASP A 1 35 ? -7.540  3.857   -4.257  1.00 28.31 ? 35  ASP A OD1 1 
ATOM   288  O OD2 . ASP A 1 35 ? -5.799  5.158   -4.501  1.00 28.46 ? 35  ASP A OD2 1 
ATOM   289  N N   . PRO A 1 36 ? -4.516  7.789   -3.347  1.00 23.67 ? 36  PRO A N   1 
ATOM   290  C CA  . PRO A 1 36 ? -4.172  8.926   -4.208  1.00 25.92 ? 36  PRO A CA  1 
ATOM   291  C C   . PRO A 1 36 ? -4.394  8.679   -5.690  1.00 26.58 ? 36  PRO A C   1 
ATOM   292  O O   . PRO A 1 36 ? -4.136  9.585   -6.490  1.00 26.11 ? 36  PRO A O   1 
ATOM   293  C CB  . PRO A 1 36 ? -2.682  9.128   -3.914  1.00 23.04 ? 36  PRO A CB  1 
ATOM   294  C CG  . PRO A 1 36 ? -2.183  7.733   -3.693  1.00 21.64 ? 36  PRO A CG  1 
ATOM   295  C CD  . PRO A 1 36 ? -3.322  7.010   -2.971  1.00 26.71 ? 36  PRO A CD  1 
ATOM   296  N N   . THR A 1 37 ? -4.862  7.491   -6.079  1.00 25.59 ? 37  THR A N   1 
ATOM   297  C CA  . THR A 1 37 ? -5.048  7.156   -7.485  1.00 28.98 ? 37  THR A CA  1 
ATOM   298  C C   . THR A 1 37 ? -6.374  7.645   -8.048  1.00 31.77 ? 37  THR A C   1 
ATOM   299  O O   . THR A 1 37 ? -6.624  7.457   -9.242  1.00 35.41 ? 37  THR A O   1 
ATOM   300  C CB  . THR A 1 37 ? -4.952  5.642   -7.695  1.00 27.91 ? 37  THR A CB  1 
ATOM   301  O OG1 . THR A 1 37 ? -6.063  4.994   -7.066  1.00 30.62 ? 37  THR A OG1 1 
ATOM   302  C CG2 . THR A 1 37 ? -3.671  5.112   -7.092  1.00 30.22 ? 37  THR A CG2 1 
ATOM   303  N N   . THR A 1 38 ? -7.227  8.258   -7.231  1.00 31.28 ? 38  THR A N   1 
ATOM   304  C CA  . THR A 1 38 ? -8.510  8.744   -7.712  1.00 34.08 ? 38  THR A CA  1 
ATOM   305  C C   . THR A 1 38 ? -8.886  10.014  -6.964  1.00 38.33 ? 38  THR A C   1 
ATOM   306  O O   . THR A 1 38 ? -8.447  10.251  -5.834  1.00 36.23 ? 38  THR A O   1 
ATOM   307  C CB  . THR A 1 38 ? -9.621  7.697   -7.555  1.00 37.62 ? 38  THR A CB  1 
ATOM   308  O OG1 . THR A 1 38 ? -10.874 8.285   -7.927  1.00 38.67 ? 38  THR A OG1 1 
ATOM   309  C CG2 . THR A 1 38 ? -9.707  7.214   -6.112  1.00 34.63 ? 38  THR A CG2 1 
ATOM   310  N N   . LYS A 1 39 ? -9.704  10.840  -7.620  1.00 41.63 ? 39  LYS A N   1 
ATOM   311  C CA  . LYS A 1 39 ? -10.253 12.023  -6.970  1.00 42.13 ? 39  LYS A CA  1 
ATOM   312  C C   . LYS A 1 39 ? -11.536 11.702  -6.214  1.00 41.03 ? 39  LYS A C   1 
ATOM   313  O O   . LYS A 1 39 ? -11.878 12.397  -5.250  1.00 46.94 ? 39  LYS A O   1 
ATOM   314  C CB  . LYS A 1 39 ? -10.509 13.125  -7.990  1.00 46.94 ? 39  LYS A CB  1 
ATOM   315  C CG  . LYS A 1 39 ? -9.238  13.672  -8.590  1.00 47.76 ? 39  LYS A CG  1 
ATOM   316  C CD  . LYS A 1 39 ? -8.727  14.858  -7.778  1.00 50.95 ? 39  LYS A CD  1 
ATOM   317  C CE  . LYS A 1 39 ? -7.305  15.226  -8.180  1.00 54.78 ? 39  LYS A CE  1 
ATOM   318  N NZ  . LYS A 1 39 ? -6.317  15.045  -7.072  1.00 51.01 ? 39  LYS A NZ  1 
ATOM   319  N N   . ARG A 1 40 ? -12.263 10.670  -6.641  1.00 37.75 ? 40  ARG A N   1 
ATOM   320  C CA  . ARG A 1 40 ? -13.245 10.019  -5.788  1.00 39.28 ? 40  ARG A CA  1 
ATOM   321  C C   . ARG A 1 40 ? -12.620 9.781   -4.421  1.00 37.45 ? 40  ARG A C   1 
ATOM   322  O O   . ARG A 1 40 ? -11.512 9.252   -4.319  1.00 32.52 ? 40  ARG A O   1 
ATOM   323  C CB  . ARG A 1 40 ? -13.681 8.693   -6.425  1.00 41.95 ? 40  ARG A CB  1 
ATOM   324  C CG  . ARG A 1 40 ? -14.742 7.907   -5.664  1.00 44.18 ? 40  ARG A CG  1 
ATOM   325  C CD  . ARG A 1 40 ? -16.120 8.554   -5.735  1.00 47.16 ? 40  ARG A CD  1 
ATOM   326  N NE  . ARG A 1 40 ? -17.172 7.602   -6.099  1.00 46.39 ? 40  ARG A NE  1 
ATOM   327  C CZ  . ARG A 1 40 ? -18.362 7.951   -6.581  1.00 49.56 ? 40  ARG A CZ  1 
ATOM   328  N NH1 . ARG A 1 40 ? -18.657 9.234   -6.763  1.00 48.31 ? 40  ARG A NH1 1 
ATOM   329  N NH2 . ARG A 1 40 ? -19.260 7.020   -6.878  1.00 45.66 ? 40  ARG A NH2 1 
ATOM   330  N N   . SER A 1 41 ? -13.284 10.233  -3.368  1.00 34.76 ? 41  SER A N   1 
ATOM   331  C CA  . SER A 1 41 ? -12.682 10.174  -2.039  1.00 30.85 ? 41  SER A CA  1 
ATOM   332  C C   . SER A 1 41 ? -12.843 8.753   -1.505  1.00 25.89 ? 41  SER A C   1 
ATOM   333  O O   . SER A 1 41 ? -13.947 8.325   -1.140  1.00 25.64 ? 41  SER A O   1 
ATOM   334  C CB  . SER A 1 41 ? -13.313 11.200  -1.104  1.00 31.65 ? 41  SER A CB  1 
ATOM   335  O OG  . SER A 1 41 ? -12.365 11.663  -0.164  1.00 33.08 ? 41  SER A OG  1 
ATOM   336  N N   . ARG A 1 42 ? -11.736 8.012   -1.472  1.00 21.69 ? 42  ARG A N   1 
ATOM   337  C CA  . ARG A 1 42 ? -11.717 6.658   -0.934  1.00 20.91 ? 42  ARG A CA  1 
ATOM   338  C C   . ARG A 1 42 ? -10.341 6.396   -0.339  1.00 17.17 ? 42  ARG A C   1 
ATOM   339  O O   . ARG A 1 42 ? -9.391  7.154   -0.562  1.00 19.77 ? 42  ARG A O   1 
ATOM   340  C CB  . ARG A 1 42 ? -12.054 5.610   -1.996  1.00 25.75 ? 42  ARG A CB  1 
ATOM   341  C CG  . ARG A 1 42 ? -10.924 5.318   -2.949  1.00 25.48 ? 42  ARG A CG  1 
ATOM   342  C CD  . ARG A 1 42 ? -11.345 4.345   -4.036  1.00 30.63 ? 42  ARG A CD  1 
ATOM   343  N NE  . ARG A 1 42 ? -10.267 4.149   -5.002  1.00 35.90 ? 42  ARG A NE  1 
ATOM   344  C CZ  . ARG A 1 42 ? -10.395 3.484   -6.143  1.00 41.93 ? 42  ARG A CZ  1 
ATOM   345  N NH1 . ARG A 1 42 ? -11.559 2.942   -6.469  1.00 44.40 ? 42  ARG A NH1 1 
ATOM   346  N NH2 . ARG A 1 42 ? -9.356  3.364   -6.958  1.00 41.16 ? 42  ARG A NH2 1 
ATOM   347  N N   . GLY A 1 43 ? -10.239 5.309   0.434   1.00 13.43 ? 43  GLY A N   1 
ATOM   348  C CA  . GLY A 1 43 ? -9.009  4.979   1.114   1.00 12.77 ? 43  GLY A CA  1 
ATOM   349  C C   . GLY A 1 43 ? -8.584  3.543   0.846   1.00 11.79 ? 43  GLY A C   1 
ATOM   350  O O   . GLY A 1 43 ? -9.344  2.734   0.314   1.00 12.28 ? 43  GLY A O   1 
ATOM   351  N N   . PHE A 1 44 ? -7.348  3.241   1.217   1.00 13.50 ? 44  PHE A N   1 
ATOM   352  C CA  . PHE A 1 44 ? -7.031  1.833   1.387   1.00 12.68 ? 44  PHE A CA  1 
ATOM   353  C C   . PHE A 1 44 ? -6.255  1.648   2.681   1.00 13.62 ? 44  PHE A C   1 
ATOM   354  O O   . PHE A 1 44 ? -5.773  2.602   3.304   1.00 13.28 ? 44  PHE A O   1 
ATOM   355  C CB  . PHE A 1 44 ? -6.338  1.174   0.166   1.00 19.66 ? 44  PHE A CB  1 
ATOM   356  C CG  . PHE A 1 44 ? -5.117  1.868   -0.369  1.00 21.08 ? 44  PHE A CG  1 
ATOM   357  C CD1 . PHE A 1 44 ? -3.890  1.752   0.267   1.00 22.32 ? 44  PHE A CD1 1 
ATOM   358  C CD2 . PHE A 1 44 ? -5.169  2.501   -1.597  1.00 21.55 ? 44  PHE A CD2 1 
ATOM   359  C CE1 . PHE A 1 44 ? -2.751  2.341   -0.288  1.00 22.70 ? 44  PHE A CE1 1 
ATOM   360  C CE2 . PHE A 1 44 ? -4.036  3.087   -2.161  1.00 26.29 ? 44  PHE A CE2 1 
ATOM   361  C CZ  . PHE A 1 44 ? -2.829  3.012   -1.497  1.00 24.88 ? 44  PHE A CZ  1 
ATOM   362  N N   . GLY A 1 45 ? -6.225  0.396   3.127   1.00 15.01 ? 45  GLY A N   1 
ATOM   363  C CA  . GLY A 1 45 ? -5.692  0.091   4.433   1.00 14.70 ? 45  GLY A CA  1 
ATOM   364  C C   . GLY A 1 45 ? -4.882  -1.187  4.422   1.00 12.42 ? 45  GLY A C   1 
ATOM   365  O O   . GLY A 1 45 ? -4.996  -2.032  3.532   1.00 10.74 ? 45  GLY A O   1 
ATOM   366  N N   . PHE A 1 46 ? -4.051  -1.307  5.443   1.00 12.72 ? 46  PHE A N   1 
ATOM   367  C CA  . PHE A 1 46 ? -3.266  -2.505  5.685   1.00 11.97 ? 46  PHE A CA  1 
ATOM   368  C C   . PHE A 1 46 ? -3.455  -2.899  7.135   1.00 14.89 ? 46  PHE A C   1 
ATOM   369  O O   . PHE A 1 46 ? -3.338  -2.050  8.021   1.00 15.40 ? 46  PHE A O   1 
ATOM   370  C CB  . PHE A 1 46 ? -1.776  -2.283  5.416   1.00 13.65 ? 46  PHE A CB  1 
ATOM   371  C CG  . PHE A 1 46 ? -1.430  -2.142  3.960   1.00 16.48 ? 46  PHE A CG  1 
ATOM   372  C CD1 . PHE A 1 46 ? -1.464  -0.907  3.353   1.00 20.11 ? 46  PHE A CD1 1 
ATOM   373  C CD2 . PHE A 1 46 ? -1.037  -3.248  3.215   1.00 18.18 ? 46  PHE A CD2 1 
ATOM   374  C CE1 . PHE A 1 46 ? -1.139  -0.765  2.000   1.00 20.46 ? 46  PHE A CE1 1 
ATOM   375  C CE2 . PHE A 1 46 ? -0.704  -3.120  1.868   1.00 19.56 ? 46  PHE A CE2 1 
ATOM   376  C CZ  . PHE A 1 46 ? -0.756  -1.870  1.263   1.00 21.46 ? 46  PHE A CZ  1 
ATOM   377  N N   . VAL A 1 47 ? -3.738  -4.174  7.377   1.00 11.02 ? 47  VAL A N   1 
ATOM   378  C CA  . VAL A 1 47 ? -3.904  -4.702  8.728   1.00 14.28 ? 47  VAL A CA  1 
ATOM   379  C C   . VAL A 1 47 ? -2.870  -5.803  8.930   1.00 13.16 ? 47  VAL A C   1 
ATOM   380  O O   . VAL A 1 47 ? -2.756  -6.710  8.100   1.00 14.28 ? 47  VAL A O   1 
ATOM   381  C CB  . VAL A 1 47 ? -5.336  -5.233  8.944   1.00 10.11 ? 47  VAL A CB  1 
ATOM   382  C CG1 . VAL A 1 47 ? -5.445  -6.042  10.235  1.00 15.70 ? 47  VAL A CG1 1 
ATOM   383  C CG2 . VAL A 1 47 ? -6.334  -4.097  8.967   1.00 14.07 ? 47  VAL A CG2 1 
ATOM   384  N N   . THR A 1 48 ? -2.120  -5.732  10.031  1.00 11.37 ? 48  THR A N   1 
ATOM   385  C CA  . THR A 1 48 ? -1.160  -6.776  10.371  1.00 14.82 ? 48  THR A CA  1 
ATOM   386  C C   . THR A 1 48 ? -1.624  -7.471  11.643  1.00 13.32 ? 48  THR A C   1 
ATOM   387  O O   . THR A 1 48 ? -1.804  -6.824  12.677  1.00 14.39 ? 48  THR A O   1 
ATOM   388  C CB  . THR A 1 48 ? 0.241   -6.199  10.562  1.00 17.91 ? 48  THR A CB  1 
ATOM   389  O OG1 . THR A 1 48 ? 0.624   -5.500  9.373   1.00 23.11 ? 48  THR A OG1 1 
ATOM   390  C CG2 . THR A 1 48 ? 1.252   -7.314  10.851  1.00 19.65 ? 48  THR A CG2 1 
ATOM   391  N N   . PHE A 1 49 ? -1.869  -8.774  11.548  1.00 13.30 ? 49  PHE A N   1 
ATOM   392  C CA  . PHE A 1 49 ? -2.282  -9.560  12.700  1.00 12.59 ? 49  PHE A CA  1 
ATOM   393  C C   . PHE A 1 49 ? -1.078  -10.179 13.387  1.00 16.52 ? 49  PHE A C   1 
ATOM   394  O O   . PHE A 1 49 ? -0.070  -10.486 12.752  1.00 18.32 ? 49  PHE A O   1 
ATOM   395  C CB  . PHE A 1 49 ? -3.222  -10.682 12.274  1.00 13.54 ? 49  PHE A CB  1 
ATOM   396  C CG  . PHE A 1 49 ? -4.579  -10.219 11.863  1.00 12.67 ? 49  PHE A CG  1 
ATOM   397  C CD1 . PHE A 1 49 ? -4.958  -10.226 10.529  1.00 15.58 ? 49  PHE A CD1 1 
ATOM   398  C CD2 . PHE A 1 49 ? -5.498  -9.822  12.823  1.00 12.17 ? 49  PHE A CD2 1 
ATOM   399  C CE1 . PHE A 1 49 ? -6.238  -9.822  10.161  1.00 15.71 ? 49  PHE A CE1 1 
ATOM   400  C CE2 . PHE A 1 49 ? -6.765  -9.415  12.463  1.00 14.10 ? 49  PHE A CE2 1 
ATOM   401  C CZ  . PHE A 1 49 ? -7.141  -9.418  11.142  1.00 13.76 ? 49  PHE A CZ  1 
ATOM   402  N N   . ALA A 1 50 ? -1.215  -10.425 14.688  1.00 14.91 ? 50  ALA A N   1 
ATOM   403  C CA  . ALA A 1 50 ? -0.160  -11.151 15.388  1.00 17.94 ? 50  ALA A CA  1 
ATOM   404  C C   . ALA A 1 50 ? -0.126  -12.621 14.986  1.00 21.90 ? 50  ALA A C   1 
ATOM   405  O O   . ALA A 1 50 ? 0.954   -13.224 14.929  1.00 24.59 ? 50  ALA A O   1 
ATOM   406  C CB  . ALA A 1 50 ? -0.347  -11.015 16.897  1.00 18.32 ? 50  ALA A CB  1 
ATOM   407  N N   . ASP A 1 51 ? -1.283  -13.216 14.708  1.00 19.57 ? 51  ASP A N   1 
ATOM   408  C CA  . ASP A 1 51 ? -1.418  -14.634 14.422  1.00 20.37 ? 51  ASP A CA  1 
ATOM   409  C C   . ASP A 1 51 ? -1.920  -14.833 12.998  1.00 19.71 ? 51  ASP A C   1 
ATOM   410  O O   . ASP A 1 51 ? -2.960  -14.274 12.636  1.00 15.78 ? 51  ASP A O   1 
ATOM   411  C CB  . ASP A 1 51 ? -2.403  -15.276 15.427  1.00 18.71 ? 51  ASP A CB  1 
ATOM   412  C CG  . ASP A 1 51 ? -2.514  -16.793 15.278  1.00 26.61 ? 51  ASP A CG  1 
ATOM   413  O OD1 . ASP A 1 51 ? -1.900  -17.373 14.363  1.00 24.37 ? 51  ASP A OD1 1 
ATOM   414  O OD2 . ASP A 1 51 ? -3.229  -17.412 16.094  1.00 30.65 ? 51  ASP A OD2 1 
ATOM   415  N N   . PRO A 1 52 ? -1.227  -15.615 12.166  1.00 24.38 ? 52  PRO A N   1 
ATOM   416  C CA  . PRO A 1 52 ? -1.747  -15.899 10.813  1.00 20.69 ? 52  PRO A CA  1 
ATOM   417  C C   . PRO A 1 52 ? -3.118  -16.552 10.797  1.00 18.85 ? 52  PRO A C   1 
ATOM   418  O O   . PRO A 1 52 ? -3.821  -16.450 9.778   1.00 18.08 ? 52  PRO A O   1 
ATOM   419  C CB  . PRO A 1 52 ? -0.687  -16.836 10.224  1.00 28.75 ? 52  PRO A CB  1 
ATOM   420  C CG  . PRO A 1 52 ? 0.574   -16.470 10.952  1.00 26.09 ? 52  PRO A CG  1 
ATOM   421  C CD  . PRO A 1 52 ? 0.151   -16.108 12.349  1.00 24.15 ? 52  PRO A CD  1 
ATOM   422  N N   . ALA A 1 53 ? -3.511  -17.241 11.877  1.00 18.68 ? 53  ALA A N   1 
ATOM   423  C CA  . ALA A 1 53 ? -4.834  -17.852 11.929  1.00 20.89 ? 53  ALA A CA  1 
ATOM   424  C C   . ALA A 1 53 ? -5.920  -16.814 11.725  1.00 18.64 ? 53  ALA A C   1 
ATOM   425  O O   . ALA A 1 53 ? -6.996  -17.128 11.196  1.00 17.33 ? 53  ALA A O   1 
ATOM   426  C CB  . ALA A 1 53 ? -5.038  -18.565 13.269  1.00 20.34 ? 53  ALA A CB  1 
ATOM   427  N N   . SER A 1 54 ? -5.657  -15.572 12.134  1.00 13.89 ? 54  SER A N   1 
ATOM   428  C CA  . SER A 1 54 ? -6.659  -14.522 11.988  1.00 11.67 ? 54  SER A CA  1 
ATOM   429  C C   . SER A 1 54 ? -6.950  -14.253 10.520  1.00 12.57 ? 54  SER A C   1 
ATOM   430  O O   . SER A 1 54 ? -8.090  -13.949 10.155  1.00 12.85 ? 54  SER A O   1 
ATOM   431  C CB  . SER A 1 54 ? -6.186  -13.248 12.689  1.00 13.64 ? 54  SER A CB  1 
ATOM   432  O OG  . SER A 1 54 ? -5.928  -13.491 14.069  1.00 16.61 ? 54  SER A OG  1 
ATOM   433  N N   . VAL A 1 55 ? -5.921  -14.326 9.668   1.00 13.94 ? 55  VAL A N   1 
ATOM   434  C CA  . VAL A 1 55 ? -6.118  -14.107 8.237   1.00 9.99  ? 55  VAL A CA  1 
ATOM   435  C C   . VAL A 1 55 ? -7.074  -15.154 7.669   1.00 12.32 ? 55  VAL A C   1 
ATOM   436  O O   . VAL A 1 55 ? -7.945  -14.845 6.847   1.00 13.85 ? 55  VAL A O   1 
ATOM   437  C CB  . VAL A 1 55 ? -4.752  -14.111 7.512   1.00 13.09 ? 55  VAL A CB  1 
ATOM   438  C CG1 . VAL A 1 55 ? -4.931  -14.010 6.010   1.00 12.88 ? 55  VAL A CG1 1 
ATOM   439  C CG2 . VAL A 1 55 ? -3.892  -12.949 8.009   1.00 14.15 ? 55  VAL A CG2 1 
ATOM   440  N N   . ASP A 1 56 ? -6.927  -16.415 8.094   1.00 12.65 ? 56  ASP A N   1 
ATOM   441  C CA  . ASP A 1 56 ? -7.839  -17.443 7.615   1.00 14.27 ? 56  ASP A CA  1 
ATOM   442  C C   . ASP A 1 56 ? -9.277  -17.137 7.997   1.00 15.81 ? 56  ASP A C   1 
ATOM   443  O O   . ASP A 1 56 ? -10.199 -17.362 7.201   1.00 15.81 ? 56  ASP A O   1 
ATOM   444  C CB  . ASP A 1 56 ? -7.442  -18.810 8.163   1.00 14.15 ? 56  ASP A CB  1 
ATOM   445  C CG  . ASP A 1 56 ? -8.210  -19.918 7.498   1.00 19.16 ? 56  ASP A CG  1 
ATOM   446  O OD1 . ASP A 1 56 ? -7.985  -20.107 6.286   1.00 16.79 ? 56  ASP A OD1 1 
ATOM   447  O OD2 . ASP A 1 56 ? -9.049  -20.562 8.168   1.00 21.45 ? 56  ASP A OD2 1 
ATOM   448  N N   . LYS A 1 57 ? -9.495  -16.632 9.215   1.00 13.57 ? 57  LYS A N   1 
ATOM   449  C CA  . LYS A 1 57 ? -10.854 -16.301 9.623   1.00 13.51 ? 57  LYS A CA  1 
ATOM   450  C C   . LYS A 1 57 ? -11.428 -15.193 8.755   1.00 13.38 ? 57  LYS A C   1 
ATOM   451  O O   . LYS A 1 57 ? -12.599 -15.241 8.367   1.00 13.98 ? 57  LYS A O   1 
ATOM   452  C CB  . LYS A 1 57 ? -10.891 -15.878 11.091  1.00 15.19 ? 57  LYS A CB  1 
ATOM   453  C CG  . LYS A 1 57 ? -10.423 -16.930 12.079  1.00 19.95 ? 57  LYS A CG  1 
ATOM   454  C CD  . LYS A 1 57 ? -10.519 -16.384 13.501  1.00 18.34 ? 57  LYS A CD  1 
ATOM   455  C CE  . LYS A 1 57 ? -9.393  -16.864 14.387  1.00 26.95 ? 57  LYS A CE  1 
ATOM   456  N NZ  . LYS A 1 57 ? -9.382  -16.093 15.672  1.00 28.66 ? 57  LYS A NZ  1 
ATOM   457  N N   . VAL A 1 58 ? -10.621 -14.178 8.451   1.00 13.57 ? 58  VAL A N   1 
ATOM   458  C CA  . VAL A 1 58 ? -11.081 -13.109 7.566   1.00 9.97  ? 58  VAL A CA  1 
ATOM   459  C C   . VAL A 1 58 ? -11.378 -13.650 6.174   1.00 12.85 ? 58  VAL A C   1 
ATOM   460  O O   . VAL A 1 58 ? -12.447 -13.395 5.606   1.00 13.70 ? 58  VAL A O   1 
ATOM   461  C CB  . VAL A 1 58 ? -10.032 -11.988 7.517   1.00 10.47 ? 58  VAL A CB  1 
ATOM   462  C CG1 . VAL A 1 58 ? -10.394 -10.976 6.440   1.00 11.86 ? 58  VAL A CG1 1 
ATOM   463  C CG2 . VAL A 1 58 ? -9.912  -11.367 8.895   1.00 9.98  ? 58  VAL A CG2 1 
ATOM   464  N N   . LEU A 1 59 ? -10.433 -14.398 5.596   1.00 11.15 ? 59  LEU A N   1 
ATOM   465  C CA  . LEU A 1 59 ? -10.640 -14.911 4.244   1.00 12.85 ? 59  LEU A CA  1 
ATOM   466  C C   . LEU A 1 59 ? -11.814 -15.872 4.181   1.00 14.91 ? 59  LEU A C   1 
ATOM   467  O O   . LEU A 1 59 ? -12.486 -15.958 3.142   1.00 17.80 ? 59  LEU A O   1 
ATOM   468  C CB  . LEU A 1 59 ? -9.377  -15.606 3.731   1.00 13.33 ? 59  LEU A CB  1 
ATOM   469  C CG  . LEU A 1 59 ? -8.162  -14.699 3.539   1.00 13.61 ? 59  LEU A CG  1 
ATOM   470  C CD1 . LEU A 1 59 ? -6.919  -15.500 3.120   1.00 18.59 ? 59  LEU A CD1 1 
ATOM   471  C CD2 . LEU A 1 59 ? -8.469  -13.581 2.536   1.00 17.61 ? 59  LEU A CD2 1 
ATOM   472  N N   . GLY A 1 60 ? -12.072 -16.598 5.269   1.00 13.04 ? 60  GLY A N   1 
ATOM   473  C CA  . GLY A 1 60 ? -13.165 -17.554 5.280   1.00 16.93 ? 60  GLY A CA  1 
ATOM   474  C C   . GLY A 1 60 ? -14.536 -16.909 5.326   1.00 19.75 ? 60  GLY A C   1 
ATOM   475  O O   . GLY A 1 60 ? -15.491 -17.437 4.737   1.00 18.90 ? 60  GLY A O   1 
ATOM   476  N N   . GLN A 1 61 ? -14.663 -15.789 6.030   1.00 15.41 ? 61  GLN A N   1 
ATOM   477  C CA  . GLN A 1 61 ? -15.951 -15.103 6.151   1.00 14.12 ? 61  GLN A CA  1 
ATOM   478  C C   . GLN A 1 61 ? -16.348 -14.555 4.788   1.00 15.13 ? 61  GLN A C   1 
ATOM   479  O O   . GLN A 1 61 ? -15.578 -13.792 4.189   1.00 16.15 ? 61  GLN A O   1 
ATOM   480  C CB  . GLN A 1 61 ? -15.873 -13.969 7.176   1.00 13.86 ? 61  GLN A CB  1 
ATOM   481  C CG  . GLN A 1 61 ? -17.188 -13.221 7.367   1.00 14.67 ? 61  GLN A CG  1 
ATOM   482  C CD  . GLN A 1 61 ? -17.184 -12.360 8.608   1.00 18.26 ? 61  GLN A CD  1 
ATOM   483  O OE1 . GLN A 1 61 ? -16.935 -12.843 9.725   1.00 17.27 ? 61  GLN A OE1 1 
ATOM   484  N NE2 . GLN A 1 61 ? -17.456 -11.072 8.427   1.00 15.37 ? 61  GLN A NE2 1 
ATOM   485  N N   . PRO A 1 62 ? -17.515 -14.918 4.251   1.00 14.12 ? 62  PRO A N   1 
ATOM   486  C CA  . PRO A 1 62 ? -17.794 -14.634 2.837   1.00 13.74 ? 62  PRO A CA  1 
ATOM   487  C C   . PRO A 1 62 ? -18.218 -13.208 2.542   1.00 15.76 ? 62  PRO A C   1 
ATOM   488  O O   . PRO A 1 62 ? -18.264 -12.836 1.362   1.00 21.06 ? 62  PRO A O   1 
ATOM   489  C CB  . PRO A 1 62 ? -18.928 -15.615 2.506   1.00 18.49 ? 62  PRO A CB  1 
ATOM   490  C CG  . PRO A 1 62 ? -19.567 -15.904 3.800   1.00 21.03 ? 62  PRO A CG  1 
ATOM   491  C CD  . PRO A 1 62 ? -18.461 -15.896 4.816   1.00 14.87 ? 62  PRO A CD  1 
ATOM   492  N N   . HIS A 1 63 ? -18.540 -12.410 3.552   1.00 14.68 ? 63  HIS A N   1 
ATOM   493  C CA  . HIS A 1 63 ? -18.975 -11.037 3.331   1.00 15.97 ? 63  HIS A CA  1 
ATOM   494  C C   . HIS A 1 63 ? -18.362 -10.123 4.384   1.00 12.24 ? 63  HIS A C   1 
ATOM   495  O O   . HIS A 1 63 ? -18.404 -10.427 5.582   1.00 12.40 ? 63  HIS A O   1 
ATOM   496  C CB  . HIS A 1 63 ? -20.506 -10.911 3.376   1.00 15.19 ? 63  HIS A CB  1 
ATOM   497  C CG  . HIS A 1 63 ? -20.973 -9.490  3.339   1.00 14.47 ? 63  HIS A CG  1 
ATOM   498  N ND1 . HIS A 1 63 ? -20.823 -8.691  2.227   1.00 18.44 ? 63  HIS A ND1 1 
ATOM   499  C CD2 . HIS A 1 63 ? -21.539 -8.708  4.292   1.00 16.75 ? 63  HIS A CD2 1 
ATOM   500  C CE1 . HIS A 1 63 ? -21.293 -7.485  2.488   1.00 15.23 ? 63  HIS A CE1 1 
ATOM   501  N NE2 . HIS A 1 63 ? -21.728 -7.468  3.735   1.00 15.84 ? 63  HIS A NE2 1 
ATOM   502  N N   . HIS A 1 64 ? -17.792 -9.004  3.931   1.00 12.05 ? 64  HIS A N   1 
ATOM   503  C CA  . HIS A 1 64 ? -17.237 -7.977  4.797   1.00 12.14 ? 64  HIS A CA  1 
ATOM   504  C C   . HIS A 1 64 ? -17.782 -6.641  4.344   1.00 9.84  ? 64  HIS A C   1 
ATOM   505  O O   . HIS A 1 64 ? -17.917 -6.404  3.140   1.00 10.76 ? 64  HIS A O   1 
ATOM   506  C CB  . HIS A 1 64 ? -15.714 -7.942  4.730   1.00 10.22 ? 64  HIS A CB  1 
ATOM   507  C CG  . HIS A 1 64 ? -15.072 -9.162  5.292   1.00 10.64 ? 64  HIS A CG  1 
ATOM   508  N ND1 . HIS A 1 64 ? -14.935 -9.370  6.645   1.00 11.17 ? 64  HIS A ND1 1 
ATOM   509  C CD2 . HIS A 1 64 ? -14.549 -10.252 4.684   1.00 11.87 ? 64  HIS A CD2 1 
ATOM   510  C CE1 . HIS A 1 64 ? -14.343 -10.537 6.848   1.00 11.03 ? 64  HIS A CE1 1 
ATOM   511  N NE2 . HIS A 1 64 ? -14.098 -11.087 5.672   1.00 10.80 ? 64  HIS A NE2 1 
ATOM   512  N N   . GLU A 1 65 ? -18.131 -5.785  5.300   1.00 11.84 ? 65  GLU A N   1 
ATOM   513  C CA  . GLU A 1 65 ? -18.521 -4.428  4.954   1.00 14.05 ? 65  GLU A CA  1 
ATOM   514  C C   . GLU A 1 65 ? -18.094 -3.487  6.066   1.00 11.53 ? 65  GLU A C   1 
ATOM   515  O O   . GLU A 1 65 ? -18.000 -3.875  7.238   1.00 12.82 ? 65  GLU A O   1 
ATOM   516  C CB  . GLU A 1 65 ? -20.028 -4.296  4.708   1.00 14.29 ? 65  GLU A CB  1 
ATOM   517  C CG  . GLU A 1 65 ? -20.865 -4.692  5.900   1.00 16.11 ? 65  GLU A CG  1 
ATOM   518  C CD  . GLU A 1 65 ? -22.340 -4.456  5.685   1.00 26.38 ? 65  GLU A CD  1 
ATOM   519  O OE1 . GLU A 1 65 ? -22.935 -3.684  6.473   1.00 29.05 ? 65  GLU A OE1 1 
ATOM   520  O OE2 . GLU A 1 65 ? -22.905 -5.060  4.747   1.00 24.24 ? 65  GLU A OE2 1 
ATOM   521  N N   . LEU A 1 66 ? -17.864 -2.236  5.689   1.00 11.53 ? 66  LEU A N   1 
ATOM   522  C CA  . LEU A 1 66 ? -17.375 -1.246  6.637   1.00 10.87 ? 66  LEU A CA  1 
ATOM   523  C C   . LEU A 1 66 ? -17.754 0.130   6.117   1.00 9.08  ? 66  LEU A C   1 
ATOM   524  O O   . LEU A 1 66 ? -17.429 0.470   4.975   1.00 10.77 ? 66  LEU A O   1 
ATOM   525  C CB  . LEU A 1 66 ? -15.850 -1.368  6.802   1.00 11.89 ? 66  LEU A CB  1 
ATOM   526  C CG  . LEU A 1 66 ? -15.161 -0.463  7.827   1.00 12.33 ? 66  LEU A CG  1 
ATOM   527  C CD1 . LEU A 1 66 ? -15.757 -0.658  9.233   1.00 15.77 ? 66  LEU A CD1 1 
ATOM   528  C CD2 . LEU A 1 66 ? -13.654 -0.710  7.827   1.00 12.58 ? 66  LEU A CD2 1 
ATOM   529  N N   . ASP A 1 67 ? -18.436 0.910   6.958   1.00 12.44 ? 67  ASP A N   1 
ATOM   530  C CA  . ASP A 1 67 ? -18.822 2.292   6.641   1.00 12.19 ? 67  ASP A CA  1 
ATOM   531  C C   . ASP A 1 67 ? -19.463 2.405   5.257   1.00 12.09 ? 67  ASP A C   1 
ATOM   532  O O   . ASP A 1 67 ? -19.113 3.273   4.451   1.00 13.23 ? 67  ASP A O   1 
ATOM   533  C CB  . ASP A 1 67 ? -17.613 3.231   6.781   1.00 13.46 ? 67  ASP A CB  1 
ATOM   534  C CG  . ASP A 1 67 ? -17.079 3.287   8.199   1.00 14.95 ? 67  ASP A CG  1 
ATOM   535  O OD1 . ASP A 1 67 ? -17.879 3.185   9.151   1.00 14.52 ? 67  ASP A OD1 1 
ATOM   536  O OD2 . ASP A 1 67 ? -15.853 3.400   8.382   1.00 17.12 ? 67  ASP A OD2 1 
ATOM   537  N N   . SER A 1 68 ? -20.425 1.511   4.989   1.00 12.79 ? 68  SER A N   1 
ATOM   538  C CA  . SER A 1 68 ? -21.297 1.501   3.807   1.00 15.71 ? 68  SER A CA  1 
ATOM   539  C C   . SER A 1 68 ? -20.590 1.027   2.543   1.00 17.36 ? 68  SER A C   1 
ATOM   540  O O   . SER A 1 68 ? -21.147 1.181   1.425   1.00 15.97 ? 68  SER A O   1 
ATOM   541  C CB  . SER A 1 68 ? -21.936 2.875   3.542   1.00 20.19 ? 68  SER A CB  1 
ATOM   542  O OG  . SER A 1 68 ? -20.999 3.798   3.011   1.00 24.39 ? 68  SER A OG  1 
ATOM   543  N N   . LYS A 1 69 ? -19.406 0.434   2.660   1.00 11.59 ? 69  LYS A N   1 
ATOM   544  C CA  . LYS A 1 69 ? -18.720 -0.175  1.530   1.00 12.07 ? 69  LYS A CA  1 
ATOM   545  C C   . LYS A 1 69 ? -18.622 -1.673  1.755   1.00 12.81 ? 69  LYS A C   1 
ATOM   546  O O   . LYS A 1 69 ? -18.301 -2.119  2.856   1.00 12.14 ? 69  LYS A O   1 
ATOM   547  C CB  . LYS A 1 69 ? -17.302 0.371   1.351   1.00 13.42 ? 69  LYS A CB  1 
ATOM   548  C CG  . LYS A 1 69 ? -17.199 1.876   1.256   1.00 15.23 ? 69  LYS A CG  1 
ATOM   549  C CD  . LYS A 1 69 ? -17.839 2.363   -0.010  1.00 16.81 ? 69  LYS A CD  1 
ATOM   550  C CE  . LYS A 1 69 ? -17.272 3.728   -0.387  1.00 23.83 ? 69  LYS A CE  1 
ATOM   551  N NZ  . LYS A 1 69 ? -15.930 3.553   -1.024  1.00 26.88 ? 69  LYS A NZ  1 
ATOM   552  N N   . THR A 1 70 ? -18.880 -2.453  0.715   1.00 11.79 ? 70  THR A N   1 
ATOM   553  C CA  . THR A 1 70 ? -18.497 -3.852  0.752   1.00 10.89 ? 70  THR A CA  1 
ATOM   554  C C   . THR A 1 70 ? -17.002 -3.925  0.483   1.00 10.94 ? 70  THR A C   1 
ATOM   555  O O   . THR A 1 70 ? -16.512 -3.315  -0.472  1.00 16.16 ? 70  THR A O   1 
ATOM   556  C CB  . THR A 1 70 ? -19.293 -4.670  -0.270  1.00 11.44 ? 70  THR A CB  1 
ATOM   557  O OG1 . THR A 1 70 ? -20.681 -4.654  0.100   1.00 11.88 ? 70  THR A OG1 1 
ATOM   558  C CG2 . THR A 1 70 ? -18.811 -6.128  -0.293  1.00 14.86 ? 70  THR A CG2 1 
ATOM   559  N N   . ILE A 1 71 ? -16.270 -4.604  1.365   1.00 10.17 ? 71  ILE A N   1 
ATOM   560  C CA  . ILE A 1 71 ? -14.821 -4.704  1.241   1.00 10.42 ? 71  ILE A CA  1 
ATOM   561  C C   . ILE A 1 71 ? -14.427 -6.167  1.054   1.00 12.15 ? 71  ILE A C   1 
ATOM   562  O O   . ILE A 1 71 ? -15.159 -7.093  1.409   1.00 12.35 ? 71  ILE A O   1 
ATOM   563  C CB  . ILE A 1 71 ? -14.082 -4.077  2.447   1.00 11.10 ? 71  ILE A CB  1 
ATOM   564  C CG1 . ILE A 1 71 ? -14.495 -4.735  3.760   1.00 13.32 ? 71  ILE A CG1 1 
ATOM   565  C CG2 . ILE A 1 71 ? -14.357 -2.565  2.514   1.00 13.65 ? 71  ILE A CG2 1 
ATOM   566  C CD1 . ILE A 1 71 ? -13.692 -4.232  4.961   1.00 14.46 ? 71  ILE A CD1 1 
ATOM   567  N N   . ASP A 1 72 ? -13.252 -6.361  0.470   1.00 15.17 ? 72  ASP A N   1 
ATOM   568  C CA  . ASP A 1 72 ? -12.774 -7.690  0.088   1.00 13.85 ? 72  ASP A CA  1 
ATOM   569  C C   . ASP A 1 72 ? -11.304 -7.794  0.466   1.00 10.74 ? 72  ASP A C   1 
ATOM   570  O O   . ASP A 1 72 ? -10.412 -7.543  -0.350  1.00 12.49 ? 72  ASP A O   1 
ATOM   571  C CB  . ASP A 1 72 ? -12.985 -7.929  -1.407  1.00 14.91 ? 72  ASP A CB  1 
ATOM   572  C CG  . ASP A 1 72 ? -12.702 -9.350  -1.813  1.00 17.46 ? 72  ASP A CG  1 
ATOM   573  O OD1 . ASP A 1 72 ? -12.825 -10.267 -0.973  1.00 21.65 ? 72  ASP A OD1 1 
ATOM   574  O OD2 . ASP A 1 72 ? -12.352 -9.543  -2.991  1.00 25.82 ? 72  ASP A OD2 1 
ATOM   575  N N   . PRO A 1 73 ? -11.028 -8.142  1.723   1.00 11.84 ? 73  PRO A N   1 
ATOM   576  C CA  . PRO A 1 73 ? -9.635  -8.173  2.202   1.00 12.38 ? 73  PRO A CA  1 
ATOM   577  C C   . PRO A 1 73 ? -8.777  -9.165  1.424   1.00 14.00 ? 73  PRO A C   1 
ATOM   578  O O   . PRO A 1 73 ? -9.183  -10.302 1.170   1.00 14.52 ? 73  PRO A O   1 
ATOM   579  C CB  . PRO A 1 73 ? -9.789  -8.585  3.672   1.00 15.32 ? 73  PRO A CB  1 
ATOM   580  C CG  . PRO A 1 73 ? -11.213 -8.232  4.047   1.00 14.46 ? 73  PRO A CG  1 
ATOM   581  C CD  . PRO A 1 73 ? -12.008 -8.450  2.775   1.00 12.36 ? 73  PRO A CD  1 
ATOM   582  N N   . LYS A 1 74 ? -7.580  -8.719  1.041   1.00 11.02 ? 74  LYS A N   1 
ATOM   583  C CA  . LYS A 1 74 ? -6.631  -9.529  0.292   1.00 13.30 ? 74  LYS A CA  1 
ATOM   584  C C   . LYS A 1 74 ? -5.347  -9.680  1.094   1.00 13.53 ? 74  LYS A C   1 
ATOM   585  O O   . LYS A 1 74 ? -5.060  -8.889  1.987   1.00 15.26 ? 74  LYS A O   1 
ATOM   586  C CB  . LYS A 1 74 ? -6.311  -8.895  -1.067  1.00 13.07 ? 74  LYS A CB  1 
ATOM   587  C CG  . LYS A 1 74 ? -7.526  -8.741  -1.978  1.00 17.16 ? 74  LYS A CG  1 
ATOM   588  C CD  . LYS A 1 74 ? -8.112  -10.086 -2.369  1.00 23.88 ? 74  LYS A CD  1 
ATOM   589  C CE  . LYS A 1 74 ? -9.135  -9.949  -3.494  1.00 30.43 ? 74  LYS A CE  1 
ATOM   590  N NZ  . LYS A 1 74 ? -9.567  -11.273 -4.016  1.00 35.10 ? 74  LYS A NZ  1 
ATOM   591  N N   . VAL A 1 75 ? -4.560  -10.723 0.780   1.00 14.54 ? 75  VAL A N   1 
ATOM   592  C CA  . VAL A 1 75 ? -3.279  -10.884 1.457   1.00 16.70 ? 75  VAL A CA  1 
ATOM   593  C C   . VAL A 1 75 ? -2.215  -10.113 0.691   1.00 15.51 ? 75  VAL A C   1 
ATOM   594  O O   . VAL A 1 75 ? -2.278  -9.954  -0.530  1.00 19.80 ? 75  VAL A O   1 
ATOM   595  C CB  . VAL A 1 75 ? -2.903  -12.373 1.603   1.00 20.47 ? 75  VAL A CB  1 
ATOM   596  C CG1 . VAL A 1 75 ? -3.951  -13.099 2.431   1.00 22.80 ? 75  VAL A CG1 1 
ATOM   597  C CG2 . VAL A 1 75 ? -2.769  -13.019 0.232   1.00 27.35 ? 75  VAL A CG2 1 
ATOM   598  N N   . ALA A 1 76 ? -1.218  -9.624  1.421   1.00 13.61 ? 76  ALA A N   1 
ATOM   599  C CA  . ALA A 1 76 ? -0.141  -8.856  0.828   1.00 15.34 ? 76  ALA A CA  1 
ATOM   600  C C   . ALA A 1 76 ? 1.143   -9.240  1.540   1.00 15.89 ? 76  ALA A C   1 
ATOM   601  O O   . ALA A 1 76 ? 1.163   -9.385  2.764   1.00 17.42 ? 76  ALA A O   1 
ATOM   602  C CB  . ALA A 1 76 ? -0.393  -7.347  0.938   1.00 21.51 ? 76  ALA A CB  1 
ATOM   603  N N   . PHE A 1 77 ? 2.211   -9.414  0.775   1.00 13.91 ? 77  PHE A N   1 
ATOM   604  C CA  . PHE A 1 77 ? 3.500   -9.830  1.320   1.00 17.80 ? 77  PHE A CA  1 
ATOM   605  C C   . PHE A 1 77 ? 4.586   -8.864  0.864   1.00 18.49 ? 77  PHE A C   1 
ATOM   606  O O   . PHE A 1 77 ? 5.317   -9.141  -0.093  1.00 18.53 ? 77  PHE A O   1 
ATOM   607  C CB  . PHE A 1 77 ? 3.817   -11.260 0.888   1.00 19.24 ? 77  PHE A CB  1 
ATOM   608  C CG  . PHE A 1 77 ? 2.726   -12.242 1.221   1.00 20.23 ? 77  PHE A CG  1 
ATOM   609  C CD1 . PHE A 1 77 ? 1.767   -12.577 0.282   1.00 19.05 ? 77  PHE A CD1 1 
ATOM   610  C CD2 . PHE A 1 77 ? 2.671   -12.829 2.472   1.00 22.81 ? 77  PHE A CD2 1 
ATOM   611  C CE1 . PHE A 1 77 ? 0.758   -13.482 0.594   1.00 21.39 ? 77  PHE A CE1 1 
ATOM   612  C CE2 . PHE A 1 77 ? 1.664   -13.736 2.791   1.00 26.39 ? 77  PHE A CE2 1 
ATOM   613  C CZ  . PHE A 1 77 ? 0.711   -14.059 1.848   1.00 24.40 ? 77  PHE A CZ  1 
ATOM   614  N N   . PRO A 1 78 ? 4.743   -7.736  1.549   1.00 17.09 ? 78  PRO A N   1 
ATOM   615  C CA  . PRO A 1 78 ? 5.712   -6.731  1.096   1.00 17.41 ? 78  PRO A CA  1 
ATOM   616  C C   . PRO A 1 78 ? 7.141   -7.253  1.104   1.00 16.18 ? 78  PRO A C   1 
ATOM   617  O O   . PRO A 1 78 ? 7.566   -7.964  2.022   1.00 19.76 ? 78  PRO A O   1 
ATOM   618  C CB  . PRO A 1 78 ? 5.542   -5.588  2.105   1.00 19.09 ? 78  PRO A CB  1 
ATOM   619  C CG  . PRO A 1 78 ? 4.223   -5.829  2.763   1.00 21.47 ? 78  PRO A CG  1 
ATOM   620  C CD  . PRO A 1 78 ? 3.982   -7.295  2.731   1.00 19.68 ? 78  PRO A CD  1 
ATOM   621  N N   . ARG A 1 79 ? 7.893   -6.872  0.074   1.00 13.35 ? 79  ARG A N   1 
ATOM   622  C CA  . ARG A 1 79 ? 9.318   -7.168  -0.030  1.00 15.84 ? 79  ARG A CA  1 
ATOM   623  C C   . ARG A 1 79 ? 10.110  -5.873  0.039   1.00 13.01 ? 79  ARG A C   1 
ATOM   624  O O   . ARG A 1 79 ? 9.973   -5.012  -0.838  1.00 14.24 ? 79  ARG A O   1 
ATOM   625  C CB  . ARG A 1 79 ? 9.614   -7.893  -1.335  1.00 16.38 ? 79  ARG A CB  1 
ATOM   626  C CG  . ARG A 1 79 ? 8.952   -9.237  -1.396  1.00 19.26 ? 79  ARG A CG  1 
ATOM   627  C CD  . ARG A 1 79 ? 9.535   -10.050 -2.508  1.00 23.59 ? 79  ARG A CD  1 
ATOM   628  N NE  . ARG A 1 79 ? 8.928   -9.726  -3.785  1.00 24.96 ? 79  ARG A NE  1 
ATOM   629  C CZ  . ARG A 1 79 ? 9.608   -9.501  -4.904  1.00 25.25 ? 79  ARG A CZ  1 
ATOM   630  N NH1 . ARG A 1 79 ? 10.936  -9.557  -4.904  1.00 29.43 ? 79  ARG A NH1 1 
ATOM   631  N NH2 . ARG A 1 79 ? 8.953   -9.231  -6.026  1.00 26.87 ? 79  ARG A NH2 1 
ATOM   632  N N   . ARG A 1 80 ? 10.970  -5.753  1.042   1.00 15.68 ? 80  ARG A N   1 
ATOM   633  C CA  . ARG A 1 80 ? 11.747  -4.534  1.241   1.00 16.27 ? 80  ARG A CA  1 
ATOM   634  C C   . ARG A 1 80 ? 13.106  -4.607  0.550   1.00 18.44 ? 80  ARG A C   1 
ATOM   635  O O   . ARG A 1 80 ? 13.743  -5.660  0.501   1.00 17.65 ? 80  ARG A O   1 
ATOM   636  C CB  . ARG A 1 80 ? 11.936  -4.263  2.734   1.00 19.58 ? 80  ARG A CB  1 
ATOM   637  C CG  . ARG A 1 80 ? 10.818  -3.425  3.335   1.00 26.46 ? 80  ARG A CG  1 
ATOM   638  C CD  . ARG A 1 80 ? 10.410  -3.908  4.714   1.00 36.56 ? 80  ARG A CD  1 
ATOM   639  N NE  . ARG A 1 80 ? 11.367  -3.529  5.752   1.00 41.53 ? 80  ARG A NE  1 
ATOM   640  C CZ  . ARG A 1 80 ? 11.198  -3.790  7.048   1.00 46.78 ? 80  ARG A CZ  1 
ATOM   641  N NH1 . ARG A 1 80 ? 10.109  -4.429  7.455   1.00 51.03 ? 80  ARG A NH1 1 
ATOM   642  N NH2 . ARG A 1 80 ? 12.110  -3.417  7.940   1.00 43.13 ? 80  ARG A NH2 1 
ATOM   643  N N   . ALA A 1 81 ? 13.535  -3.478  -0.001  1.00 13.27 ? 81  ALA A N   1 
ATOM   644  C CA  . ALA A 1 81 ? 14.861  -3.376  -0.586  1.00 13.74 ? 81  ALA A CA  1 
ATOM   645  C C   . ALA A 1 81 ? 15.901  -3.261  0.519   1.00 19.79 ? 81  ALA A C   1 
ATOM   646  O O   . ALA A 1 81 ? 15.647  -2.681  1.572   1.00 21.80 ? 81  ALA A O   1 
ATOM   647  C CB  . ALA A 1 81 ? 14.951  -2.153  -1.504  1.00 19.35 ? 81  ALA A CB  1 
ATOM   648  N N   . GLN A 1 82 ? 17.084  -3.814  0.262   1.00 22.85 ? 82  GLN A N   1 
ATOM   649  C CA  . GLN A 1 82 ? 18.239  -3.542  1.108   1.00 27.33 ? 82  GLN A CA  1 
ATOM   650  C C   . GLN A 1 82 ? 18.713  -2.103  0.896   1.00 28.14 ? 82  GLN A C   1 
ATOM   651  O O   . GLN A 1 82 ? 18.387  -1.470  -0.112  1.00 27.45 ? 82  GLN A O   1 
ATOM   652  C CB  . GLN A 1 82 ? 19.394  -4.488  0.770   1.00 25.79 ? 82  GLN A CB  1 
ATOM   653  C CG  . GLN A 1 82 ? 19.067  -5.973  0.793   1.00 36.45 ? 82  GLN A CG  1 
ATOM   654  C CD  . GLN A 1 82 ? 19.117  -6.595  2.178   1.00 39.60 ? 82  GLN A CD  1 
ATOM   655  O OE1 . GLN A 1 82 ? 19.911  -6.194  3.030   1.00 42.15 ? 82  GLN A OE1 1 
ATOM   656  N NE2 . GLN A 1 82 ? 18.262  -7.592  2.405   1.00 38.49 ? 82  GLN A NE2 1 
ATOM   657  N N   . PRO A 1 83 ? 19.502  -1.566  1.828   1.00 28.05 ? 83  PRO A N   1 
ATOM   658  C CA  . PRO A 1 83 ? 20.218  -0.317  1.533   1.00 30.37 ? 83  PRO A CA  1 
ATOM   659  C C   . PRO A 1 83 ? 21.134  -0.497  0.329   1.00 30.58 ? 83  PRO A C   1 
ATOM   660  O O   . PRO A 1 83 ? 21.639  -1.590  0.067   1.00 35.49 ? 83  PRO A O   1 
ATOM   661  C CB  . PRO A 1 83 ? 21.013  -0.045  2.821   1.00 30.32 ? 83  PRO A CB  1 
ATOM   662  C CG  . PRO A 1 83 ? 20.283  -0.820  3.880   1.00 25.99 ? 83  PRO A CG  1 
ATOM   663  C CD  . PRO A 1 83 ? 19.764  -2.042  3.197   1.00 25.78 ? 83  PRO A CD  1 
ATOM   664  N N   . LYS A 1 84 ? 21.335  0.596   -0.408  1.00 36.30 ? 84  LYS A N   1 
ATOM   665  C CA  . LYS A 1 84 ? 22.040  0.589   -1.691  1.00 38.29 ? 84  LYS A CA  1 
ATOM   666  C C   . LYS A 1 84 ? 23.364  -0.173  -1.661  1.00 45.42 ? 84  LYS A C   1 
ATOM   667  O O   . LYS A 1 84 ? 23.445  -1.313  -2.126  1.00 48.06 ? 84  LYS A O   1 
ATOM   668  C CB  . LYS A 1 84 ? 22.293  2.028   -2.142  1.00 40.14 ? 84  LYS A CB  1 
ATOM   669  C CG  . LYS A 1 84 ? 22.808  2.175   -3.563  1.00 44.40 ? 84  LYS A CG  1 
ATOM   670  C CD  . LYS A 1 84 ? 23.150  3.634   -3.852  1.00 48.83 ? 84  LYS A CD  1 
ATOM   671  C CE  . LYS A 1 84 ? 23.427  3.873   -5.323  1.00 45.53 ? 84  LYS A CE  1 
ATOM   672  N NZ  . LYS A 1 84 ? 23.515  5.329   -5.620  1.00 48.69 ? 84  LYS A NZ  1 
ATOM   673  N N   . MET B 1 1  ? 5.122   9.868   5.462   1.00 20.52 ? 1   MET B N   1 
ATOM   674  C CA  . MET B 1 1  ? 4.786   10.183  4.072   1.00 16.03 ? 1   MET B CA  1 
ATOM   675  C C   . MET B 1 1  ? 5.561   9.304   3.105   1.00 16.56 ? 1   MET B C   1 
ATOM   676  O O   . MET B 1 1  ? 6.788   9.167   3.202   1.00 21.41 ? 1   MET B O   1 
ATOM   677  C CB  . MET B 1 1  ? 5.053   11.657  3.754   1.00 20.82 ? 1   MET B CB  1 
ATOM   678  C CG  . MET B 1 1  ? 4.583   12.056  2.368   1.00 25.15 ? 1   MET B CG  1 
ATOM   679  S SD  . MET B 1 1  ? 5.889   12.027  1.128   1.00 34.67 ? 1   MET B SD  1 
ATOM   680  C CE  . MET B 1 1  ? 6.819   13.485  1.610   1.00 28.56 ? 1   MET B CE  1 
ATOM   681  N N   . LYS B 1 2  ? 4.835   8.708   2.172   1.00 15.21 ? 2   LYS B N   1 
ATOM   682  C CA  . LYS B 1 2  ? 5.394   7.767   1.220   1.00 18.19 ? 2   LYS B CA  1 
ATOM   683  C C   . LYS B 1 2  ? 4.925   8.140   -0.174  1.00 16.07 ? 2   LYS B C   1 
ATOM   684  O O   . LYS B 1 2  ? 3.950   8.879   -0.346  1.00 19.32 ? 2   LYS B O   1 
ATOM   685  C CB  . LYS B 1 2  ? 4.968   6.325   1.537   1.00 18.87 ? 2   LYS B CB  1 
ATOM   686  C CG  . LYS B 1 2  ? 5.031   5.938   3.008   1.00 25.64 ? 2   LYS B CG  1 
ATOM   687  C CD  . LYS B 1 2  ? 5.033   4.426   3.176   1.00 27.86 ? 2   LYS B CD  1 
ATOM   688  C CE  . LYS B 1 2  ? 3.642   3.848   3.014   1.00 30.76 ? 2   LYS B CE  1 
ATOM   689  N NZ  . LYS B 1 2  ? 3.558   2.454   3.524   1.00 34.14 ? 2   LYS B NZ  1 
ATOM   690  N N   . MET B 1 3  ? 5.623   7.625   -1.177  1.00 10.77 ? 3   MET B N   1 
ATOM   691  C CA  . MET B 1 3  ? 5.085   7.652   -2.527  1.00 10.83 ? 3   MET B CA  1 
ATOM   692  C C   . MET B 1 3  ? 4.522   6.279   -2.860  1.00 14.83 ? 3   MET B C   1 
ATOM   693  O O   . MET B 1 3  ? 5.146   5.253   -2.566  1.00 14.91 ? 3   MET B O   1 
ATOM   694  C CB  . MET B 1 3  ? 6.144   8.061   -3.551  1.00 11.41 ? 3   MET B CB  1 
ATOM   695  C CG  . MET B 1 3  ? 6.681   9.463   -3.316  1.00 13.34 ? 3   MET B CG  1 
ATOM   696  S SD  . MET B 1 3  ? 7.316   10.278  -4.801  1.00 16.29 ? 3   MET B SD  1 
ATOM   697  C CE  . MET B 1 3  ? 5.797   10.877  -5.529  1.00 15.96 ? 3   MET B CE  1 
ATOM   698  N N   . PHE B 1 4  ? 3.325   6.268   -3.447  1.00 10.35 ? 4   PHE B N   1 
ATOM   699  C CA  . PHE B 1 4  ? 2.680   5.047   -3.910  1.00 11.25 ? 4   PHE B CA  1 
ATOM   700  C C   . PHE B 1 4  ? 2.857   4.935   -5.420  1.00 10.98 ? 4   PHE B C   1 
ATOM   701  O O   . PHE B 1 4  ? 2.611   5.897   -6.152  1.00 13.44 ? 4   PHE B O   1 
ATOM   702  C CB  . PHE B 1 4  ? 1.191   5.048   -3.558  1.00 11.08 ? 4   PHE B CB  1 
ATOM   703  C CG  . PHE B 1 4  ? 0.423   3.942   -4.217  1.00 16.24 ? 4   PHE B CG  1 
ATOM   704  C CD1 . PHE B 1 4  ? 0.496   2.656   -3.738  1.00 19.30 ? 4   PHE B CD1 1 
ATOM   705  C CD2 . PHE B 1 4  ? -0.354  4.192   -5.339  1.00 18.93 ? 4   PHE B CD2 1 
ATOM   706  C CE1 . PHE B 1 4  ? -0.213  1.630   -4.366  1.00 15.62 ? 4   PHE B CE1 1 
ATOM   707  C CE2 . PHE B 1 4  ? -1.046  3.179   -5.958  1.00 21.70 ? 4   PHE B CE2 1 
ATOM   708  C CZ  . PHE B 1 4  ? -0.974  1.893   -5.462  1.00 19.71 ? 4   PHE B CZ  1 
ATOM   709  N N   . ILE B 1 5  ? 3.289   3.770   -5.890  1.00 10.70 ? 5   ILE B N   1 
ATOM   710  C CA  . ILE B 1 5  ? 3.462   3.533   -7.322  1.00 11.60 ? 5   ILE B CA  1 
ATOM   711  C C   . ILE B 1 5  ? 2.632   2.321   -7.706  1.00 14.76 ? 5   ILE B C   1 
ATOM   712  O O   . ILE B 1 5  ? 3.000   1.188   -7.387  1.00 14.48 ? 5   ILE B O   1 
ATOM   713  C CB  . ILE B 1 5  ? 4.925   3.320   -7.722  1.00 13.47 ? 5   ILE B CB  1 
ATOM   714  C CG1 . ILE B 1 5  ? 5.826   4.427   -7.181  1.00 15.68 ? 5   ILE B CG1 1 
ATOM   715  C CG2 . ILE B 1 5  ? 5.012   3.269   -9.235  1.00 16.55 ? 5   ILE B CG2 1 
ATOM   716  C CD1 . ILE B 1 5  ? 6.552   4.052   -5.916  1.00 15.04 ? 5   ILE B CD1 1 
ATOM   717  N N   . GLY B 1 6  ? 1.534   2.548   -8.414  1.00 17.12 ? 6   GLY B N   1 
ATOM   718  C CA  . GLY B 1 6  ? 0.749   1.445   -8.915  1.00 14.76 ? 6   GLY B CA  1 
ATOM   719  C C   . GLY B 1 6  ? 1.228   0.979   -10.274 1.00 15.97 ? 6   GLY B C   1 
ATOM   720  O O   . GLY B 1 6  ? 2.016   1.651   -10.946 1.00 14.24 ? 6   GLY B O   1 
ATOM   721  N N   . GLY B 1 7  ? 0.763   -0.206  -10.656 1.00 14.45 ? 7   GLY B N   1 
ATOM   722  C CA  . GLY B 1 7  ? 0.981   -0.701  -12.005 1.00 17.59 ? 7   GLY B CA  1 
ATOM   723  C C   . GLY B 1 7  ? 2.409   -1.067  -12.344 1.00 15.73 ? 7   GLY B C   1 
ATOM   724  O O   . GLY B 1 7  ? 2.800   -0.991  -13.515 1.00 17.63 ? 7   GLY B O   1 
ATOM   725  N N   . LEU B 1 8  ? 3.203   -1.477  -11.358 1.00 11.85 ? 8   LEU B N   1 
ATOM   726  C CA  . LEU B 1 8  ? 4.554   -1.936  -11.650 1.00 12.27 ? 8   LEU B CA  1 
ATOM   727  C C   . LEU B 1 8  ? 4.511   -3.200  -12.492 1.00 14.28 ? 8   LEU B C   1 
ATOM   728  O O   . LEU B 1 8  ? 3.600   -4.023  -12.364 1.00 13.90 ? 8   LEU B O   1 
ATOM   729  C CB  . LEU B 1 8  ? 5.326   -2.238  -10.367 1.00 10.06 ? 8   LEU B CB  1 
ATOM   730  C CG  . LEU B 1 8  ? 5.567   -1.086  -9.407  1.00 12.00 ? 8   LEU B CG  1 
ATOM   731  C CD1 . LEU B 1 8  ? 6.320   -1.579  -8.185  1.00 15.11 ? 8   LEU B CD1 1 
ATOM   732  C CD2 . LEU B 1 8  ? 6.363   -0.011  -10.133 1.00 14.51 ? 8   LEU B CD2 1 
ATOM   733  N N   . SER B 1 9  ? 5.516   -3.355  -13.351 1.00 13.57 ? 9   SER B N   1 
ATOM   734  C CA  . SER B 1 9  ? 5.762   -4.648  -13.969 1.00 12.99 ? 9   SER B CA  1 
ATOM   735  C C   . SER B 1 9  ? 5.953   -5.714  -12.898 1.00 13.69 ? 9   SER B C   1 
ATOM   736  O O   . SER B 1 9  ? 6.531   -5.451  -11.843 1.00 15.14 ? 9   SER B O   1 
ATOM   737  C CB  . SER B 1 9  ? 7.010   -4.591  -14.854 1.00 14.88 ? 9   SER B CB  1 
ATOM   738  O OG  . SER B 1 9  ? 7.433   -5.893  -15.229 1.00 20.08 ? 9   SER B OG  1 
ATOM   739  N N   . TRP B 1 10 ? 5.485   -6.936  -13.182 1.00 15.70 ? 10  TRP B N   1 
ATOM   740  C CA  . TRP B 1 10 ? 5.758   -8.049  -12.273 1.00 16.88 ? 10  TRP B CA  1 
ATOM   741  C C   . TRP B 1 10 ? 7.252   -8.317  -12.099 1.00 16.37 ? 10  TRP B C   1 
ATOM   742  O O   . TRP B 1 10 ? 7.648   -8.925  -11.101 1.00 17.10 ? 10  TRP B O   1 
ATOM   743  C CB  . TRP B 1 10 ? 5.052   -9.320  -12.760 1.00 17.30 ? 10  TRP B CB  1 
ATOM   744  C CG  . TRP B 1 10 ? 5.588   -9.870  -14.041 1.00 18.73 ? 10  TRP B CG  1 
ATOM   745  C CD1 . TRP B 1 10 ? 5.158   -9.579  -15.303 1.00 20.24 ? 10  TRP B CD1 1 
ATOM   746  C CD2 . TRP B 1 10 ? 6.664   -10.806 -14.190 1.00 19.61 ? 10  TRP B CD2 1 
ATOM   747  N NE1 . TRP B 1 10 ? 5.902   -10.272 -16.227 1.00 22.08 ? 10  TRP B NE1 1 
ATOM   748  C CE2 . TRP B 1 10 ? 6.829   -11.035 -15.571 1.00 18.78 ? 10  TRP B CE2 1 
ATOM   749  C CE3 . TRP B 1 10 ? 7.497   -11.479 -13.288 1.00 21.68 ? 10  TRP B CE3 1 
ATOM   750  C CZ2 . TRP B 1 10 ? 7.802   -11.910 -16.074 1.00 22.51 ? 10  TRP B CZ2 1 
ATOM   751  C CZ3 . TRP B 1 10 ? 8.465   -12.344 -13.788 1.00 23.33 ? 10  TRP B CZ3 1 
ATOM   752  C CH2 . TRP B 1 10 ? 8.604   -12.551 -15.170 1.00 21.18 ? 10  TRP B CH2 1 
ATOM   753  N N   . GLN B 1 11 ? 8.087   -7.864  -13.029 1.00 16.22 ? 11  GLN B N   1 
ATOM   754  C CA  . GLN B 1 11 ? 9.523   -8.084  -12.948 1.00 17.03 ? 11  GLN B CA  1 
ATOM   755  C C   . GLN B 1 11 ? 10.240  -7.082  -12.053 1.00 19.42 ? 11  GLN B C   1 
ATOM   756  O O   . GLN B 1 11 ? 11.398  -7.332  -11.688 1.00 18.87 ? 11  GLN B O   1 
ATOM   757  C CB  . GLN B 1 11 ? 10.142  -8.014  -14.342 1.00 19.88 ? 11  GLN B CB  1 
ATOM   758  C CG  . GLN B 1 11 ? 10.008  -9.297  -15.123 1.00 24.15 ? 11  GLN B CG  1 
ATOM   759  C CD  . GLN B 1 11 ? 11.069  -9.417  -16.192 1.00 30.28 ? 11  GLN B CD  1 
ATOM   760  O OE1 . GLN B 1 11 ? 11.818  -10.394 -16.227 1.00 36.95 ? 11  GLN B OE1 1 
ATOM   761  N NE2 . GLN B 1 11 ? 11.145  -8.419  -17.073 1.00 26.75 ? 11  GLN B NE2 1 
ATOM   762  N N   . THR B 1 12 ? 9.599   -5.965  -11.706 1.00 14.42 ? 12  THR B N   1 
ATOM   763  C CA  . THR B 1 12 ? 10.275  -4.934  -10.933 1.00 15.02 ? 12  THR B CA  1 
ATOM   764  C C   . THR B 1 12 ? 10.566  -5.431  -9.521  1.00 14.22 ? 12  THR B C   1 
ATOM   765  O O   . THR B 1 12 ? 9.650   -5.733  -8.748  1.00 14.41 ? 12  THR B O   1 
ATOM   766  C CB  . THR B 1 12 ? 9.446   -3.656  -10.893 1.00 12.99 ? 12  THR B CB  1 
ATOM   767  O OG1 . THR B 1 12 ? 9.245   -3.182  -12.228 1.00 15.69 ? 12  THR B OG1 1 
ATOM   768  C CG2 . THR B 1 12 ? 10.182  -2.591  -10.095 1.00 14.75 ? 12  THR B CG2 1 
ATOM   769  N N   . SER B 1 13 ? 11.831  -5.517  -9.200  1.00 11.99 ? 13  SER B N   1 
ATOM   770  C CA  . SER B 1 13 ? 12.313  -5.942  -7.906  1.00 12.90 ? 13  SER B CA  1 
ATOM   771  C C   . SER B 1 13 ? 12.368  -4.771  -6.941  1.00 11.83 ? 13  SER B C   1 
ATOM   772  O O   . SER B 1 13 ? 12.390  -3.608  -7.357  1.00 12.89 ? 13  SER B O   1 
ATOM   773  C CB  . SER B 1 13 ? 13.705  -6.536  -8.049  1.00 15.59 ? 13  SER B CB  1 
ATOM   774  O OG  . SER B 1 13 ? 14.630  -5.507  -8.385  1.00 17.88 ? 13  SER B OG  1 
ATOM   775  N N   . PRO B 1 14 ? 12.378  -5.044  -5.636  1.00 13.44 ? 14  PRO B N   1 
ATOM   776  C CA  . PRO B 1 14 ? 12.627  -3.961  -4.670  1.00 12.37 ? 14  PRO B CA  1 
ATOM   777  C C   . PRO B 1 14 ? 13.893  -3.193  -4.982  1.00 12.91 ? 14  PRO B C   1 
ATOM   778  O O   . PRO B 1 14 ? 13.915  -1.962  -4.861  1.00 12.60 ? 14  PRO B O   1 
ATOM   779  C CB  . PRO B 1 14 ? 12.762  -4.700  -3.331  1.00 16.51 ? 14  PRO B CB  1 
ATOM   780  C CG  . PRO B 1 14 ? 12.081  -5.968  -3.522  1.00 15.76 ? 14  PRO B CG  1 
ATOM   781  C CD  . PRO B 1 14 ? 12.165  -6.339  -4.973  1.00 17.42 ? 14  PRO B CD  1 
ATOM   782  N N   . ASP B 1 15 ? 14.956  -3.893  -5.386  1.00 12.84 ? 15  ASP B N   1 
ATOM   783  C CA  . ASP B 1 15 ? 16.202  -3.186  -5.663  1.00 16.50 ? 15  ASP B CA  1 
ATOM   784  C C   . ASP B 1 15 ? 16.070  -2.283  -6.876  1.00 12.84 ? 15  ASP B C   1 
ATOM   785  O O   . ASP B 1 15 ? 16.682  -1.210  -6.916  1.00 15.79 ? 15  ASP B O   1 
ATOM   786  C CB  . ASP B 1 15 ? 17.344  -4.173  -5.867  1.00 16.70 ? 15  ASP B CB  1 
ATOM   787  C CG  . ASP B 1 15 ? 17.752  -4.865  -4.582  1.00 28.02 ? 15  ASP B CG  1 
ATOM   788  O OD1 . ASP B 1 15 ? 17.395  -4.373  -3.480  1.00 25.08 ? 15  ASP B OD1 1 
ATOM   789  O OD2 . ASP B 1 15 ? 18.431  -5.908  -4.677  1.00 34.66 ? 15  ASP B OD2 1 
ATOM   790  N N   . SER B 1 16 ? 15.299  -2.707  -7.883  1.00 12.44 ? 16  SER B N   1 
ATOM   791  C CA  . SER B 1 16 ? 15.137  -1.872  -9.074  1.00 11.35 ? 16  SER B CA  1 
ATOM   792  C C   . SER B 1 16 ? 14.311  -0.633  -8.770  1.00 12.42 ? 16  SER B C   1 
ATOM   793  O O   . SER B 1 16 ? 14.626  0.461   -9.260  1.00 12.69 ? 16  SER B O   1 
ATOM   794  C CB  . SER B 1 16 ? 14.501  -2.664  -10.214 1.00 17.33 ? 16  SER B CB  1 
ATOM   795  O OG  . SER B 1 16 ? 15.506  -3.388  -10.912 1.00 21.71 ? 16  SER B OG  1 
ATOM   796  N N   . LEU B 1 17 ? 13.247  -0.794  -7.982  1.00 12.43 ? 17  LEU B N   1 
ATOM   797  C CA  . LEU B 1 17 ? 12.463  0.354   -7.532  1.00 10.62 ? 17  LEU B CA  1 
ATOM   798  C C   . LEU B 1 17 ? 13.333  1.317   -6.732  1.00 11.28 ? 17  LEU B C   1 
ATOM   799  O O   . LEU B 1 17 ? 13.293  2.536   -6.953  1.00 10.05 ? 17  LEU B O   1 
ATOM   800  C CB  . LEU B 1 17 ? 11.269  -0.128  -6.696  1.00 10.67 ? 17  LEU B CB  1 
ATOM   801  C CG  . LEU B 1 17 ? 10.277  0.959   -6.259  1.00 11.52 ? 17  LEU B CG  1 
ATOM   802  C CD1 . LEU B 1 17 ? 9.567   1.463   -7.493  1.00 14.16 ? 17  LEU B CD1 1 
ATOM   803  C CD2 . LEU B 1 17 ? 9.266   0.420   -5.241  1.00 15.49 ? 17  LEU B CD2 1 
ATOM   804  N N   . ARG B 1 18 ? 14.161  0.777   -5.827  1.00 11.05 ? 18  ARG B N   1 
ATOM   805  C CA  . ARG B 1 18 ? 15.067  1.604   -5.039  1.00 12.39 ? 18  ARG B CA  1 
ATOM   806  C C   . ARG B 1 18 ? 16.048  2.342   -5.939  1.00 14.85 ? 18  ARG B C   1 
ATOM   807  O O   . ARG B 1 18 ? 16.271  3.551   -5.783  1.00 13.74 ? 18  ARG B O   1 
ATOM   808  C CB  . ARG B 1 18 ? 15.824  0.735   -4.029  1.00 14.89 ? 18  ARG B CB  1 
ATOM   809  C CG  . ARG B 1 18 ? 16.913  1.465   -3.248  1.00 17.94 ? 18  ARG B CG  1 
ATOM   810  C CD  . ARG B 1 18 ? 17.970  0.480   -2.753  1.00 18.89 ? 18  ARG B CD  1 
ATOM   811  N NE  . ARG B 1 18 ? 18.717  -0.094  -3.866  1.00 20.80 ? 18  ARG B NE  1 
ATOM   812  C CZ  . ARG B 1 18 ? 19.379  -1.245  -3.819  1.00 26.19 ? 18  ARG B CZ  1 
ATOM   813  N NH1 . ARG B 1 18 ? 19.391  -1.965  -2.704  1.00 26.20 ? 18  ARG B NH1 1 
ATOM   814  N NH2 . ARG B 1 18 ? 20.028  -1.679  -4.894  1.00 22.62 ? 18  ARG B NH2 1 
ATOM   815  N N   . ASP B 1 19 ? 16.639  1.626   -6.899  1.00 11.58 ? 19  ASP B N   1 
ATOM   816  C CA  . ASP B 1 19 ? 17.660  2.254   -7.727  1.00 12.87 ? 19  ASP B CA  1 
ATOM   817  C C   . ASP B 1 19 ? 17.062  3.333   -8.615  1.00 15.60 ? 19  ASP B C   1 
ATOM   818  O O   . ASP B 1 19 ? 17.714  4.356   -8.849  1.00 16.76 ? 19  ASP B O   1 
ATOM   819  C CB  . ASP B 1 19 ? 18.391  1.194   -8.543  1.00 16.04 ? 19  ASP B CB  1 
ATOM   820  C CG  . ASP B 1 19 ? 19.315  0.338   -7.680  1.00 17.42 ? 19  ASP B CG  1 
ATOM   821  O OD1 . ASP B 1 19 ? 19.694  0.781   -6.573  1.00 19.94 ? 19  ASP B OD1 1 
ATOM   822  O OD2 . ASP B 1 19 ? 19.665  -0.774  -8.112  1.00 23.65 ? 19  ASP B OD2 1 
ATOM   823  N N   . TYR B 1 20 ? 15.814  3.157   -9.060  1.00 12.10 ? 20  TYR B N   1 
ATOM   824  C CA  . TYR B 1 20 ? 15.184  4.190   -9.877  1.00 13.19 ? 20  TYR B CA  1 
ATOM   825  C C   . TYR B 1 20 ? 14.959  5.456   -9.062  1.00 12.29 ? 20  TYR B C   1 
ATOM   826  O O   . TYR B 1 20 ? 15.285  6.566   -9.508  1.00 15.84 ? 20  TYR B O   1 
ATOM   827  C CB  . TYR B 1 20 ? 13.857  3.682   -10.460 1.00 11.88 ? 20  TYR B CB  1 
ATOM   828  C CG  . TYR B 1 20 ? 13.167  4.713   -11.336 1.00 13.86 ? 20  TYR B CG  1 
ATOM   829  C CD1 . TYR B 1 20 ? 13.472  4.814   -12.689 1.00 14.65 ? 20  TYR B CD1 1 
ATOM   830  C CD2 . TYR B 1 20 ? 12.225  5.587   -10.803 1.00 13.97 ? 20  TYR B CD2 1 
ATOM   831  C CE1 . TYR B 1 20 ? 12.866  5.767   -13.487 1.00 15.09 ? 20  TYR B CE1 1 
ATOM   832  C CE2 . TYR B 1 20 ? 11.604  6.540   -11.591 1.00 13.57 ? 20  TYR B CE2 1 
ATOM   833  C CZ  . TYR B 1 20 ? 11.932  6.623   -12.933 1.00 17.75 ? 20  TYR B CZ  1 
ATOM   834  O OH  . TYR B 1 20 ? 11.319  7.566   -13.726 1.00 16.95 ? 20  TYR B OH  1 
ATOM   835  N N   . PHE B 1 21 ? 14.377  5.315   -7.877  1.00 11.51 ? 21  PHE B N   1 
ATOM   836  C CA  . PHE B 1 21 ? 13.980  6.505   -7.144  1.00 12.39 ? 21  PHE B CA  1 
ATOM   837  C C   . PHE B 1 21 ? 15.142  7.134   -6.402  1.00 11.85 ? 21  PHE B C   1 
ATOM   838  O O   . PHE B 1 21 ? 15.054  8.306   -6.032  1.00 13.41 ? 21  PHE B O   1 
ATOM   839  C CB  . PHE B 1 21 ? 12.811  6.170   -6.214  1.00 13.74 ? 21  PHE B CB  1 
ATOM   840  C CG  . PHE B 1 21 ? 11.504  6.145   -6.949  1.00 13.62 ? 21  PHE B CG  1 
ATOM   841  C CD1 . PHE B 1 21 ? 10.947  7.333   -7.406  1.00 20.92 ? 21  PHE B CD1 1 
ATOM   842  C CD2 . PHE B 1 21 ? 10.901  4.956   -7.296  1.00 11.34 ? 21  PHE B CD2 1 
ATOM   843  C CE1 . PHE B 1 21 ? 9.763   7.327   -8.135  1.00 21.53 ? 21  PHE B CE1 1 
ATOM   844  C CE2 . PHE B 1 21 ? 9.736   4.946   -8.021  1.00 14.89 ? 21  PHE B CE2 1 
ATOM   845  C CZ  . PHE B 1 21 ? 9.157   6.130   -8.430  1.00 20.91 ? 21  PHE B CZ  1 
ATOM   846  N N   . SER B 1 22 ? 16.238  6.393   -6.206  1.00 14.24 ? 22  SER B N   1 
ATOM   847  C CA  . SER B 1 22 ? 17.402  6.982   -5.554  1.00 13.79 ? 22  SER B CA  1 
ATOM   848  C C   . SER B 1 22 ? 18.027  8.082   -6.400  1.00 17.80 ? 22  SER B C   1 
ATOM   849  O O   . SER B 1 22 ? 18.770  8.909   -5.856  1.00 17.14 ? 22  SER B O   1 
ATOM   850  C CB  . SER B 1 22 ? 18.431  5.897   -5.236  1.00 18.03 ? 22  SER B CB  1 
ATOM   851  O OG  . SER B 1 22 ? 19.100  5.473   -6.416  1.00 22.07 ? 22  SER B OG  1 
ATOM   852  N N   . LYS B 1 23 ? 17.733  8.111   -7.704  1.00 14.87 ? 23  LYS B N   1 
ATOM   853  C CA  . LYS B 1 23 ? 18.161  9.217   -8.556  1.00 14.87 ? 23  LYS B CA  1 
ATOM   854  C C   . LYS B 1 23 ? 17.565  10.547  -8.123  1.00 18.73 ? 23  LYS B C   1 
ATOM   855  O O   . LYS B 1 23 ? 18.115  11.598  -8.472  1.00 22.87 ? 23  LYS B O   1 
ATOM   856  C CB  . LYS B 1 23 ? 17.769  8.956   -10.010 1.00 18.96 ? 23  LYS B CB  1 
ATOM   857  C CG  . LYS B 1 23 ? 18.822  8.228   -10.828 1.00 31.43 ? 23  LYS B CG  1 
ATOM   858  C CD  . LYS B 1 23 ? 18.832  6.749   -10.522 1.00 31.11 ? 23  LYS B CD  1 
ATOM   859  C CE  . LYS B 1 23 ? 19.335  5.942   -11.709 1.00 35.48 ? 23  LYS B CE  1 
ATOM   860  N NZ  . LYS B 1 23 ? 19.212  4.480   -11.455 1.00 33.39 ? 23  LYS B NZ  1 
ATOM   861  N N   . PHE B 1 24 ? 16.457  10.529  -7.379  1.00 13.22 ? 24  PHE B N   1 
ATOM   862  C CA  . PHE B 1 24 ? 15.791  11.750  -6.939  1.00 15.01 ? 24  PHE B CA  1 
ATOM   863  C C   . PHE B 1 24 ? 16.120  12.132  -5.503  1.00 19.02 ? 24  PHE B C   1 
ATOM   864  O O   . PHE B 1 24 ? 15.772  13.239  -5.079  1.00 19.15 ? 24  PHE B O   1 
ATOM   865  C CB  . PHE B 1 24 ? 14.267  11.605  -7.088  1.00 15.27 ? 24  PHE B CB  1 
ATOM   866  C CG  . PHE B 1 24 ? 13.817  11.313  -8.494  1.00 15.92 ? 24  PHE B CG  1 
ATOM   867  C CD1 . PHE B 1 24 ? 13.681  10.008  -8.928  1.00 14.64 ? 24  PHE B CD1 1 
ATOM   868  C CD2 . PHE B 1 24 ? 13.510  12.335  -9.373  1.00 17.61 ? 24  PHE B CD2 1 
ATOM   869  C CE1 . PHE B 1 24 ? 13.268  9.731   -10.220 1.00 16.40 ? 24  PHE B CE1 1 
ATOM   870  C CE2 . PHE B 1 24 ? 13.101  12.062  -10.673 1.00 18.72 ? 24  PHE B CE2 1 
ATOM   871  C CZ  . PHE B 1 24 ? 12.982  10.754  -11.093 1.00 20.03 ? 24  PHE B CZ  1 
ATOM   872  N N   . GLY B 1 25 ? 16.767  11.264  -4.745  1.00 17.92 ? 25  GLY B N   1 
ATOM   873  C CA  . GLY B 1 25 ? 17.081  11.591  -3.369  1.00 18.85 ? 25  GLY B CA  1 
ATOM   874  C C   . GLY B 1 25 ? 17.307  10.344  -2.550  1.00 15.80 ? 25  GLY B C   1 
ATOM   875  O O   . GLY B 1 25 ? 17.044  9.224   -2.984  1.00 16.56 ? 25  GLY B O   1 
ATOM   876  N N   . GLU B 1 26 ? 17.803  10.566  -1.333  1.00 18.34 ? 26  GLU B N   1 
ATOM   877  C CA  . GLU B 1 26 ? 18.087  9.474   -0.412  1.00 16.88 ? 26  GLU B CA  1 
ATOM   878  C C   . GLU B 1 26 ? 16.814  8.739   -0.026  1.00 16.40 ? 26  GLU B C   1 
ATOM   879  O O   . GLU B 1 26 ? 15.779  9.354   0.237   1.00 15.17 ? 26  GLU B O   1 
ATOM   880  C CB  . GLU B 1 26 ? 18.744  10.021  0.853   1.00 18.89 ? 26  GLU B CB  1 
ATOM   881  C CG  . GLU B 1 26 ? 20.143  10.556  0.646   1.00 25.55 ? 26  GLU B CG  1 
ATOM   882  C CD  . GLU B 1 26 ? 20.744  11.057  1.937   1.00 32.79 ? 26  GLU B CD  1 
ATOM   883  O OE1 . GLU B 1 26 ? 21.949  10.812  2.169   1.00 39.90 ? 26  GLU B OE1 1 
ATOM   884  O OE2 . GLU B 1 26 ? 20.010  11.704  2.716   1.00 39.29 ? 26  GLU B OE2 1 
ATOM   885  N N   . ILE B 1 27 ? 16.909  7.413   0.058   1.00 14.53 ? 27  ILE B N   1 
ATOM   886  C CA  . ILE B 1 27 ? 15.769  6.555   0.369   1.00 14.45 ? 27  ILE B CA  1 
ATOM   887  C C   . ILE B 1 27 ? 15.849  6.097   1.819   1.00 14.43 ? 27  ILE B C   1 
ATOM   888  O O   . ILE B 1 27 ? 16.901  5.633   2.275   1.00 17.29 ? 27  ILE B O   1 
ATOM   889  C CB  . ILE B 1 27 ? 15.740  5.341   -0.573  1.00 15.58 ? 27  ILE B CB  1 
ATOM   890  C CG1 . ILE B 1 27 ? 15.794  5.815   -2.027  1.00 22.29 ? 27  ILE B CG1 1 
ATOM   891  C CG2 . ILE B 1 27 ? 14.532  4.462   -0.289  1.00 17.91 ? 27  ILE B CG2 1 
ATOM   892  C CD1 . ILE B 1 27 ? 14.468  6.176   -2.571  1.00 23.64 ? 27  ILE B CD1 1 
ATOM   893  N N   . ARG B 1 28 ? 14.738  6.205   2.541   1.00 11.59 ? 28  ARG B N   1 
ATOM   894  C CA  . ARG B 1 28 ? 14.604  5.566   3.847   1.00 12.68 ? 28  ARG B CA  1 
ATOM   895  C C   . ARG B 1 28 ? 14.117  4.125   3.739   1.00 12.99 ? 28  ARG B C   1 
ATOM   896  O O   . ARG B 1 28 ? 14.634  3.237   4.430   1.00 16.06 ? 28  ARG B O   1 
ATOM   897  C CB  . ARG B 1 28 ? 13.632  6.355   4.722   1.00 16.34 ? 28  ARG B CB  1 
ATOM   898  C CG  . ARG B 1 28 ? 14.196  7.629   5.272   1.00 20.14 ? 28  ARG B CG  1 
ATOM   899  C CD  . ARG B 1 28 ? 13.275  8.196   6.339   1.00 20.02 ? 28  ARG B CD  1 
ATOM   900  N NE  . ARG B 1 28 ? 13.396  7.470   7.598   1.00 19.79 ? 28  ARG B NE  1 
ATOM   901  C CZ  . ARG B 1 28 ? 12.898  7.902   8.752   1.00 25.11 ? 28  ARG B CZ  1 
ATOM   902  N NH1 . ARG B 1 28 ? 12.245  9.056   8.794   1.00 24.10 ? 28  ARG B NH1 1 
ATOM   903  N NH2 . ARG B 1 28 ? 13.052  7.178   9.863   1.00 25.99 ? 28  ARG B NH2 1 
ATOM   904  N N   . GLU B 1 29 ? 13.120  3.880   2.889   1.00 13.02 ? 29  GLU B N   1 
ATOM   905  C CA  . GLU B 1 29 ? 12.523  2.560   2.752   1.00 13.76 ? 29  GLU B CA  1 
ATOM   906  C C   . GLU B 1 29 ? 11.905  2.429   1.367   1.00 14.37 ? 29  GLU B C   1 
ATOM   907  O O   . GLU B 1 29 ? 11.429  3.404   0.784   1.00 13.78 ? 29  GLU B O   1 
ATOM   908  C CB  . GLU B 1 29 ? 11.461  2.313   3.824   1.00 16.87 ? 29  GLU B CB  1 
ATOM   909  C CG  . GLU B 1 29 ? 10.931  0.900   3.831   1.00 25.23 ? 29  GLU B CG  1 
ATOM   910  C CD  . GLU B 1 29 ? 9.626   0.789   4.569   1.00 34.52 ? 29  GLU B CD  1 
ATOM   911  O OE1 . GLU B 1 29 ? 8.651   1.471   4.169   1.00 38.47 ? 29  GLU B OE1 1 
ATOM   912  O OE2 . GLU B 1 29 ? 9.580   0.020   5.548   1.00 38.85 ? 29  GLU B OE2 1 
ATOM   913  N N   . CYS B 1 30 ? 11.940  1.211   0.842   1.00 12.10 ? 30  CYS B N   1 
ATOM   914  C CA  . CYS B 1 30 ? 11.425  0.935   -0.495  1.00 13.84 ? 30  CYS B CA  1 
ATOM   915  C C   . CYS B 1 30 ? 10.880  -0.479  -0.478  1.00 13.21 ? 30  CYS B C   1 
ATOM   916  O O   . CYS B 1 30 ? 11.612  -1.405  -0.131  1.00 17.07 ? 30  CYS B O   1 
ATOM   917  C CB  . CYS B 1 30 ? 12.540  1.071   -1.540  1.00 16.00 ? 30  CYS B CB  1 
ATOM   918  S SG  . CYS B 1 30 ? 12.007  0.753   -3.205  1.00 22.58 ? 30  CYS B SG  1 
ATOM   919  N N   . MET B 1 31 ? 9.611   -0.657  -0.835  1.00 11.24 ? 31  MET B N   1 
ATOM   920  C CA  . MET B 1 31 ? 9.066   -2.005  -0.879  1.00 11.43 ? 31  MET B CA  1 
ATOM   921  C C   . MET B 1 31 ? 8.222   -2.214  -2.128  1.00 11.50 ? 31  MET B C   1 
ATOM   922  O O   . MET B 1 31 ? 7.655   -1.269  -2.690  1.00 13.65 ? 31  MET B O   1 
ATOM   923  C CB  . MET B 1 31 ? 8.229   -2.298  0.344   1.00 18.77 ? 31  MET B CB  1 
ATOM   924  C CG  . MET B 1 31 ? 7.126   -1.324  0.503   1.00 21.15 ? 31  MET B CG  1 
ATOM   925  S SD  . MET B 1 31 ? 6.143   -1.707  1.959   1.00 38.32 ? 31  MET B SD  1 
ATOM   926  C CE  . MET B 1 31 ? 7.415   -2.268  3.097   1.00 32.31 ? 31  MET B CE  1 
ATOM   927  N N   . VAL B 1 32 ? 8.123   -3.482  -2.527  1.00 10.82 ? 32  VAL B N   1 
ATOM   928  C CA  . VAL B 1 32 ? 7.292   -3.923  -3.638  1.00 11.13 ? 32  VAL B CA  1 
ATOM   929  C C   . VAL B 1 32 ? 6.418   -5.079  -3.164  1.00 13.24 ? 32  VAL B C   1 
ATOM   930  O O   . VAL B 1 32 ? 6.806   -5.870  -2.297  1.00 14.96 ? 32  VAL B O   1 
ATOM   931  C CB  . VAL B 1 32 ? 8.155   -4.335  -4.853  1.00 16.09 ? 32  VAL B CB  1 
ATOM   932  C CG1 . VAL B 1 32 ? 7.360   -5.131  -5.852  1.00 23.56 ? 32  VAL B CG1 1 
ATOM   933  C CG2 . VAL B 1 32 ? 8.727   -3.114  -5.526  1.00 14.42 ? 32  VAL B CG2 1 
ATOM   934  N N   . MET B 1 33 ? 5.216   -5.164  -3.722  1.00 10.46 ? 33  MET B N   1 
ATOM   935  C CA  . MET B 1 33 ? 4.383   -6.332  -3.471  1.00 14.06 ? 33  MET B CA  1 
ATOM   936  C C   . MET B 1 33 ? 3.539   -6.613  -4.698  1.00 15.52 ? 33  MET B C   1 
ATOM   937  O O   . MET B 1 33 ? 3.285   -5.725  -5.515  1.00 13.28 ? 33  MET B O   1 
ATOM   938  C CB  . MET B 1 33 ? 3.491   -6.138  -2.243  1.00 15.01 ? 33  MET B CB  1 
ATOM   939  C CG  . MET B 1 33 ? 2.404   -5.107  -2.448  1.00 15.09 ? 33  MET B CG  1 
ATOM   940  S SD  . MET B 1 33 ? 1.712   -4.566  -0.883  1.00 23.75 ? 33  MET B SD  1 
ATOM   941  C CE  . MET B 1 33 ? 3.212   -4.032  -0.086  1.00 29.54 ? 33  MET B CE  1 
ATOM   942  N N   . ARG B 1 34 ? 3.117   -7.866  -4.833  1.00 13.85 ? 34  ARG B N   1 
ATOM   943  C CA  . ARG B 1 34 ? 2.129   -8.187  -5.852  1.00 17.12 ? 34  ARG B CA  1 
ATOM   944  C C   . ARG B 1 34 ? 0.834   -7.440  -5.571  1.00 17.18 ? 34  ARG B C   1 
ATOM   945  O O   . ARG B 1 34 ? 0.344   -7.415  -4.436  1.00 18.31 ? 34  ARG B O   1 
ATOM   946  C CB  . ARG B 1 34 ? 1.879   -9.694  -5.892  1.00 16.72 ? 34  ARG B CB  1 
ATOM   947  C CG  . ARG B 1 34 ? 1.027   -10.160 -7.070  1.00 25.23 ? 34  ARG B CG  1 
ATOM   948  C CD  . ARG B 1 34 ? -0.216  -10.887 -6.587  1.00 27.90 ? 34  ARG B CD  1 
ATOM   949  N NE  . ARG B 1 34 ? -0.854  -11.733 -7.602  1.00 35.19 ? 34  ARG B NE  1 
ATOM   950  C CZ  . ARG B 1 34 ? -1.432  -11.298 -8.722  1.00 32.09 ? 34  ARG B CZ  1 
ATOM   951  N NH1 . ARG B 1 34 ? -1.445  -10.000 -9.031  1.00 33.34 ? 34  ARG B NH1 1 
ATOM   952  N NH2 . ARG B 1 34 ? -1.994  -12.172 -9.550  1.00 28.73 ? 34  ARG B NH2 1 
ATOM   953  N N   . ASP B 1 35 ? 0.287   -6.826  -6.600  1.00 15.25 ? 35  ASP B N   1 
ATOM   954  C CA  . ASP B 1 35 ? -1.012  -6.181  -6.512  1.00 17.31 ? 35  ASP B CA  1 
ATOM   955  C C   . ASP B 1 35 ? -2.076  -7.265  -6.410  1.00 20.58 ? 35  ASP B C   1 
ATOM   956  O O   . ASP B 1 35 ? -2.341  -7.946  -7.410  1.00 19.91 ? 35  ASP B O   1 
ATOM   957  C CB  . ASP B 1 35 ? -1.227  -5.308  -7.739  1.00 18.03 ? 35  ASP B CB  1 
ATOM   958  C CG  . ASP B 1 35 ? -2.600  -4.665  -7.782  1.00 23.28 ? 35  ASP B CG  1 
ATOM   959  O OD1 . ASP B 1 35 ? -3.458  -4.947  -6.909  1.00 20.78 ? 35  ASP B OD1 1 
ATOM   960  O OD2 . ASP B 1 35 ? -2.813  -3.861  -8.711  1.00 25.68 ? 35  ASP B OD2 1 
ATOM   961  N N   . PRO B 1 36 ? -2.712  -7.453  -5.254  1.00 22.74 ? 36  PRO B N   1 
ATOM   962  C CA  . PRO B 1 36 ? -3.668  -8.557  -5.099  1.00 23.79 ? 36  PRO B CA  1 
ATOM   963  C C   . PRO B 1 36 ? -5.036  -8.294  -5.707  1.00 22.08 ? 36  PRO B C   1 
ATOM   964  O O   . PRO B 1 36 ? -5.920  -9.152  -5.577  1.00 26.04 ? 36  PRO B O   1 
ATOM   965  C CB  . PRO B 1 36 ? -3.765  -8.702  -3.575  1.00 23.44 ? 36  PRO B CB  1 
ATOM   966  C CG  . PRO B 1 36 ? -3.594  -7.317  -3.070  1.00 25.47 ? 36  PRO B CG  1 
ATOM   967  C CD  . PRO B 1 36 ? -2.645  -6.611  -4.047  1.00 21.95 ? 36  PRO B CD  1 
ATOM   968  N N   . THR B 1 37 ? -5.241  -7.165  -6.371  1.00 19.73 ? 37  THR B N   1 
ATOM   969  C CA  . THR B 1 37 ? -6.560  -6.814  -6.879  1.00 22.67 ? 37  THR B CA  1 
ATOM   970  C C   . THR B 1 37 ? -6.785  -7.237  -8.327  1.00 27.12 ? 37  THR B C   1 
ATOM   971  O O   . THR B 1 37 ? -7.857  -6.960  -8.879  1.00 28.46 ? 37  THR B O   1 
ATOM   972  C CB  . THR B 1 37 ? -6.788  -5.310  -6.751  1.00 20.77 ? 37  THR B CB  1 
ATOM   973  O OG1 . THR B 1 37 ? -5.948  -4.616  -7.678  1.00 24.50 ? 37  THR B OG1 1 
ATOM   974  C CG2 . THR B 1 37 ? -6.487  -4.848  -5.332  1.00 24.83 ? 37  THR B CG2 1 
ATOM   975  N N   . THR B 1 38 ? -5.811  -7.879  -8.963  1.00 22.58 ? 38  THR B N   1 
ATOM   976  C CA  . THR B 1 38 ? -5.993  -8.401  -10.308 1.00 21.55 ? 38  THR B CA  1 
ATOM   977  C C   . THR B 1 38 ? -5.543  -9.850  -10.343 1.00 23.25 ? 38  THR B C   1 
ATOM   978  O O   . THR B 1 38 ? -4.693  -10.268 -9.559  1.00 19.94 ? 38  THR B O   1 
ATOM   979  C CB  . THR B 1 38 ? -5.214  -7.599  -11.354 1.00 28.40 ? 38  THR B CB  1 
ATOM   980  O OG1 . THR B 1 38 ? -5.350  -8.237  -12.633 1.00 29.99 ? 38  THR B OG1 1 
ATOM   981  C CG2 . THR B 1 38 ? -3.740  -7.534  -10.992 1.00 23.90 ? 38  THR B CG2 1 
ATOM   982  N N   . LYS B 1 39 ? -6.139  -10.620 -11.254 1.00 20.81 ? 39  LYS B N   1 
ATOM   983  C CA  . LYS B 1 39 ? -5.738  -12.006 -11.445 1.00 22.85 ? 39  LYS B CA  1 
ATOM   984  C C   . LYS B 1 39 ? -4.471  -12.127 -12.277 1.00 22.99 ? 39  LYS B C   1 
ATOM   985  O O   . LYS B 1 39 ? -3.793  -13.155 -12.215 1.00 26.27 ? 39  LYS B O   1 
ATOM   986  C CB  . LYS B 1 39 ? -6.874  -12.787 -12.105 1.00 22.64 ? 39  LYS B CB  1 
ATOM   987  C CG  . LYS B 1 39 ? -8.099  -12.911 -11.221 1.00 32.43 ? 39  LYS B CG  1 
ATOM   988  C CD  . LYS B 1 39 ? -7.685  -13.354 -9.828  1.00 39.34 ? 39  LYS B CD  1 
ATOM   989  C CE  . LYS B 1 39 ? -8.820  -13.253 -8.826  1.00 45.26 ? 39  LYS B CE  1 
ATOM   990  N NZ  . LYS B 1 39 ? -8.374  -13.726 -7.484  1.00 48.46 ? 39  LYS B NZ  1 
ATOM   991  N N   . ARG B 1 40 ? -4.150  -11.112 -13.055 1.00 19.02 ? 40  ARG B N   1 
ATOM   992  C CA  . ARG B 1 40 ? -2.896  -11.091 -13.774 1.00 22.23 ? 40  ARG B CA  1 
ATOM   993  C C   . ARG B 1 40 ? -1.819  -10.514 -12.862 1.00 23.54 ? 40  ARG B C   1 
ATOM   994  O O   . ARG B 1 40 ? -2.071  -10.177 -11.704 1.00 25.26 ? 40  ARG B O   1 
ATOM   995  C CB  . ARG B 1 40 ? -3.077  -10.317 -15.071 1.00 26.05 ? 40  ARG B CB  1 
ATOM   996  C CG  . ARG B 1 40 ? -4.340  -10.760 -15.778 1.00 28.04 ? 40  ARG B CG  1 
ATOM   997  C CD  . ARG B 1 40 ? -4.515  -10.048 -17.071 1.00 25.14 ? 40  ARG B CD  1 
ATOM   998  N NE  . ARG B 1 40 ? -3.473  -10.425 -18.013 1.00 25.62 ? 40  ARG B NE  1 
ATOM   999  C CZ  . ARG B 1 40 ? -3.264  -9.804  -19.162 1.00 25.74 ? 40  ARG B CZ  1 
ATOM   1000 N NH1 . ARG B 1 40 ? -4.033  -8.767  -19.490 1.00 26.74 ? 40  ARG B NH1 1 
ATOM   1001 N NH2 . ARG B 1 40 ? -2.284  -10.210 -19.972 1.00 20.22 ? 40  ARG B NH2 1 
ATOM   1002 N N   . SER B 1 41 ? -0.602  -10.419 -13.365 1.00 21.23 ? 41  SER B N   1 
ATOM   1003 C CA  . SER B 1 41 ? 0.546   -10.138 -12.515 1.00 19.29 ? 41  SER B CA  1 
ATOM   1004 C C   . SER B 1 41 ? 0.994   -8.696  -12.702 1.00 19.98 ? 41  SER B C   1 
ATOM   1005 O O   . SER B 1 41 ? 1.427   -8.304  -13.790 1.00 20.61 ? 41  SER B O   1 
ATOM   1006 C CB  . SER B 1 41 ? 1.685   -11.102 -12.808 1.00 22.28 ? 41  SER B CB  1 
ATOM   1007 O OG  . SER B 1 41 ? 2.635   -11.021 -11.766 1.00 31.57 ? 41  SER B OG  1 
ATOM   1008 N N   . ARG B 1 42 ? 0.901   -7.918  -11.627 1.00 16.28 ? 42  ARG B N   1 
ATOM   1009 C CA  . ARG B 1 42 ? 1.439   -6.570  -11.594 1.00 12.40 ? 42  ARG B CA  1 
ATOM   1010 C C   . ARG B 1 42 ? 1.753   -6.272  -10.134 1.00 14.59 ? 42  ARG B C   1 
ATOM   1011 O O   . ARG B 1 42 ? 1.364   -7.020  -9.234  1.00 15.73 ? 42  ARG B O   1 
ATOM   1012 C CB  . ARG B 1 42 ? 0.476   -5.549  -12.208 1.00 20.92 ? 42  ARG B CB  1 
ATOM   1013 C CG  . ARG B 1 42 ? -0.710  -5.218  -11.346 1.00 23.39 ? 42  ARG B CG  1 
ATOM   1014 C CD  . ARG B 1 42 ? -1.748  -4.394  -12.093 1.00 27.13 ? 42  ARG B CD  1 
ATOM   1015 N NE  . ARG B 1 42 ? -2.898  -4.131  -11.235 1.00 31.82 ? 42  ARG B NE  1 
ATOM   1016 C CZ  . ARG B 1 42 ? -4.084  -3.726  -11.675 1.00 32.52 ? 42  ARG B CZ  1 
ATOM   1017 N NH1 . ARG B 1 42 ? -4.283  -3.540  -12.974 1.00 37.14 ? 42  ARG B NH1 1 
ATOM   1018 N NH2 . ARG B 1 42 ? -5.072  -3.519  -10.815 1.00 31.67 ? 42  ARG B NH2 1 
ATOM   1019 N N   . GLY B 1 43 ? 2.501   -5.196  -9.892  1.00 13.98 ? 43  GLY B N   1 
ATOM   1020 C CA  . GLY B 1 43 ? 2.940   -4.865  -8.556  1.00 13.18 ? 43  GLY B CA  1 
ATOM   1021 C C   . GLY B 1 43 ? 2.493   -3.478  -8.130  1.00 13.22 ? 43  GLY B C   1 
ATOM   1022 O O   . GLY B 1 43 ? 2.116   -2.634  -8.953  1.00 13.80 ? 43  GLY B O   1 
ATOM   1023 N N   . PHE B 1 44 ? 2.551   -3.233  -6.828  1.00 13.27 ? 44  PHE B N   1 
ATOM   1024 C CA  . PHE B 1 44 ? 2.691   -1.837  -6.475  1.00 16.05 ? 44  PHE B CA  1 
ATOM   1025 C C   . PHE B 1 44 ? 3.811   -1.648  -5.475  1.00 12.50 ? 44  PHE B C   1 
ATOM   1026 O O   . PHE B 1 44 ? 4.361   -2.594  -4.896  1.00 12.56 ? 44  PHE B O   1 
ATOM   1027 C CB  . PHE B 1 44 ? 1.411   -1.108  -6.022  1.00 23.24 ? 44  PHE B CB  1 
ATOM   1028 C CG  . PHE B 1 44 ? 0.481   -1.864  -5.140  1.00 21.72 ? 44  PHE B CG  1 
ATOM   1029 C CD1 . PHE B 1 44 ? 0.826   -2.217  -3.852  1.00 27.42 ? 44  PHE B CD1 1 
ATOM   1030 C CD2 . PHE B 1 44 ? -0.821  -2.076  -5.569  1.00 26.26 ? 44  PHE B CD2 1 
ATOM   1031 C CE1 . PHE B 1 44 ? -0.111  -2.847  -3.035  1.00 25.45 ? 44  PHE B CE1 1 
ATOM   1032 C CE2 . PHE B 1 44 ? -1.750  -2.690  -4.763  1.00 30.61 ? 44  PHE B CE2 1 
ATOM   1033 C CZ  . PHE B 1 44 ? -1.403  -3.078  -3.503  1.00 22.06 ? 44  PHE B CZ  1 
ATOM   1034 N N   . GLY B 1 45 ? 4.224   -0.398  -5.406  1.00 11.65 ? 45  GLY B N   1 
ATOM   1035 C CA  . GLY B 1 45 ? 5.428   -0.036  -4.697  1.00 13.56 ? 45  GLY B CA  1 
ATOM   1036 C C   . GLY B 1 45 ? 5.153   1.105   -3.748  1.00 12.07 ? 45  GLY B C   1 
ATOM   1037 O O   . GLY B 1 45 ? 4.243   1.920   -3.950  1.00 12.59 ? 45  GLY B O   1 
ATOM   1038 N N   . PHE B 1 46 ? 5.970   1.163   -2.708  1.00 12.91 ? 46  PHE B N   1 
ATOM   1039 C CA  . PHE B 1 46 ? 5.947   2.258   -1.751  1.00 12.99 ? 46  PHE B CA  1 
ATOM   1040 C C   . PHE B 1 46 ? 7.377   2.713   -1.542  1.00 13.14 ? 46  PHE B C   1 
ATOM   1041 O O   . PHE B 1 46 ? 8.255   1.889   -1.271  1.00 15.44 ? 46  PHE B O   1 
ATOM   1042 C CB  . PHE B 1 46 ? 5.333   1.830   -0.417  1.00 13.85 ? 46  PHE B CB  1 
ATOM   1043 C CG  . PHE B 1 46 ? 3.861   1.578   -0.479  1.00 19.66 ? 46  PHE B CG  1 
ATOM   1044 C CD1 . PHE B 1 46 ? 3.378   0.306   -0.719  1.00 20.81 ? 46  PHE B CD1 1 
ATOM   1045 C CD2 . PHE B 1 46 ? 2.958   2.612   -0.292  1.00 23.62 ? 46  PHE B CD2 1 
ATOM   1046 C CE1 . PHE B 1 46 ? 2.016   0.064   -0.763  1.00 22.91 ? 46  PHE B CE1 1 
ATOM   1047 C CE2 . PHE B 1 46 ? 1.591   2.369   -0.335  1.00 22.67 ? 46  PHE B CE2 1 
ATOM   1048 C CZ  . PHE B 1 46 ? 1.128   1.105   -0.576  1.00 19.65 ? 46  PHE B CZ  1 
ATOM   1049 N N   . VAL B 1 47 ? 7.624   4.014   -1.679  1.00 9.47  ? 47  VAL B N   1 
ATOM   1050 C CA  . VAL B 1 47 ? 8.960   4.571   -1.495  1.00 10.47 ? 47  VAL B CA  1 
ATOM   1051 C C   . VAL B 1 47 ? 8.867   5.671   -0.451  1.00 13.84 ? 47  VAL B C   1 
ATOM   1052 O O   . VAL B 1 47 ? 8.054   6.593   -0.590  1.00 13.22 ? 47  VAL B O   1 
ATOM   1053 C CB  . VAL B 1 47 ? 9.531   5.129   -2.811  1.00 11.74 ? 47  VAL B CB  1 
ATOM   1054 C CG1 . VAL B 1 47 ? 10.896  5.788   -2.569  1.00 12.62 ? 47  VAL B CG1 1 
ATOM   1055 C CG2 . VAL B 1 47 ? 9.633   4.029   -3.836  1.00 13.71 ? 47  VAL B CG2 1 
ATOM   1056 N N   . THR B 1 48 ? 9.706   5.584   0.583   1.00 10.34 ? 48  THR B N   1 
ATOM   1057 C CA  . THR B 1 48 ? 9.821   6.634   1.592   1.00 12.25 ? 48  THR B CA  1 
ATOM   1058 C C   . THR B 1 48 ? 11.167  7.330   1.432   1.00 14.71 ? 48  THR B C   1 
ATOM   1059 O O   . THR B 1 48 ? 12.216  6.705   1.602   1.00 13.25 ? 48  THR B O   1 
ATOM   1060 C CB  . THR B 1 48 ? 9.700   6.068   3.003   1.00 14.26 ? 48  THR B CB  1 
ATOM   1061 O OG1 . THR B 1 48 ? 8.474   5.340   3.111   1.00 17.23 ? 48  THR B OG1 1 
ATOM   1062 C CG2 . THR B 1 48 ? 9.708   7.201   4.038   1.00 15.92 ? 48  THR B CG2 1 
ATOM   1063 N N   . PHE B 1 49 ? 11.131  8.621   1.137   1.00 11.75 ? 49  PHE B N   1 
ATOM   1064 C CA  . PHE B 1 49 ? 12.343  9.416   0.977   1.00 13.64 ? 49  PHE B CA  1 
ATOM   1065 C C   . PHE B 1 49 ? 12.778  10.003  2.315   1.00 15.96 ? 49  PHE B C   1 
ATOM   1066 O O   . PHE B 1 49 ? 11.950  10.295  3.179   1.00 16.19 ? 49  PHE B O   1 
ATOM   1067 C CB  . PHE B 1 49 ? 12.105  10.572  -0.009  1.00 13.19 ? 49  PHE B CB  1 
ATOM   1068 C CG  . PHE B 1 49 ? 12.159  10.178  -1.472  1.00 14.65 ? 49  PHE B CG  1 
ATOM   1069 C CD1 . PHE B 1 49 ? 11.011  10.195  -2.242  1.00 16.93 ? 49  PHE B CD1 1 
ATOM   1070 C CD2 . PHE B 1 49 ? 13.367  9.847   -2.081  1.00 14.45 ? 49  PHE B CD2 1 
ATOM   1071 C CE1 . PHE B 1 49 ? 11.052  9.864   -3.597  1.00 18.34 ? 49  PHE B CE1 1 
ATOM   1072 C CE2 . PHE B 1 49 ? 13.423  9.520   -3.434  1.00 15.91 ? 49  PHE B CE2 1 
ATOM   1073 C CZ  . PHE B 1 49 ? 12.259  9.520   -4.192  1.00 15.46 ? 49  PHE B CZ  1 
ATOM   1074 N N   . ALA B 1 50 ? 14.089  10.236  2.455   1.00 13.29 ? 50  ALA B N   1 
ATOM   1075 C CA  . ALA B 1 50 ? 14.586  10.904  3.659   1.00 13.72 ? 50  ALA B CA  1 
ATOM   1076 C C   . ALA B 1 50 ? 14.127  12.358  3.712   1.00 16.74 ? 50  ALA B C   1 
ATOM   1077 O O   . ALA B 1 50 ? 13.821  12.876  4.791   1.00 18.43 ? 50  ALA B O   1 
ATOM   1078 C CB  . ALA B 1 50 ? 16.110  10.825  3.724   1.00 15.82 ? 50  ALA B CB  1 
ATOM   1079 N N   . ASP B 1 51 ? 14.046  13.023  2.560   1.00 15.34 ? 51  ASP B N   1 
ATOM   1080 C CA  . ASP B 1 51 ? 13.705  14.440  2.463   1.00 19.77 ? 51  ASP B CA  1 
ATOM   1081 C C   . ASP B 1 51 ? 12.489  14.616  1.563   1.00 21.49 ? 51  ASP B C   1 
ATOM   1082 O O   . ASP B 1 51 ? 12.508  14.156  0.413   1.00 15.86 ? 51  ASP B O   1 
ATOM   1083 C CB  . ASP B 1 51 ? 14.901  15.250  1.899   1.00 22.96 ? 51  ASP B CB  1 
ATOM   1084 C CG  . ASP B 1 51 ? 14.676  16.772  1.929   1.00 28.92 ? 51  ASP B CG  1 
ATOM   1085 O OD1 . ASP B 1 51 ? 13.521  17.239  1.949   1.00 28.46 ? 51  ASP B OD1 1 
ATOM   1086 O OD2 . ASP B 1 51 ? 15.684  17.513  1.919   1.00 38.20 ? 51  ASP B OD2 1 
ATOM   1087 N N   . PRO B 1 52 ? 11.431  15.281  2.035   1.00 21.69 ? 52  PRO B N   1 
ATOM   1088 C CA  . PRO B 1 52 ? 10.266  15.538  1.168   1.00 22.81 ? 52  PRO B CA  1 
ATOM   1089 C C   . PRO B 1 52 ? 10.597  16.272  -0.113  1.00 20.80 ? 52  PRO B C   1 
ATOM   1090 O O   . PRO B 1 52 ? 9.838   16.159  -1.083  1.00 20.83 ? 52  PRO B O   1 
ATOM   1091 C CB  . PRO B 1 52 ? 9.342   16.385  2.058   1.00 23.99 ? 52  PRO B CB  1 
ATOM   1092 C CG  . PRO B 1 52 ? 9.754   16.064  3.451   1.00 29.13 ? 52  PRO B CG  1 
ATOM   1093 C CD  . PRO B 1 52 ? 11.227  15.786  3.405   1.00 26.20 ? 52  PRO B CD  1 
ATOM   1094 N N   . ALA B 1 53 ? 11.701  17.023  -0.159  1.00 20.25 ? 53  ALA B N   1 
ATOM   1095 C CA  . ALA B 1 53 ? 12.066  17.716  -1.392  1.00 19.79 ? 53  ALA B CA  1 
ATOM   1096 C C   . ALA B 1 53 ? 12.224  16.740  -2.547  1.00 21.02 ? 53  ALA B C   1 
ATOM   1097 O O   . ALA B 1 53 ? 11.923  17.080  -3.699  1.00 20.10 ? 53  ALA B O   1 
ATOM   1098 C CB  . ALA B 1 53 ? 13.353  18.519  -1.189  1.00 24.10 ? 53  ALA B CB  1 
ATOM   1099 N N   . SER B 1 54 ? 12.659  15.511  -2.251  1.00 17.20 ? 54  SER B N   1 
ATOM   1100 C CA  . SER B 1 54 ? 12.787  14.500  -3.293  1.00 16.40 ? 54  SER B CA  1 
ATOM   1101 C C   . SER B 1 54 ? 11.449  14.213  -3.958  1.00 15.30 ? 54  SER B C   1 
ATOM   1102 O O   . SER B 1 54 ? 11.387  13.967  -5.169  1.00 14.81 ? 54  SER B O   1 
ATOM   1103 C CB  . SER B 1 54 ? 13.379  13.222  -2.701  1.00 16.18 ? 54  SER B CB  1 
ATOM   1104 O OG  . SER B 1 54 ? 14.656  13.489  -2.143  1.00 20.21 ? 54  SER B OG  1 
ATOM   1105 N N   . VAL B 1 55 ? 10.367  14.232  -3.177  1.00 14.39 ? 55  VAL B N   1 
ATOM   1106 C CA  . VAL B 1 55 ? 9.031   14.002  -3.713  1.00 14.59 ? 55  VAL B CA  1 
ATOM   1107 C C   . VAL B 1 55 ? 8.687   15.052  -4.760  1.00 14.22 ? 55  VAL B C   1 
ATOM   1108 O O   . VAL B 1 55 ? 8.071   14.753  -5.785  1.00 15.42 ? 55  VAL B O   1 
ATOM   1109 C CB  . VAL B 1 55 ? 8.006   13.997  -2.568  1.00 16.47 ? 55  VAL B CB  1 
ATOM   1110 C CG1 . VAL B 1 55 ? 6.588   13.946  -3.107  1.00 15.41 ? 55  VAL B CG1 1 
ATOM   1111 C CG2 . VAL B 1 55 ? 8.287   12.832  -1.622  1.00 15.50 ? 55  VAL B CG2 1 
ATOM   1112 N N   . ASP B 1 56 ? 9.059   16.308  -4.507  1.00 14.26 ? 56  ASP B N   1 
ATOM   1113 C CA  . ASP B 1 56 ? 8.781   17.359  -5.474  1.00 15.55 ? 56  ASP B CA  1 
ATOM   1114 C C   . ASP B 1 56 ? 9.457   17.073  -6.804  1.00 15.31 ? 56  ASP B C   1 
ATOM   1115 O O   . ASP B 1 56 ? 8.859   17.277  -7.870  1.00 15.96 ? 56  ASP B O   1 
ATOM   1116 C CB  . ASP B 1 56 ? 9.244   18.705  -4.933  1.00 17.84 ? 56  ASP B CB  1 
ATOM   1117 C CG  . ASP B 1 56 ? 8.777   19.858  -5.794  1.00 17.20 ? 56  ASP B CG  1 
ATOM   1118 O OD1 . ASP B 1 56 ? 7.551   20.107  -5.834  1.00 18.53 ? 56  ASP B OD1 1 
ATOM   1119 O OD2 . ASP B 1 56 ? 9.642   20.520  -6.411  1.00 21.29 ? 56  ASP B OD2 1 
ATOM   1120 N N   . LYS B 1 57 ? 10.703  16.590  -6.762  1.00 14.06 ? 57  LYS B N   1 
ATOM   1121 C CA  . LYS B 1 57 ? 11.423  16.291  -7.997  1.00 14.82 ? 57  LYS B CA  1 
ATOM   1122 C C   . LYS B 1 57 ? 10.762  15.159  -8.773  1.00 12.98 ? 57  LYS B C   1 
ATOM   1123 O O   . LYS B 1 57 ? 10.703  15.196  -10.004 1.00 16.06 ? 57  LYS B O   1 
ATOM   1124 C CB  . LYS B 1 57 ? 12.871  15.934  -7.682  1.00 18.37 ? 57  LYS B CB  1 
ATOM   1125 C CG  . LYS B 1 57 ? 13.728  17.099  -7.257  1.00 19.51 ? 57  LYS B CG  1 
ATOM   1126 C CD  . LYS B 1 57 ? 15.169  16.653  -7.107  1.00 22.44 ? 57  LYS B CD  1 
ATOM   1127 C CE  . LYS B 1 57 ? 15.490  16.368  -5.658  1.00 27.02 ? 57  LYS B CE  1 
ATOM   1128 N NZ  . LYS B 1 57 ? 16.936  16.044  -5.494  1.00 31.54 ? 57  LYS B NZ  1 
ATOM   1129 N N   . VAL B 1 58 ? 10.292  14.123  -8.075  1.00 14.25 ? 58  VAL B N   1 
ATOM   1130 C CA  . VAL B 1 58 ? 9.576   13.040  -8.745  1.00 12.03 ? 58  VAL B CA  1 
ATOM   1131 C C   . VAL B 1 58 ? 8.297   13.570  -9.380  1.00 14.60 ? 58  VAL B C   1 
ATOM   1132 O O   . VAL B 1 58 ? 7.985   13.277  -10.542 1.00 17.34 ? 58  VAL B O   1 
ATOM   1133 C CB  . VAL B 1 58 ? 9.261   11.913  -7.748  1.00 12.70 ? 58  VAL B CB  1 
ATOM   1134 C CG1 . VAL B 1 58 ? 8.308   10.892  -8.373  1.00 14.50 ? 58  VAL B CG1 1 
ATOM   1135 C CG2 . VAL B 1 58 ? 10.535  11.237  -7.270  1.00 13.55 ? 58  VAL B CG2 1 
ATOM   1136 N N   . LEU B 1 59 ? 7.508   14.318  -8.599  1.00 14.22 ? 59  LEU B N   1 
ATOM   1137 C CA  . LEU B 1 59 ? 6.233   14.831  -9.100  1.00 15.47 ? 59  LEU B CA  1 
ATOM   1138 C C   . LEU B 1 59 ? 6.428   15.781  -10.276 1.00 17.86 ? 59  LEU B C   1 
ATOM   1139 O O   . LEU B 1 59 ? 5.577   15.837  -11.172 1.00 18.41 ? 59  LEU B O   1 
ATOM   1140 C CB  . LEU B 1 59 ? 5.461   15.537  -7.980  1.00 17.01 ? 59  LEU B CB  1 
ATOM   1141 C CG  . LEU B 1 59 ? 5.001   14.641  -6.825  1.00 18.67 ? 59  LEU B CG  1 
ATOM   1142 C CD1 . LEU B 1 59 ? 4.307   15.451  -5.744  1.00 19.98 ? 59  LEU B CD1 1 
ATOM   1143 C CD2 . LEU B 1 59 ? 4.102   13.509  -7.331  1.00 20.22 ? 59  LEU B CD2 1 
ATOM   1144 N N   . GLY B 1 60 ? 7.543   16.517  -10.302 1.00 17.67 ? 60  GLY B N   1 
ATOM   1145 C CA  . GLY B 1 60 ? 7.756   17.493  -11.356 1.00 19.39 ? 60  GLY B CA  1 
ATOM   1146 C C   . GLY B 1 60 ? 8.189   16.916  -12.685 1.00 18.51 ? 60  GLY B C   1 
ATOM   1147 O O   . GLY B 1 60 ? 8.025   17.574  -13.720 1.00 21.09 ? 60  GLY B O   1 
ATOM   1148 N N   . GLN B 1 61 ? 8.736   15.713  -12.689 1.00 16.90 ? 61  GLN B N   1 
ATOM   1149 C CA  . GLN B 1 61 ? 9.209   15.128  -13.937 1.00 16.94 ? 61  GLN B CA  1 
ATOM   1150 C C   . GLN B 1 61 ? 8.024   14.620  -14.756 1.00 18.70 ? 61  GLN B C   1 
ATOM   1151 O O   . GLN B 1 61 ? 7.172   13.903  -14.220 1.00 19.29 ? 61  GLN B O   1 
ATOM   1152 C CB  . GLN B 1 61 ? 10.186  14.001  -13.644 1.00 16.59 ? 61  GLN B CB  1 
ATOM   1153 C CG  . GLN B 1 61 ? 10.632  13.267  -14.899 1.00 21.41 ? 61  GLN B CG  1 
ATOM   1154 C CD  . GLN B 1 61 ? 11.790  12.329  -14.662 1.00 24.27 ? 61  GLN B CD  1 
ATOM   1155 O OE1 . GLN B 1 61 ? 12.822  12.721  -14.105 1.00 27.28 ? 61  GLN B OE1 1 
ATOM   1156 N NE2 . GLN B 1 61 ? 11.640  11.083  -15.107 1.00 24.12 ? 61  GLN B NE2 1 
ATOM   1157 N N   . PRO B 1 62 ? 7.926   14.972  -16.044 1.00 16.73 ? 62  PRO B N   1 
ATOM   1158 C CA  . PRO B 1 62 ? 6.696   14.645  -16.793 1.00 20.94 ? 62  PRO B CA  1 
ATOM   1159 C C   . PRO B 1 62 ? 6.475   13.161  -17.040 1.00 22.42 ? 62  PRO B C   1 
ATOM   1160 O O   . PRO B 1 62 ? 5.324   12.708  -16.963 1.00 24.34 ? 62  PRO B O   1 
ATOM   1161 C CB  . PRO B 1 62 ? 6.874   15.403  -18.118 1.00 21.10 ? 62  PRO B CB  1 
ATOM   1162 C CG  . PRO B 1 62 ? 7.870   16.463  -17.837 1.00 20.28 ? 62  PRO B CG  1 
ATOM   1163 C CD  . PRO B 1 62 ? 8.774   15.945  -16.760 1.00 18.56 ? 62  PRO B CD  1 
ATOM   1164 N N   . HIS B 1 63 ? 7.515   12.395  -17.386 1.00 16.76 ? 63  HIS B N   1 
ATOM   1165 C CA  . HIS B 1 63 ? 7.364   10.994  -17.770 1.00 17.77 ? 63  HIS B CA  1 
ATOM   1166 C C   . HIS B 1 63 ? 8.237   10.125  -16.868 1.00 17.15 ? 63  HIS B C   1 
ATOM   1167 O O   . HIS B 1 63 ? 9.423   10.418  -16.676 1.00 19.98 ? 63  HIS B O   1 
ATOM   1168 C CB  . HIS B 1 63 ? 7.775   10.747  -19.236 1.00 18.04 ? 63  HIS B CB  1 
ATOM   1169 C CG  . HIS B 1 63 ? 6.954   11.473  -20.267 1.00 21.20 ? 63  HIS B CG  1 
ATOM   1170 N ND1 . HIS B 1 63 ? 5.576   11.419  -20.317 1.00 23.80 ? 63  HIS B ND1 1 
ATOM   1171 C CD2 . HIS B 1 63 ? 7.335   12.217  -21.334 1.00 21.81 ? 63  HIS B CD2 1 
ATOM   1172 C CE1 . HIS B 1 63 ? 5.143   12.127  -21.348 1.00 18.23 ? 63  HIS B CE1 1 
ATOM   1173 N NE2 . HIS B 1 63 ? 6.192   12.623  -21.980 1.00 23.33 ? 63  HIS B NE2 1 
ATOM   1174 N N   . HIS B 1 64 ? 7.658   9.068   -16.308 1.00 12.90 ? 64  HIS B N   1 
ATOM   1175 C CA  . HIS B 1 64 ? 8.419   8.063   -15.579 1.00 12.31 ? 64  HIS B CA  1 
ATOM   1176 C C   . HIS B 1 64 ? 8.208   6.717   -16.244 1.00 12.86 ? 64  HIS B C   1 
ATOM   1177 O O   . HIS B 1 64 ? 7.100   6.405   -16.677 1.00 15.77 ? 64  HIS B O   1 
ATOM   1178 C CB  . HIS B 1 64 ? 7.983   7.950   -14.108 1.00 14.57 ? 64  HIS B CB  1 
ATOM   1179 C CG  . HIS B 1 64 ? 8.335   9.137   -13.275 1.00 13.33 ? 64  HIS B CG  1 
ATOM   1180 N ND1 . HIS B 1 64 ? 9.576   9.295   -12.695 1.00 13.13 ? 64  HIS B ND1 1 
ATOM   1181 C CD2 . HIS B 1 64 ? 7.605   10.221  -12.912 1.00 13.83 ? 64  HIS B CD2 1 
ATOM   1182 C CE1 . HIS B 1 64 ? 9.594   10.421  -12.006 1.00 16.74 ? 64  HIS B CE1 1 
ATOM   1183 N NE2 . HIS B 1 64 ? 8.418   11.009  -12.134 1.00 14.18 ? 64  HIS B NE2 1 
ATOM   1184 N N   . GLU B 1 65 ? 9.263   5.910   -16.296 1.00 15.46 ? 65  GLU B N   1 
ATOM   1185 C CA  . GLU B 1 65 ? 9.159   4.577   -16.868 1.00 13.88 ? 65  GLU B CA  1 
ATOM   1186 C C   . GLU B 1 65 ? 10.072  3.656   -16.071 1.00 14.63 ? 65  GLU B C   1 
ATOM   1187 O O   . GLU B 1 65 ? 11.196  4.035   -15.742 1.00 15.44 ? 65  GLU B O   1 
ATOM   1188 C CB  . GLU B 1 65 ? 9.536   4.575   -18.356 1.00 14.94 ? 65  GLU B CB  1 
ATOM   1189 C CG  . GLU B 1 65 ? 9.458   3.211   -19.023 1.00 15.53 ? 65  GLU B CG  1 
ATOM   1190 C CD  . GLU B 1 65 ? 10.056  3.206   -20.428 1.00 22.17 ? 65  GLU B CD  1 
ATOM   1191 O OE1 . GLU B 1 65 ? 9.756   4.125   -21.211 1.00 29.15 ? 65  GLU B OE1 1 
ATOM   1192 O OE2 . GLU B 1 65 ? 10.845  2.290   -20.743 1.00 30.24 ? 65  GLU B OE2 1 
ATOM   1193 N N   . LEU B 1 66 ? 9.571   2.470   -15.728 1.00 13.62 ? 66  LEU B N   1 
ATOM   1194 C CA  . LEU B 1 66 ? 10.357  1.497   -14.974 1.00 13.23 ? 66  LEU B CA  1 
ATOM   1195 C C   . LEU B 1 66 ? 10.049  0.107   -15.502 1.00 12.50 ? 66  LEU B C   1 
ATOM   1196 O O   . LEU B 1 66 ? 8.887   -0.310  -15.522 1.00 12.53 ? 66  LEU B O   1 
ATOM   1197 C CB  . LEU B 1 66 ? 10.063  1.596   -13.471 1.00 13.49 ? 66  LEU B CB  1 
ATOM   1198 C CG  . LEU B 1 66 ? 10.819  0.690   -12.490 1.00 14.35 ? 66  LEU B CG  1 
ATOM   1199 C CD1 . LEU B 1 66 ? 12.320  0.848   -12.624 1.00 19.29 ? 66  LEU B CD1 1 
ATOM   1200 C CD2 . LEU B 1 66 ? 10.396  1.065   -11.106 1.00 14.72 ? 66  LEU B CD2 1 
ATOM   1201 N N   . ASP B 1 67 ? 11.084  -0.608  -15.948 1.00 16.89 ? 67  ASP B N   1 
ATOM   1202 C CA  . ASP B 1 67 ? 10.893  -1.946  -16.502 1.00 16.11 ? 67  ASP B CA  1 
ATOM   1203 C C   . ASP B 1 67 ? 9.836   -1.937  -17.610 1.00 16.64 ? 67  ASP B C   1 
ATOM   1204 O O   . ASP B 1 67 ? 8.958   -2.804  -17.681 1.00 16.98 ? 67  ASP B O   1 
ATOM   1205 C CB  . ASP B 1 67 ? 10.562  -2.937  -15.382 1.00 17.43 ? 67  ASP B CB  1 
ATOM   1206 C CG  . ASP B 1 67 ? 11.761  -3.188  -14.476 1.00 22.99 ? 67  ASP B CG  1 
ATOM   1207 O OD1 . ASP B 1 67 ? 12.851  -3.466  -15.017 1.00 26.76 ? 67  ASP B OD1 1 
ATOM   1208 O OD2 . ASP B 1 67 ? 11.637  -3.087  -13.240 1.00 21.57 ? 67  ASP B OD2 1 
ATOM   1209 N N   . SER B 1 68 ? 9.912   -0.907  -18.467 1.00 15.71 ? 68  SER B N   1 
ATOM   1210 C CA  . SER B 1 68 ? 9.112   -0.705  -19.671 1.00 18.86 ? 68  SER B CA  1 
ATOM   1211 C C   . SER B 1 68 ? 7.656   -0.340  -19.407 1.00 15.13 ? 68  SER B C   1 
ATOM   1212 O O   . SER B 1 68 ? 6.844   -0.332  -20.352 1.00 18.17 ? 68  SER B O   1 
ATOM   1213 C CB  . SER B 1 68 ? 9.164   -1.928  -20.588 1.00 23.42 ? 68  SER B CB  1 
ATOM   1214 O OG  . SER B 1 68 ? 10.509  -2.163  -20.964 1.00 28.63 ? 68  SER B OG  1 
ATOM   1215 N N   . LYS B 1 69 ? 7.280   -0.053  -18.164 1.00 13.07 ? 69  LYS B N   1 
ATOM   1216 C CA  . LYS B 1 69 ? 5.935   0.388   -17.837 1.00 13.82 ? 69  LYS B CA  1 
ATOM   1217 C C   . LYS B 1 69 ? 5.994   1.855   -17.450 1.00 13.67 ? 69  LYS B C   1 
ATOM   1218 O O   . LYS B 1 69 ? 6.866   2.263   -16.675 1.00 13.82 ? 69  LYS B O   1 
ATOM   1219 C CB  . LYS B 1 69 ? 5.318   -0.408  -16.680 1.00 14.75 ? 69  LYS B CB  1 
ATOM   1220 C CG  . LYS B 1 69 ? 5.087   -1.891  -16.932 1.00 22.64 ? 69  LYS B CG  1 
ATOM   1221 C CD  . LYS B 1 69 ? 3.971   -2.132  -17.927 1.00 26.86 ? 69  LYS B CD  1 
ATOM   1222 C CE  . LYS B 1 69 ? 2.694   -1.411  -17.536 1.00 26.63 ? 69  LYS B CE  1 
ATOM   1223 N NZ  . LYS B 1 69 ? 2.097   -1.929  -16.268 1.00 27.70 ? 69  LYS B NZ  1 
ATOM   1224 N N   . THR B 1 70 ? 5.079   2.637   -17.992 1.00 11.81 ? 70  THR B N   1 
ATOM   1225 C CA  . THR B 1 70 ? 4.838   3.970   -17.466 1.00 11.32 ? 70  THR B CA  1 
ATOM   1226 C C   . THR B 1 70 ? 4.333   3.868   -16.033 1.00 13.31 ? 70  THR B C   1 
ATOM   1227 O O   . THR B 1 70 ? 3.427   3.079   -15.733 1.00 15.18 ? 70  THR B O   1 
ATOM   1228 C CB  . THR B 1 70 ? 3.816   4.696   -18.339 1.00 13.77 ? 70  THR B CB  1 
ATOM   1229 O OG1 . THR B 1 70 ? 4.426   5.014   -19.590 1.00 14.18 ? 70  THR B OG1 1 
ATOM   1230 C CG2 . THR B 1 70 ? 3.347   5.980   -17.662 1.00 16.88 ? 70  THR B CG2 1 
ATOM   1231 N N   . ILE B 1 71 ? 4.938   4.639   -15.140 1.00 11.14 ? 71  ILE B N   1 
ATOM   1232 C CA  . ILE B 1 71 ? 4.465   4.719   -13.761 1.00 12.87 ? 71  ILE B CA  1 
ATOM   1233 C C   . ILE B 1 71 ? 4.152   6.171   -13.443 1.00 12.77 ? 71  ILE B C   1 
ATOM   1234 O O   . ILE B 1 71 ? 4.709   7.095   -14.043 1.00 13.32 ? 71  ILE B O   1 
ATOM   1235 C CB  . ILE B 1 71 ? 5.479   4.127   -12.755 1.00 13.76 ? 71  ILE B CB  1 
ATOM   1236 C CG1 . ILE B 1 71 ? 6.836   4.848   -12.840 1.00 11.85 ? 71  ILE B CG1 1 
ATOM   1237 C CG2 . ILE B 1 71 ? 5.620   2.628   -12.991 1.00 15.93 ? 71  ILE B CG2 1 
ATOM   1238 C CD1 . ILE B 1 71 ? 7.848   4.459   -11.717 1.00 13.90 ? 71  ILE B CD1 1 
ATOM   1239 N N   . ASP B 1 72 ? 3.238   6.373   -12.496 1.00 14.40 ? 72  ASP B N   1 
ATOM   1240 C CA  . ASP B 1 72 ? 2.778   7.710   -12.135 1.00 13.40 ? 72  ASP B CA  1 
ATOM   1241 C C   . ASP B 1 72 ? 2.774   7.790   -10.615 1.00 15.19 ? 72  ASP B C   1 
ATOM   1242 O O   . ASP B 1 72 ? 1.751   7.557   -9.972  1.00 15.85 ? 72  ASP B O   1 
ATOM   1243 C CB  . ASP B 1 72 ? 1.409   8.003   -12.734 1.00 18.45 ? 72  ASP B CB  1 
ATOM   1244 C CG  . ASP B 1 72 ? 1.018   9.474   -12.617 1.00 23.67 ? 72  ASP B CG  1 
ATOM   1245 O OD1 . ASP B 1 72 ? 1.908   10.332  -12.405 1.00 23.88 ? 72  ASP B OD1 1 
ATOM   1246 O OD2 . ASP B 1 72 ? -0.191  9.766   -12.703 1.00 30.13 ? 72  ASP B OD2 1 
ATOM   1247 N N   . PRO B 1 73 ? 3.907   8.128   -10.016 1.00 15.07 ? 73  PRO B N   1 
ATOM   1248 C CA  . PRO B 1 73 ? 3.994   8.121   -8.550  1.00 13.09 ? 73  PRO B CA  1 
ATOM   1249 C C   . PRO B 1 73 ? 3.075   9.162   -7.935  1.00 12.88 ? 73  PRO B C   1 
ATOM   1250 O O   . PRO B 1 73 ? 2.936   10.278  -8.439  1.00 13.18 ? 73  PRO B O   1 
ATOM   1251 C CB  . PRO B 1 73 ? 5.469   8.441   -8.281  1.00 14.58 ? 73  PRO B CB  1 
ATOM   1252 C CG  . PRO B 1 73 ? 6.183   8.137   -9.601  1.00 15.91 ? 73  PRO B CG  1 
ATOM   1253 C CD  . PRO B 1 73 ? 5.186   8.476   -10.654 1.00 14.12 ? 73  PRO B CD  1 
ATOM   1254 N N   . LYS B 1 74 ? 2.433   8.771   -6.840  1.00 12.10 ? 74  LYS B N   1 
ATOM   1255 C CA  . LYS B 1 74 ? 1.519   9.615   -6.092  1.00 14.99 ? 74  LYS B CA  1 
ATOM   1256 C C   . LYS B 1 74 ? 1.997   9.693   -4.651  1.00 16.38 ? 74  LYS B C   1 
ATOM   1257 O O   . LYS B 1 74 ? 2.740   8.829   -4.182  1.00 15.67 ? 74  LYS B O   1 
ATOM   1258 C CB  . LYS B 1 74 ? 0.100   9.056   -6.130  1.00 15.62 ? 74  LYS B CB  1 
ATOM   1259 C CG  . LYS B 1 74 ? -0.411  8.794   -7.526  1.00 21.65 ? 74  LYS B CG  1 
ATOM   1260 C CD  . LYS B 1 74 ? -0.724  10.096  -8.211  1.00 20.77 ? 74  LYS B CD  1 
ATOM   1261 C CE  . LYS B 1 74 ? -1.125  9.844   -9.645  1.00 29.33 ? 74  LYS B CE  1 
ATOM   1262 N NZ  . LYS B 1 74 ? -1.869  8.566   -9.738  1.00 34.98 ? 74  LYS B NZ  1 
ATOM   1263 N N   . VAL B 1 75 ? 1.565   10.734  -3.941  1.00 16.24 ? 75  VAL B N   1 
ATOM   1264 C CA  . VAL B 1 75 ? 1.922   10.912  -2.537  1.00 13.98 ? 75  VAL B CA  1 
ATOM   1265 C C   . VAL B 1 75 ? 0.853   10.289  -1.652  1.00 14.56 ? 75  VAL B C   1 
ATOM   1266 O O   . VAL B 1 75 ? -0.344  10.374  -1.941  1.00 17.92 ? 75  VAL B O   1 
ATOM   1267 C CB  . VAL B 1 75 ? 2.105   12.407  -2.206  1.00 20.85 ? 75  VAL B CB  1 
ATOM   1268 C CG1 . VAL B 1 75 ? 3.186   12.995  -3.059  1.00 23.71 ? 75  VAL B CG1 1 
ATOM   1269 C CG2 . VAL B 1 75 ? 0.786   13.174  -2.387  1.00 26.19 ? 75  VAL B CG2 1 
ATOM   1270 N N   . ALA B 1 76 ? 1.281   9.694   -0.539  1.00 14.07 ? 76  ALA B N   1 
ATOM   1271 C CA  . ALA B 1 76 ? 0.378   9.035   0.398   1.00 15.33 ? 76  ALA B CA  1 
ATOM   1272 C C   . ALA B 1 76 ? 0.837   9.350   1.813   1.00 12.65 ? 76  ALA B C   1 
ATOM   1273 O O   . ALA B 1 76 ? 2.027   9.537   2.065   1.00 14.78 ? 76  ALA B O   1 
ATOM   1274 C CB  . ALA B 1 76 ? 0.344   7.514   0.186   1.00 19.21 ? 76  ALA B CB  1 
ATOM   1275 N N   . PHE B 1 77 ? -0.119  9.423   2.739   1.00 13.38 ? 77  PHE B N   1 
ATOM   1276 C CA  . PHE B 1 77 ? 0.156   9.844   4.114   1.00 15.10 ? 77  PHE B CA  1 
ATOM   1277 C C   . PHE B 1 77 ? -0.438  8.839   5.089   1.00 15.95 ? 77  PHE B C   1 
ATOM   1278 O O   . PHE B 1 77 ? -1.524  9.056   5.635   1.00 18.10 ? 77  PHE B O   1 
ATOM   1279 C CB  . PHE B 1 77 ? -0.393  11.250  4.364   1.00 16.61 ? 77  PHE B CB  1 
ATOM   1280 C CG  . PHE B 1 77 ? 0.228   12.295  3.476   1.00 14.57 ? 77  PHE B CG  1 
ATOM   1281 C CD1 . PHE B 1 77 ? -0.266  12.510  2.197   1.00 17.52 ? 77  PHE B CD1 1 
ATOM   1282 C CD2 . PHE B 1 77 ? 1.303   13.040  3.917   1.00 18.12 ? 77  PHE B CD2 1 
ATOM   1283 C CE1 . PHE B 1 77 ? 0.309   13.462  1.366   1.00 16.79 ? 77  PHE B CE1 1 
ATOM   1284 C CE2 . PHE B 1 77 ? 1.883   13.993  3.093   1.00 22.41 ? 77  PHE B CE2 1 
ATOM   1285 C CZ  . PHE B 1 77 ? 1.383   14.199  1.819   1.00 17.98 ? 77  PHE B CZ  1 
ATOM   1286 N N   . PRO B 1 78 ? 0.250   7.727   5.331   1.00 15.19 ? 78  PRO B N   1 
ATOM   1287 C CA  . PRO B 1 78 ? -0.332  6.670   6.171   1.00 16.88 ? 78  PRO B CA  1 
ATOM   1288 C C   . PRO B 1 78 ? -0.636  7.146   7.582   1.00 19.50 ? 78  PRO B C   1 
ATOM   1289 O O   . PRO B 1 78 ? 0.148   7.870   8.198   1.00 21.40 ? 78  PRO B O   1 
ATOM   1290 C CB  . PRO B 1 78 ? 0.749   5.581   6.180   1.00 20.65 ? 78  PRO B CB  1 
ATOM   1291 C CG  . PRO B 1 78 ? 1.922   6.134   5.471   1.00 21.51 ? 78  PRO B CG  1 
ATOM   1292 C CD  . PRO B 1 78 ? 1.471   7.285   4.640   1.00 18.43 ? 78  PRO B CD  1 
ATOM   1293 N N   . ARG B 1 79 ? -1.784  6.708   8.094   1.00 15.74 ? 79  ARG B N   1 
ATOM   1294 C CA  . ARG B 1 79 ? -2.230  7.006   9.449   1.00 18.06 ? 79  ARG B CA  1 
ATOM   1295 C C   . ARG B 1 79 ? -2.391  5.692   10.193  1.00 19.72 ? 79  ARG B C   1 
ATOM   1296 O O   . ARG B 1 79 ? -3.126  4.814   9.733   1.00 17.15 ? 79  ARG B O   1 
ATOM   1297 C CB  . ARG B 1 79 ? -3.573  7.730   9.450   1.00 21.73 ? 79  ARG B CB  1 
ATOM   1298 C CG  . ARG B 1 79 ? -3.563  9.142   8.938   1.00 25.29 ? 79  ARG B CG  1 
ATOM   1299 C CD  . ARG B 1 79 ? -4.875  9.795   9.309   1.00 25.63 ? 79  ARG B CD  1 
ATOM   1300 N NE  . ARG B 1 79 ? -5.917  9.549   8.318   1.00 24.40 ? 79  ARG B NE  1 
ATOM   1301 C CZ  . ARG B 1 79 ? -7.211  9.477   8.609   1.00 23.58 ? 79  ARG B CZ  1 
ATOM   1302 N NH1 . ARG B 1 79 ? -7.608  9.608   9.868   1.00 30.50 ? 79  ARG B NH1 1 
ATOM   1303 N NH2 . ARG B 1 79 ? -8.102  9.271   7.650   1.00 25.75 ? 79  ARG B NH2 1 
ATOM   1304 N N   . ARG B 1 80 ? -1.751  5.570   11.355  1.00 19.40 ? 80  ARG B N   1 
ATOM   1305 C CA  . ARG B 1 80 ? -1.801  4.325   12.110  1.00 19.00 ? 80  ARG B CA  1 
ATOM   1306 C C   . ARG B 1 80 ? -2.811  4.414   13.245  1.00 18.06 ? 80  ARG B C   1 
ATOM   1307 O O   . ARG B 1 80 ? -3.068  5.492   13.788  1.00 21.77 ? 80  ARG B O   1 
ATOM   1308 C CB  . ARG B 1 80 ? -0.421  3.964   12.663  1.00 24.39 ? 80  ARG B CB  1 
ATOM   1309 C CG  . ARG B 1 80 ? 0.558   3.535   11.577  1.00 24.89 ? 80  ARG B CG  1 
ATOM   1310 C CD  . ARG B 1 80 ? 2.005   3.852   11.938  1.00 41.14 ? 80  ARG B CD  1 
ATOM   1311 N NE  . ARG B 1 80 ? 2.951   3.327   10.948  1.00 46.30 ? 80  ARG B NE  1 
ATOM   1312 C CZ  . ARG B 1 80 ? 3.408   4.016   9.901   1.00 47.49 ? 80  ARG B CZ  1 
ATOM   1313 N NH1 . ARG B 1 80 ? 3.012   5.268   9.693   1.00 42.14 ? 80  ARG B NH1 1 
ATOM   1314 N NH2 . ARG B 1 80 ? 4.259   3.450   9.052   1.00 48.08 ? 80  ARG B NH2 1 
ATOM   1315 N N   . ALA B 1 81 ? -3.379  3.263   13.606  1.00 18.16 ? 81  ALA B N   1 
ATOM   1316 C CA  . ALA B 1 81 ? -4.403  3.248   14.637  1.00 20.10 ? 81  ALA B CA  1 
ATOM   1317 C C   . ALA B 1 81 ? -3.776  3.328   16.026  1.00 29.60 ? 81  ALA B C   1 
ATOM   1318 O O   . ALA B 1 81 ? -2.629  2.930   16.250  1.00 30.28 ? 81  ALA B O   1 
ATOM   1319 C CB  . ALA B 1 81 ? -5.264  1.992   14.523  1.00 20.37 ? 81  ALA B CB  1 
ATOM   1320 N N   . GLN B 1 82 ? -4.561  3.842   16.967  1.00 34.34 ? 82  GLN B N   1 
ATOM   1321 C CA  . GLN B 1 82 ? -4.140  3.980   18.357  1.00 38.84 ? 82  GLN B CA  1 
ATOM   1322 C C   . GLN B 1 82 ? -4.445  2.719   19.160  1.00 41.38 ? 82  GLN B C   1 
ATOM   1323 O O   . GLN B 1 82 ? -3.569  2.171   19.834  1.00 44.60 ? 82  GLN B O   1 
ATOM   1324 C CB  . GLN B 1 82 ? -4.831  5.186   18.992  1.00 42.45 ? 82  GLN B CB  1 
ATOM   1325 C CG  . GLN B 1 82 ? -4.907  5.114   20.501  1.00 44.84 ? 82  GLN B CG  1 
ATOM   1326 C CD  . GLN B 1 82 ? -3.560  5.362   21.142  1.00 41.09 ? 82  GLN B CD  1 
ATOM   1327 O OE1 . GLN B 1 82 ? -3.063  4.536   21.914  1.00 42.39 ? 82  GLN B OE1 1 
ATOM   1328 N NE2 . GLN B 1 82 ? -2.950  6.497   20.813  1.00 39.63 ? 82  GLN B NE2 1 
HETATM 1329 O O   . HOH C 2 .  ? 4.502   -9.764  5.438   1.00 30.40 ? 101 HOH A O   1 
HETATM 1330 O O   . HOH C 2 .  ? -13.221 4.254   -6.251  1.00 43.69 ? 102 HOH A O   1 
HETATM 1331 O O   . HOH C 2 .  ? -1.296  -10.157 9.068   1.00 26.21 ? 103 HOH A O   1 
HETATM 1332 O O   . HOH C 2 .  ? -15.569 7.028   -0.237  1.00 35.03 ? 104 HOH A O   1 
HETATM 1333 O O   . HOH C 2 .  ? -7.087  -15.628 15.739  1.00 28.73 ? 105 HOH A O   1 
HETATM 1334 O O   . HOH C 2 .  ? -19.980 6.798   -9.125  1.00 31.51 ? 106 HOH A O   1 
HETATM 1335 O O   . HOH C 2 .  ? -18.481 4.719   -6.889  1.00 28.57 ? 107 HOH A O   1 
HETATM 1336 O O   . HOH C 2 .  ? -14.361 -5.363  19.857  1.00 38.95 ? 108 HOH A O   1 
HETATM 1337 O O   . HOH C 2 .  ? -14.925 5.513   10.621  1.00 31.16 ? 109 HOH A O   1 
HETATM 1338 O O   . HOH C 2 .  ? 12.945  -9.857  -3.340  1.00 35.38 ? 110 HOH A O   1 
HETATM 1339 O O   . HOH C 2 .  ? -8.897  9.272   -2.760  1.00 27.81 ? 111 HOH A O   1 
HETATM 1340 O O   . HOH C 2 .  ? -19.152 6.222   4.693   1.00 24.30 ? 112 HOH A O   1 
HETATM 1341 O O   . HOH C 2 .  ? -17.203 -12.096 12.213  1.00 25.20 ? 113 HOH A O   1 
HETATM 1342 O O   . HOH C 2 .  ? -10.898 -11.846 -0.164  1.00 32.36 ? 114 HOH A O   1 
HETATM 1343 O O   . HOH C 2 .  ? -1.061  -6.139  20.055  1.00 29.50 ? 115 HOH A O   1 
HETATM 1344 O O   . HOH C 2 .  ? -17.202 3.639   11.646  1.00 27.43 ? 116 HOH A O   1 
HETATM 1345 O O   . HOH C 2 .  ? -3.434  -20.034 16.118  1.00 35.36 ? 117 HOH A O   1 
HETATM 1346 O O   . HOH C 2 .  ? -6.410  -20.435 4.199   1.00 16.49 ? 118 HOH A O   1 
HETATM 1347 O O   . HOH C 2 .  ? 6.612   -9.929  3.518   1.00 31.06 ? 119 HOH A O   1 
HETATM 1348 O O   . HOH C 2 .  ? -12.108 -4.104  -0.829  1.00 18.58 ? 120 HOH A O   1 
HETATM 1349 O O   . HOH C 2 .  ? -16.894 -9.107  1.150   1.00 15.87 ? 121 HOH A O   1 
HETATM 1350 O O   . HOH C 2 .  ? -14.366 -17.090 9.164   1.00 19.83 ? 122 HOH A O   1 
HETATM 1351 O O   . HOH C 2 .  ? -5.783  2.436   -7.813  1.00 38.62 ? 123 HOH A O   1 
HETATM 1352 O O   . HOH C 2 .  ? -2.472  -13.236 19.681  1.00 21.33 ? 124 HOH A O   1 
HETATM 1353 O O   . HOH C 2 .  ? 14.099  -0.529  2.060   1.00 24.16 ? 125 HOH A O   1 
HETATM 1354 O O   . HOH C 2 .  ? -6.866  1.862   -5.947  1.00 33.29 ? 126 HOH A O   1 
HETATM 1355 O O   . HOH C 2 .  ? -13.114 1.888   19.644  1.00 42.43 ? 127 HOH A O   1 
HETATM 1356 O O   . HOH C 2 .  ? -14.982 -1.221  -1.263  1.00 30.28 ? 128 HOH A O   1 
HETATM 1357 O O   . HOH C 2 .  ? -19.225 -3.384  9.617   1.00 24.45 ? 129 HOH A O   1 
HETATM 1358 O O   . HOH C 2 .  ? -11.317 10.567  -9.794  1.00 42.04 ? 130 HOH A O   1 
HETATM 1359 O O   . HOH C 2 .  ? -3.873  -12.200 15.302  1.00 14.45 ? 131 HOH A O   1 
HETATM 1360 O O   . HOH C 2 .  ? -10.374 10.323  5.345   1.00 25.55 ? 132 HOH A O   1 
HETATM 1361 O O   . HOH C 2 .  ? -14.863 1.463   4.413   1.00 11.93 ? 133 HOH A O   1 
HETATM 1362 O O   . HOH C 2 .  ? -9.017  1.869   -3.031  1.00 31.20 ? 134 HOH A O   1 
HETATM 1363 O O   . HOH C 2 .  ? -2.918  11.968  -5.755  1.00 32.59 ? 135 HOH A O   1 
HETATM 1364 O O   . HOH C 2 .  ? -8.584  -8.814  19.195  1.00 27.99 ? 136 HOH A O   1 
HETATM 1365 O O   . HOH C 2 .  ? -11.738 -14.613 0.798   1.00 30.66 ? 137 HOH A O   1 
HETATM 1366 O O   . HOH C 2 .  ? -10.350 5.912   4.453   1.00 22.07 ? 138 HOH A O   1 
HETATM 1367 O O   . HOH C 2 .  ? -15.463 -0.418  12.933  1.00 20.17 ? 139 HOH A O   1 
HETATM 1368 O O   . HOH C 2 .  ? -9.240  -5.121  -1.195  1.00 22.76 ? 140 HOH A O   1 
HETATM 1369 O O   . HOH C 2 .  ? -15.845 -7.456  12.361  1.00 20.64 ? 141 HOH A O   1 
HETATM 1370 O O   . HOH C 2 .  ? -13.710 -12.842 2.296   1.00 21.97 ? 142 HOH A O   1 
HETATM 1371 O O   . HOH C 2 .  ? -0.321  -2.910  8.756   1.00 23.52 ? 143 HOH A O   1 
HETATM 1372 O O   . HOH C 2 .  ? -25.688 -3.047  6.502   1.00 42.67 ? 144 HOH A O   1 
HETATM 1373 O O   . HOH C 2 .  ? -12.764 3.738   17.404  1.00 39.05 ? 145 HOH A O   1 
HETATM 1374 O O   . HOH C 2 .  ? -18.986 -1.310  -1.930  1.00 15.46 ? 146 HOH A O   1 
HETATM 1375 O O   . HOH C 2 .  ? -0.526  -10.608 -2.734  1.00 27.99 ? 147 HOH A O   1 
HETATM 1376 O O   . HOH C 2 .  ? 9.767   -5.176  10.250  1.00 39.96 ? 148 HOH A O   1 
HETATM 1377 O O   . HOH C 2 .  ? -14.879 -10.941 0.990   1.00 23.02 ? 149 HOH A O   1 
HETATM 1378 O O   . HOH C 2 .  ? -1.036  0.425   14.197  1.00 26.70 ? 150 HOH A O   1 
HETATM 1379 O O   . HOH C 2 .  ? -19.425 -9.507  -0.216  1.00 20.42 ? 151 HOH A O   1 
HETATM 1380 O O   . HOH C 2 .  ? -15.441 -5.001  -2.674  1.00 30.14 ? 152 HOH A O   1 
HETATM 1381 O O   . HOH C 2 .  ? -5.767  -12.545 -1.244  1.00 24.68 ? 153 HOH A O   1 
HETATM 1382 O O   . HOH C 2 .  ? -17.731 -9.382  10.866  1.00 22.95 ? 154 HOH A O   1 
HETATM 1383 O O   . HOH C 2 .  ? -6.111  -5.983  18.640  1.00 26.10 ? 155 HOH A O   1 
HETATM 1384 O O   . HOH C 2 .  ? -9.419  -14.616 18.276  1.00 34.90 ? 156 HOH A O   1 
HETATM 1385 O O   . HOH C 2 .  ? -4.716  -13.382 17.848  1.00 18.70 ? 157 HOH A O   1 
HETATM 1386 O O   . HOH C 2 .  ? -14.357 3.290   15.443  1.00 32.83 ? 158 HOH A O   1 
HETATM 1387 O O   . HOH C 2 .  ? 16.502  0.956   0.224   1.00 27.80 ? 159 HOH A O   1 
HETATM 1388 O O   . HOH C 2 .  ? -11.064 14.059  -1.719  1.00 33.03 ? 160 HOH A O   1 
HETATM 1389 O O   . HOH C 2 .  ? -8.837  7.921   3.631   1.00 29.91 ? 161 HOH A O   1 
HETATM 1390 O O   . HOH C 2 .  ? -16.513 1.654   13.572  1.00 32.02 ? 162 HOH A O   1 
HETATM 1391 O O   . HOH C 2 .  ? -16.401 -0.601  -2.617  1.00 32.54 ? 163 HOH A O   1 
HETATM 1392 O O   . HOH C 2 .  ? -16.682 -2.772  13.840  1.00 24.89 ? 164 HOH A O   1 
HETATM 1393 O O   . HOH C 2 .  ? -3.932  15.883  -3.865  1.00 41.25 ? 165 HOH A O   1 
HETATM 1394 O O   . HOH C 2 .  ? 13.320  -6.270  10.297  1.00 35.35 ? 166 HOH A O   1 
HETATM 1395 O O   . HOH C 2 .  ? -20.954 -13.218 6.666   1.00 36.33 ? 167 HOH A O   1 
HETATM 1396 O O   . HOH C 2 .  ? -17.658 -10.058 13.009  1.00 32.44 ? 168 HOH A O   1 
HETATM 1397 O O   . HOH C 2 .  ? -13.210 -4.325  -3.476  1.00 52.19 ? 169 HOH A O   1 
HETATM 1398 O O   . HOH C 2 .  ? 13.021  -5.178  12.258  1.00 34.88 ? 170 HOH A O   1 
HETATM 1399 O O   . HOH D 2 .  ? -8.062  9.214   5.501   1.00 36.68 ? 101 HOH B O   1 
HETATM 1400 O O   . HOH D 2 .  ? 17.553  -5.670  -1.730  1.00 29.55 ? 102 HOH B O   1 
HETATM 1401 O O   . HOH D 2 .  ? 2.378   -3.955  -15.271 1.00 30.83 ? 103 HOH B O   1 
HETATM 1402 O O   . HOH D 2 .  ? 2.859   0.262   3.540   1.00 34.89 ? 104 HOH B O   1 
HETATM 1403 O O   . HOH D 2 .  ? 12.709  19.574  2.420   1.00 35.11 ? 105 HOH B O   1 
HETATM 1404 O O   . HOH D 2 .  ? 1.651   4.056   -11.632 1.00 20.67 ? 106 HOH B O   1 
HETATM 1405 O O   . HOH D 2 .  ? 2.170   11.995  -10.131 1.00 29.58 ? 107 HOH B O   1 
HETATM 1406 O O   . HOH D 2 .  ? 6.289   8.587   7.310   1.00 34.70 ? 108 HOH B O   1 
HETATM 1407 O O   . HOH D 2 .  ? 7.417   5.111   -21.507 1.00 20.90 ? 109 HOH B O   1 
HETATM 1408 O O   . HOH D 2 .  ? 6.364   -6.426  -17.498 1.00 32.68 ? 110 HOH B O   1 
HETATM 1409 O O   . HOH D 2 .  ? 6.895   -10.214 -9.013  1.00 27.92 ? 111 HOH B O   1 
HETATM 1410 O O   . HOH D 2 .  ? 5.360   20.556  -4.553  1.00 22.70 ? 112 HOH B O   1 
HETATM 1411 O O   . HOH D 2 .  ? 4.349   6.569   11.482  1.00 46.18 ? 113 HOH B O   1 
HETATM 1412 O O   . HOH D 2 .  ? 3.377   13.571  -15.461 1.00 36.27 ? 114 HOH B O   1 
HETATM 1413 O O   . HOH D 2 .  ? 7.373   -4.628  -18.680 1.00 29.34 ? 115 HOH B O   1 
HETATM 1414 O O   . HOH D 2 .  ? 0.771   5.443   -8.755  1.00 22.48 ? 116 HOH B O   1 
HETATM 1415 O O   . HOH D 2 .  ? 14.630  5.271   8.350   1.00 21.92 ? 117 HOH B O   1 
HETATM 1416 O O   . HOH D 2 .  ? 18.374  3.419   2.048   1.00 27.77 ? 118 HOH B O   1 
HETATM 1417 O O   . HOH D 2 .  ? 5.178   12.894  -12.756 1.00 26.40 ? 119 HOH B O   1 
HETATM 1418 O O   . HOH D 2 .  ? 20.185  9.156   -3.595  1.00 26.93 ? 120 HOH B O   1 
HETATM 1419 O O   . HOH D 2 .  ? 4.818   9.209   -15.720 1.00 17.57 ? 121 HOH B O   1 
HETATM 1420 O O   . HOH D 2 .  ? 11.849  17.039  -11.635 1.00 27.23 ? 122 HOH B O   1 
HETATM 1421 O O   . HOH D 2 .  ? 7.493   -1.410  -13.327 1.00 14.63 ? 123 HOH B O   1 
HETATM 1422 O O   . HOH D 2 .  ? 9.558   20.759  -9.137  1.00 41.69 ? 124 HOH B O   1 
HETATM 1423 O O   . HOH D 2 .  ? 15.476  12.251  0.163   1.00 16.22 ? 125 HOH B O   1 
HETATM 1424 O O   . HOH D 2 .  ? 13.761  3.091   -16.066 1.00 30.65 ? 126 HOH B O   1 
HETATM 1425 O O   . HOH D 2 .  ? -1.270  -1.689  -9.437  1.00 30.52 ? 127 HOH B O   1 
HETATM 1426 O O   . HOH D 2 .  ? 8.693   10.118  1.418   1.00 22.16 ? 128 HOH B O   1 
HETATM 1427 O O   . HOH D 2 .  ? 3.101   -6.473  -15.051 1.00 24.26 ? 129 HOH B O   1 
HETATM 1428 O O   . HOH D 2 .  ? 17.469  2.468   -12.274 1.00 39.06 ? 130 HOH B O   1 
HETATM 1429 O O   . HOH D 2 .  ? 6.693   -5.661  -9.064  1.00 20.68 ? 131 HOH B O   1 
HETATM 1430 O O   . HOH D 2 .  ? 8.180   2.816   1.762   1.00 23.25 ? 132 HOH B O   1 
HETATM 1431 O O   . HOH D 2 .  ? 1.450   1.006   -14.942 1.00 28.12 ? 133 HOH B O   1 
HETATM 1432 O O   . HOH D 2 .  ? 20.669  4.512   -9.048  1.00 33.87 ? 134 HOH B O   1 
HETATM 1433 O O   . HOH D 2 .  ? -2.721  11.064  -0.540  1.00 25.23 ? 135 HOH B O   1 
HETATM 1434 O O   . HOH D 2 .  ? 13.535  5.043   -17.020 1.00 32.37 ? 136 HOH B O   1 
HETATM 1435 O O   . HOH D 2 .  ? 20.561  3.199   -5.274  1.00 30.11 ? 137 HOH B O   1 
HETATM 1436 O O   . HOH D 2 .  ? 12.270  0.856   -18.660 1.00 27.29 ? 138 HOH B O   1 
HETATM 1437 O O   . HOH D 2 .  ? 18.402  14.293  -7.406  1.00 35.02 ? 139 HOH B O   1 
HETATM 1438 O O   . HOH D 2 .  ? 13.796  0.383   -16.364 1.00 26.37 ? 140 HOH B O   1 
HETATM 1439 O O   . HOH D 2 .  ? 4.028   11.338  -14.141 1.00 26.89 ? 141 HOH B O   1 
HETATM 1440 O O   . HOH D 2 .  ? 11.676  7.493   -16.766 1.00 27.54 ? 142 HOH B O   1 
HETATM 1441 O O   . HOH D 2 .  ? 6.535   7.048   -19.487 1.00 21.26 ? 143 HOH B O   1 
HETATM 1442 O O   . HOH D 2 .  ? -0.169  12.588  -5.446  1.00 25.63 ? 144 HOH B O   1 
HETATM 1443 O O   . HOH D 2 .  ? -0.068  7.787   12.339  1.00 30.28 ? 145 HOH B O   1 
HETATM 1444 O O   . HOH D 2 .  ? 15.076  -1.852  -13.880 1.00 30.34 ? 146 HOH B O   1 
HETATM 1445 O O   . HOH D 2 .  ? -5.389  7.281   14.362  1.00 29.96 ? 147 HOH B O   1 
HETATM 1446 O O   . HOH D 2 .  ? 16.089  0.765   -11.890 1.00 28.35 ? 148 HOH B O   1 
HETATM 1447 O O   . HOH D 2 .  ? 3.453   -9.220  -9.379  1.00 26.06 ? 149 HOH B O   1 
HETATM 1448 O O   . HOH D 2 .  ? -1.219  6.089   16.132  1.00 35.17 ? 150 HOH B O   1 
HETATM 1449 O O   . HOH D 2 .  ? 10.280  13.319  -18.299 1.00 27.67 ? 151 HOH B O   1 
HETATM 1450 O O   . HOH D 2 .  ? 12.484  -0.086  -22.036 1.00 37.81 ? 152 HOH B O   1 
HETATM 1451 O O   . HOH D 2 .  ? 19.483  5.965   -0.844  1.00 26.59 ? 153 HOH B O   1 
HETATM 1452 O O   . HOH D 2 .  ? -2.351  8.404   12.983  1.00 30.97 ? 154 HOH B O   1 
HETATM 1453 O O   . HOH D 2 .  ? 11.560  -4.496  -19.056 1.00 38.87 ? 155 HOH B O   1 
HETATM 1454 O O   . HOH D 2 .  ? -10.037 10.293  11.825  1.00 36.28 ? 156 HOH B O   1 
HETATM 1455 O O   . HOH D 2 .  ? 17.149  -1.096  -12.493 1.00 29.74 ? 157 HOH B O   1 
HETATM 1456 O O   . HOH D 2 .  ? 16.142  0.408   4.004   1.00 40.20 ? 158 HOH B O   1 
HETATM 1457 O O   . HOH D 2 .  ? 16.735  1.854   2.153   1.00 33.08 ? 159 HOH B O   1 
HETATM 1458 O O   . HOH D 2 .  ? -2.177  -12.245 -4.465  1.00 25.80 ? 160 HOH B O   1 
HETATM 1459 O O   . HOH D 2 .  ? 0.624   -11.565 -16.393 1.00 38.21 ? 161 HOH B O   1 
HETATM 1460 O O   . HOH D 2 .  ? 5.421   -7.461  -7.750  1.00 25.51 ? 162 HOH B O   1 
HETATM 1461 O O   . HOH D 2 .  ? 1.276   -9.869  -17.071 1.00 37.48 ? 163 HOH B O   1 
HETATM 1462 O O   . HOH D 2 .  ? 10.167  -6.268  -19.891 1.00 38.69 ? 164 HOH B O   1 
HETATM 1463 O O   . HOH D 2 .  ? -0.441  -13.665 -15.258 1.00 31.72 ? 165 HOH B O   1 
HETATM 1464 O O   . HOH D 2 .  ? 3.260   9.499   -17.960 1.00 20.29 ? 166 HOH B O   1 
HETATM 1465 O O   . HOH D 2 .  ? 9.213   -8.236  -20.609 1.00 39.18 ? 167 HOH B O   1 
HETATM 1466 O O   . HOH D 2 .  ? 1.643   11.041  -17.454 1.00 38.65 ? 168 HOH B O   1 
HETATM 1467 O O   . HOH D 2 .  ? -5.710  -0.733  -6.151  1.00 39.84 ? 169 HOH B O   1 
HETATM 1468 O O   . HOH D 2 .  ? 18.594  19.116  -7.829  1.00 45.28 ? 170 HOH B O   1 
# 
loop_
_pdbx_poly_seq_scheme.asym_id 
_pdbx_poly_seq_scheme.entity_id 
_pdbx_poly_seq_scheme.seq_id 
_pdbx_poly_seq_scheme.mon_id 
_pdbx_poly_seq_scheme.ndb_seq_num 
_pdbx_poly_seq_scheme.pdb_seq_num 
_pdbx_poly_seq_scheme.auth_seq_num 
_pdbx_poly_seq_scheme.pdb_mon_id 
_pdbx_poly_seq_scheme.auth_mon_id 
_pdbx_poly_seq_scheme.pdb_strand_id 
_pdbx_poly_seq_scheme.pdb_ins_code 
_pdbx_poly_seq_scheme.hetero 
A 1 1  MET 1  1  1  MET MET A . n 
A 1 2  LYS 2  2  2  LYS LYS A . n 
A 1 3  MET 3  3  3  MET MET A . n 
A 1 4  PHE 4  4  4  PHE PHE A . n 
A 1 5  ILE 5  5  5  ILE ILE A . n 
A 1 6  GLY 6  6  6  GLY GLY A . n 
A 1 7  GLY 7  7  7  GLY GLY A . n 
A 1 8  LEU 8  8  8  LEU LEU A . n 
A 1 9  SER 9  9  9  SER SER A . n 
A 1 10 TRP 10 10 10 TRP TRP A . n 
A 1 11 GLN 11 11 11 GLN GLN A . n 
A 1 12 THR 12 12 12 THR THR A . n 
A 1 13 SER 13 13 13 SER SER A . n 
A 1 14 PRO 14 14 14 PRO PRO A . n 
A 1 15 ASP 15 15 15 ASP ASP A . n 
A 1 16 SER 16 16 16 SER SER A . n 
A 1 17 LEU 17 17 17 LEU LEU A . n 
A 1 18 ARG 18 18 18 ARG ARG A . n 
A 1 19 ASP 19 19 19 ASP ASP A . n 
A 1 20 TYR 20 20 20 TYR TYR A . n 
A 1 21 PHE 21 21 21 PHE PHE A . n 
A 1 22 SER 22 22 22 SER SER A . n 
A 1 23 LYS 23 23 23 LYS LYS A . n 
A 1 24 PHE 24 24 24 PHE PHE A . n 
A 1 25 GLY 25 25 25 GLY GLY A . n 
A 1 26 GLU 26 26 26 GLU GLU A . n 
A 1 27 ILE 27 27 27 ILE ILE A . n 
A 1 28 ARG 28 28 28 ARG ARG A . n 
A 1 29 GLU 29 29 29 GLU GLU A . n 
A 1 30 CYS 30 30 30 CYS CYS A . n 
A 1 31 MET 31 31 31 MET MET A . n 
A 1 32 VAL 32 32 32 VAL VAL A . n 
A 1 33 MET 33 33 33 MET MET A . n 
A 1 34 ARG 34 34 34 ARG ARG A . n 
A 1 35 ASP 35 35 35 ASP ASP A . n 
A 1 36 PRO 36 36 36 PRO PRO A . n 
A 1 37 THR 37 37 37 THR THR A . n 
A 1 38 THR 38 38 38 THR THR A . n 
A 1 39 LYS 39 39 39 LYS LYS A . n 
A 1 40 ARG 40 40 40 ARG ARG A . n 
A 1 41 SER 41 41 41 SER SER A . n 
A 1 42 ARG 42 42 42 ARG ARG A . n 
A 1 43 GLY 43 43 43 GLY GLY A . n 
A 1 44 PHE 44 44 44 PHE PHE A . n 
A 1 45 GLY 45 45 45 GLY GLY A . n 
A 1 46 PHE 46 46 46 PHE PHE A . n 
A 1 47 VAL 47 47 47 VAL VAL A . n 
A 1 48 THR 48 48 48 THR THR A . n 
A 1 49 PHE 49 49 49 PHE PHE A . n 
A 1 50 ALA 50 50 50 ALA ALA A . n 
A 1 51 ASP 51 51 51 ASP ASP A . n 
A 1 52 PRO 52 52 52 PRO PRO A . n 
A 1 53 ALA 53 53 53 ALA ALA A . n 
A 1 54 SER 54 54 54 SER SER A . n 
A 1 55 VAL 55 55 55 VAL VAL A . n 
A 1 56 ASP 56 56 56 ASP ASP A . n 
A 1 57 LYS 57 57 57 LYS LYS A . n 
A 1 58 VAL 58 58 58 VAL VAL A . n 
A 1 59 LEU 59 59 59 LEU LEU A . n 
A 1 60 GLY 60 60 60 GLY GLY A . n 
A 1 61 GLN 61 61 61 GLN GLN A . n 
A 1 62 PRO 62 62 62 PRO PRO A . n 
A 1 63 HIS 63 63 63 HIS HIS A . n 
A 1 64 HIS 64 64 64 HIS HIS A . n 
A 1 65 GLU 65 65 65 GLU GLU A . n 
A 1 66 LEU 66 66 66 LEU LEU A . n 
A 1 67 ASP 67 67 67 ASP ASP A . n 
A 1 68 SER 68 68 68 SER SER A . n 
A 1 69 LYS 69 69 69 LYS LYS A . n 
A 1 70 THR 70 70 70 THR THR A . n 
A 1 71 ILE 71 71 71 ILE ILE A . n 
A 1 72 ASP 72 72 72 ASP ASP A . n 
A 1 73 PRO 73 73 73 PRO PRO A . n 
A 1 74 LYS 74 74 74 LYS LYS A . n 
A 1 75 VAL 75 75 75 VAL VAL A . n 
A 1 76 ALA 76 76 76 ALA ALA A . n 
A 1 77 PHE 77 77 77 PHE PHE A . n 
A 1 78 PRO 78 78 78 PRO PRO A . n 
A 1 79 ARG 79 79 79 ARG ARG A . n 
A 1 80 ARG 80 80 80 ARG ARG A . n 
A 1 81 ALA 81 81 81 ALA ALA A . n 
A 1 82 GLN 82 82 82 GLN GLN A . n 
A 1 83 PRO 83 83 83 PRO PRO A . n 
A 1 84 LYS 84 84 84 LYS LYS A . n 
B 1 1  MET 1  1  1  MET MET B . n 
B 1 2  LYS 2  2  2  LYS LYS B . n 
B 1 3  MET 3  3  3  MET MET B . n 
B 1 4  PHE 4  4  4  PHE PHE B . n 
B 1 5  ILE 5  5  5  ILE ILE B . n 
B 1 6  GLY 6  6  6  GLY GLY B . n 
B 1 7  GLY 7  7  7  GLY GLY B . n 
B 1 8  LEU 8  8  8  LEU LEU B . n 
B 1 9  SER 9  9  9  SER SER B . n 
B 1 10 TRP 10 10 10 TRP TRP B . n 
B 1 11 GLN 11 11 11 GLN GLN B . n 
B 1 12 THR 12 12 12 THR THR B . n 
B 1 13 SER 13 13 13 SER SER B . n 
B 1 14 PRO 14 14 14 PRO PRO B . n 
B 1 15 ASP 15 15 15 ASP ASP B . n 
B 1 16 SER 16 16 16 SER SER B . n 
B 1 17 LEU 17 17 17 LEU LEU B . n 
B 1 18 ARG 18 18 18 ARG ARG B . n 
B 1 19 ASP 19 19 19 ASP ASP B . n 
B 1 20 TYR 20 20 20 TYR TYR B . n 
B 1 21 PHE 21 21 21 PHE PHE B . n 
B 1 22 SER 22 22 22 SER SER B . n 
B 1 23 LYS 23 23 23 LYS LYS B . n 
B 1 24 PHE 24 24 24 PHE PHE B . n 
B 1 25 GLY 25 25 25 GLY GLY B . n 
B 1 26 GLU 26 26 26 GLU GLU B . n 
B 1 27 ILE 27 27 27 ILE ILE B . n 
B 1 28 ARG 28 28 28 ARG ARG B . n 
B 1 29 GLU 29 29 29 GLU GLU B . n 
B 1 30 CYS 30 30 30 CYS CYS B . n 
B 1 31 MET 31 31 31 MET MET B . n 
B 1 32 VAL 32 32 32 VAL VAL B . n 
B 1 33 MET 33 33 33 MET MET B . n 
B 1 34 ARG 34 34 34 ARG ARG B . n 
B 1 35 ASP 35 35 35 ASP ASP B . n 
B 1 36 PRO 36 36 36 PRO PRO B . n 
B 1 37 THR 37 37 37 THR THR B . n 
B 1 38 THR 38 38 38 THR THR B . n 
B 1 39 LYS 39 39 39 LYS LYS B . n 
B 1 40 ARG 40 40 40 ARG ARG B . n 
B 1 41 SER 41 41 41 SER SER B . n 
B 1 42 ARG 42 42 42 ARG ARG B . n 
B 1 43 GLY 43 43 43 GLY GLY B . n 
B 1 44 PHE 44 44 44 PHE PHE B . n 
B 1 45 GLY 45 45 45 GLY GLY B . n 
B 1 46 PHE 46 46 46 PHE PHE B . n 
B 1 47 VAL 47 47 47 VAL VAL B . n 
B 1 48 THR 48 48 48 THR THR B . n 
B 1 49 PHE 49 49 49 PHE PHE B . n 
B 1 50 ALA 50 50 50 ALA ALA B . n 
B 1 51 ASP 51 51 51 ASP ASP B . n 
B 1 52 PRO 52 52 52 PRO PRO B . n 
B 1 53 ALA 53 53 53 ALA ALA B . n 
B 1 54 SER 54 54 54 SER SER B . n 
B 1 55 VAL 55 55 55 VAL VAL B . n 
B 1 56 ASP 56 56 56 ASP ASP B . n 
B 1 57 LYS 57 57 57 LYS LYS B . n 
B 1 58 VAL 58 58 58 VAL VAL B . n 
B 1 59 LEU 59 59 59 LEU LEU B . n 
B 1 60 GLY 60 60 60 GLY GLY B . n 
B 1 61 GLN 61 61 61 GLN GLN B . n 
B 1 62 PRO 62 62 62 PRO PRO B . n 
B 1 63 HIS 63 63 63 HIS HIS B . n 
B 1 64 HIS 64 64 64 HIS HIS B . n 
B 1 65 GLU 65 65 65 GLU GLU B . n 
B 1 66 LEU 66 66 66 LEU LEU B . n 
B 1 67 ASP 67 67 67 ASP ASP B . n 
B 1 68 SER 68 68 68 SER SER B . n 
B 1 69 LYS 69 69 69 LYS LYS B . n 
B 1 70 THR 70 70 70 THR THR B . n 
B 1 71 ILE 71 71 71 ILE ILE B . n 
B 1 72 ASP 72 72 72 ASP ASP B . n 
B 1 73 PRO 73 73 73 PRO PRO B . n 
B 1 74 LYS 74 74 74 LYS LYS B . n 
B 1 75 VAL 75 75 75 VAL VAL B . n 
B 1 76 ALA 76 76 76 ALA ALA B . n 
B 1 77 PHE 77 77 77 PHE PHE B . n 
B 1 78 PRO 78 78 78 PRO PRO B . n 
B 1 79 ARG 79 79 79 ARG ARG B . n 
B 1 80 ARG 80 80 80 ARG ARG B . n 
B 1 81 ALA 81 81 81 ALA ALA B . n 
B 1 82 GLN 82 82 82 GLN GLN B . n 
B 1 83 PRO 83 83 ?  ?   ?   B . n 
B 1 84 LYS 84 84 ?  ?   ?   B . n 
# 
loop_
_pdbx_nonpoly_scheme.asym_id 
_pdbx_nonpoly_scheme.entity_id 
_pdbx_nonpoly_scheme.mon_id 
_pdbx_nonpoly_scheme.ndb_seq_num 
_pdbx_nonpoly_scheme.pdb_seq_num 
_pdbx_nonpoly_scheme.auth_seq_num 
_pdbx_nonpoly_scheme.pdb_mon_id 
_pdbx_nonpoly_scheme.auth_mon_id 
_pdbx_nonpoly_scheme.pdb_strand_id 
_pdbx_nonpoly_scheme.pdb_ins_code 
C 2 HOH 1  101 106 HOH HOH A . 
C 2 HOH 2  102 121 HOH HOH A . 
C 2 HOH 3  103 80  HOH HOH A . 
C 2 HOH 4  104 93  HOH HOH A . 
C 2 HOH 5  105 125 HOH HOH A . 
C 2 HOH 6  106 110 HOH HOH A . 
C 2 HOH 7  107 28  HOH HOH A . 
C 2 HOH 8  108 129 HOH HOH A . 
C 2 HOH 9  109 21  HOH HOH A . 
C 2 HOH 10 110 65  HOH HOH A . 
C 2 HOH 11 111 7   HOH HOH A . 
C 2 HOH 12 112 81  HOH HOH A . 
C 2 HOH 13 113 48  HOH HOH A . 
C 2 HOH 14 114 134 HOH HOH A . 
C 2 HOH 15 115 49  HOH HOH A . 
C 2 HOH 16 116 41  HOH HOH A . 
C 2 HOH 17 117 60  HOH HOH A . 
C 2 HOH 18 118 20  HOH HOH A . 
C 2 HOH 19 119 71  HOH HOH A . 
C 2 HOH 20 120 8   HOH HOH A . 
C 2 HOH 21 121 3   HOH HOH A . 
C 2 HOH 22 122 24  HOH HOH A . 
C 2 HOH 23 123 138 HOH HOH A . 
C 2 HOH 24 124 18  HOH HOH A . 
C 2 HOH 25 125 19  HOH HOH A . 
C 2 HOH 26 126 132 HOH HOH A . 
C 2 HOH 27 127 137 HOH HOH A . 
C 2 HOH 28 128 64  HOH HOH A . 
C 2 HOH 29 129 39  HOH HOH A . 
C 2 HOH 30 130 136 HOH HOH A . 
C 2 HOH 31 131 12  HOH HOH A . 
C 2 HOH 32 132 57  HOH HOH A . 
C 2 HOH 33 133 2   HOH HOH A . 
C 2 HOH 34 134 69  HOH HOH A . 
C 2 HOH 35 135 62  HOH HOH A . 
C 2 HOH 36 136 16  HOH HOH A . 
C 2 HOH 37 137 58  HOH HOH A . 
C 2 HOH 38 138 26  HOH HOH A . 
C 2 HOH 39 139 43  HOH HOH A . 
C 2 HOH 40 140 40  HOH HOH A . 
C 2 HOH 41 141 38  HOH HOH A . 
C 2 HOH 42 142 33  HOH HOH A . 
C 2 HOH 43 143 107 HOH HOH A . 
C 2 HOH 44 144 135 HOH HOH A . 
C 2 HOH 45 145 139 HOH HOH A . 
C 2 HOH 46 146 17  HOH HOH A . 
C 2 HOH 47 147 84  HOH HOH A . 
C 2 HOH 48 148 70  HOH HOH A . 
C 2 HOH 49 149 50  HOH HOH A . 
C 2 HOH 50 150 55  HOH HOH A . 
C 2 HOH 51 151 36  HOH HOH A . 
C 2 HOH 52 152 101 HOH HOH A . 
C 2 HOH 53 153 83  HOH HOH A . 
C 2 HOH 54 154 37  HOH HOH A . 
C 2 HOH 55 155 59  HOH HOH A . 
C 2 HOH 56 156 127 HOH HOH A . 
C 2 HOH 57 157 13  HOH HOH A . 
C 2 HOH 58 158 122 HOH HOH A . 
C 2 HOH 59 159 56  HOH HOH A . 
C 2 HOH 60 160 108 HOH HOH A . 
C 2 HOH 61 161 67  HOH HOH A . 
C 2 HOH 62 162 94  HOH HOH A . 
C 2 HOH 63 163 22  HOH HOH A . 
C 2 HOH 64 164 47  HOH HOH A . 
C 2 HOH 65 165 123 HOH HOH A . 
C 2 HOH 66 166 88  HOH HOH A . 
C 2 HOH 67 167 116 HOH HOH A . 
C 2 HOH 68 168 114 HOH HOH A . 
C 2 HOH 69 169 117 HOH HOH A . 
C 2 HOH 70 170 85  HOH HOH A . 
D 2 HOH 1  101 89  HOH HOH B . 
D 2 HOH 2  102 91  HOH HOH B . 
D 2 HOH 3  103 90  HOH HOH B . 
D 2 HOH 4  104 78  HOH HOH B . 
D 2 HOH 5  105 105 HOH HOH B . 
D 2 HOH 6  106 46  HOH HOH B . 
D 2 HOH 7  107 27  HOH HOH B . 
D 2 HOH 8  108 109 HOH HOH B . 
D 2 HOH 9  109 23  HOH HOH B . 
D 2 HOH 10 110 74  HOH HOH B . 
D 2 HOH 11 111 79  HOH HOH B . 
D 2 HOH 12 112 35  HOH HOH B . 
D 2 HOH 13 113 133 HOH HOH B . 
D 2 HOH 14 114 124 HOH HOH B . 
D 2 HOH 15 115 51  HOH HOH B . 
D 2 HOH 16 116 45  HOH HOH B . 
D 2 HOH 17 117 29  HOH HOH B . 
D 2 HOH 18 118 118 HOH HOH B . 
D 2 HOH 19 119 34  HOH HOH B . 
D 2 HOH 20 120 86  HOH HOH B . 
D 2 HOH 21 121 10  HOH HOH B . 
D 2 HOH 22 122 30  HOH HOH B . 
D 2 HOH 23 123 1   HOH HOH B . 
D 2 HOH 24 124 76  HOH HOH B . 
D 2 HOH 25 125 6   HOH HOH B . 
D 2 HOH 26 126 99  HOH HOH B . 
D 2 HOH 27 127 97  HOH HOH B . 
D 2 HOH 28 128 44  HOH HOH B . 
D 2 HOH 29 129 42  HOH HOH B . 
D 2 HOH 30 130 95  HOH HOH B . 
D 2 HOH 31 131 82  HOH HOH B . 
D 2 HOH 32 132 54  HOH HOH B . 
D 2 HOH 33 133 53  HOH HOH B . 
D 2 HOH 34 134 31  HOH HOH B . 
D 2 HOH 35 135 72  HOH HOH B . 
D 2 HOH 36 136 73  HOH HOH B . 
D 2 HOH 37 137 77  HOH HOH B . 
D 2 HOH 38 138 52  HOH HOH B . 
D 2 HOH 39 139 75  HOH HOH B . 
D 2 HOH 40 140 61  HOH HOH B . 
D 2 HOH 41 141 11  HOH HOH B . 
D 2 HOH 42 142 102 HOH HOH B . 
D 2 HOH 43 143 15  HOH HOH B . 
D 2 HOH 44 144 5   HOH HOH B . 
D 2 HOH 45 145 4   HOH HOH B . 
D 2 HOH 46 146 104 HOH HOH B . 
D 2 HOH 47 147 119 HOH HOH B . 
D 2 HOH 48 148 9   HOH HOH B . 
D 2 HOH 49 149 66  HOH HOH B . 
D 2 HOH 50 150 100 HOH HOH B . 
D 2 HOH 51 151 63  HOH HOH B . 
D 2 HOH 52 152 25  HOH HOH B . 
D 2 HOH 53 153 111 HOH HOH B . 
D 2 HOH 54 154 96  HOH HOH B . 
D 2 HOH 55 155 140 HOH HOH B . 
D 2 HOH 56 156 103 HOH HOH B . 
D 2 HOH 57 157 68  HOH HOH B . 
D 2 HOH 58 158 120 HOH HOH B . 
D 2 HOH 59 159 87  HOH HOH B . 
D 2 HOH 60 160 115 HOH HOH B . 
D 2 HOH 61 161 112 HOH HOH B . 
D 2 HOH 62 162 32  HOH HOH B . 
D 2 HOH 63 163 131 HOH HOH B . 
D 2 HOH 64 164 113 HOH HOH B . 
D 2 HOH 65 165 92  HOH HOH B . 
D 2 HOH 66 166 14  HOH HOH B . 
D 2 HOH 67 167 128 HOH HOH B . 
D 2 HOH 68 168 126 HOH HOH B . 
D 2 HOH 69 169 130 HOH HOH B . 
D 2 HOH 70 170 98  HOH HOH B . 
# 
_pdbx_struct_assembly.id                   1 
_pdbx_struct_assembly.details              author_and_software_defined_assembly 
_pdbx_struct_assembly.method_details       PISA 
_pdbx_struct_assembly.oligomeric_details   dimeric 
_pdbx_struct_assembly.oligomeric_count     2 
# 
_pdbx_struct_assembly_gen.assembly_id       1 
_pdbx_struct_assembly_gen.oper_expression   1 
_pdbx_struct_assembly_gen.asym_id_list      A,B,C,D 
# 
loop_
_pdbx_struct_assembly_prop.biol_id 
_pdbx_struct_assembly_prop.type 
_pdbx_struct_assembly_prop.value 
_pdbx_struct_assembly_prop.details 
1 'ABSA (A^2)' 2150 ? 
1 MORE         -12  ? 
1 'SSA (A^2)'  9510 ? 
# 
_pdbx_struct_oper_list.id                   1 
_pdbx_struct_oper_list.type                 'identity operation' 
_pdbx_struct_oper_list.name                 1_555 
_pdbx_struct_oper_list.symmetry_operation   x,y,z 
_pdbx_struct_oper_list.matrix[1][1]         1.0000000000 
_pdbx_struct_oper_list.matrix[1][2]         0.0000000000 
_pdbx_struct_oper_list.matrix[1][3]         0.0000000000 
_pdbx_struct_oper_list.vector[1]            0.0000000000 
_pdbx_struct_oper_list.matrix[2][1]         0.0000000000 
_pdbx_struct_oper_list.matrix[2][2]         1.0000000000 
_pdbx_struct_oper_list.matrix[2][3]         0.0000000000 
_pdbx_struct_oper_list.vector[2]            0.0000000000 
_pdbx_struct_oper_list.matrix[3][1]         0.0000000000 
_pdbx_struct_oper_list.matrix[3][2]         0.0000000000 
_pdbx_struct_oper_list.matrix[3][3]         1.0000000000 
_pdbx_struct_oper_list.vector[3]            0.0000000000 
# 
loop_
_pdbx_audit_revision_history.ordinal 
_pdbx_audit_revision_history.data_content_type 
_pdbx_audit_revision_history.major_revision 
_pdbx_audit_revision_history.minor_revision 
_pdbx_audit_revision_history.revision_date 
1 'Structure model' 1 0 2019-05-08 
2 'Structure model' 1 1 2019-07-03 
3 'Structure model' 1 2 2019-12-04 
4 'Structure model' 1 3 2023-10-04 
# 
_pdbx_audit_revision_details.ordinal             1 
_pdbx_audit_revision_details.revision_ordinal    1 
_pdbx_audit_revision_details.data_content_type   'Structure model' 
_pdbx_audit_revision_details.provider            repository 
_pdbx_audit_revision_details.type                'Initial release' 
_pdbx_audit_revision_details.description         ? 
_pdbx_audit_revision_details.details             ? 
# 
loop_
_pdbx_audit_revision_group.ordinal 
_pdbx_audit_revision_group.revision_ordinal 
_pdbx_audit_revision_group.data_content_type 
_pdbx_audit_revision_group.group 
1 2 'Structure model' 'Data collection'            
2 2 'Structure model' 'Database references'        
3 3 'Structure model' 'Author supporting evidence' 
4 4 'Structure model' 'Data collection'            
5 4 'Structure model' 'Database references'        
6 4 'Structure model' 'Refinement description'     
# 
loop_
_pdbx_audit_revision_category.ordinal 
_pdbx_audit_revision_category.revision_ordinal 
_pdbx_audit_revision_category.data_content_type 
_pdbx_audit_revision_category.category 
1 2 'Structure model' citation                      
2 2 'Structure model' citation_author               
3 3 'Structure model' pdbx_audit_support            
4 4 'Structure model' chem_comp_atom                
5 4 'Structure model' chem_comp_bond                
6 4 'Structure model' database_2                    
7 4 'Structure model' pdbx_initial_refinement_model 
# 
loop_
_pdbx_audit_revision_item.ordinal 
_pdbx_audit_revision_item.revision_ordinal 
_pdbx_audit_revision_item.data_content_type 
_pdbx_audit_revision_item.item 
1 2 'Structure model' '_citation.journal_volume'                 
2 2 'Structure model' '_citation.page_first'                     
3 2 'Structure model' '_citation.page_last'                      
4 2 'Structure model' '_citation.pdbx_database_id_DOI'           
5 2 'Structure model' '_citation.pdbx_database_id_PubMed'        
6 2 'Structure model' '_citation.title'                          
7 3 'Structure model' '_pdbx_audit_support.funding_organization' 
8 4 'Structure model' '_database_2.pdbx_DOI'                     
9 4 'Structure model' '_database_2.pdbx_database_accession'      
# 
loop_
_software.citation_id 
_software.classification 
_software.compiler_name 
_software.compiler_version 
_software.contact_author 
_software.contact_author_email 
_software.date 
_software.description 
_software.dependencies 
_software.hardware 
_software.language 
_software.location 
_software.mods 
_software.name 
_software.os 
_software.os_version 
_software.type 
_software.version 
_software.pdbx_ordinal 
? refinement       ? ? ? ? ? ? ? ? ? ? ? PHENIX   ? ? ? 1.12_2829 1 
? 'data reduction' ? ? ? ? ? ? ? ? ? ? ? HKL-2000 ? ? ? .         2 
? 'data scaling'   ? ? ? ? ? ? ? ? ? ? ? HKL-2000 ? ? ? .         3 
? phasing          ? ? ? ? ? ? ? ? ? ? ? PHENIX   ? ? ? .         4 
# 
loop_
_pdbx_validate_close_contact.id 
_pdbx_validate_close_contact.PDB_model_num 
_pdbx_validate_close_contact.auth_atom_id_1 
_pdbx_validate_close_contact.auth_asym_id_1 
_pdbx_validate_close_contact.auth_comp_id_1 
_pdbx_validate_close_contact.auth_seq_id_1 
_pdbx_validate_close_contact.PDB_ins_code_1 
_pdbx_validate_close_contact.label_alt_id_1 
_pdbx_validate_close_contact.auth_atom_id_2 
_pdbx_validate_close_contact.auth_asym_id_2 
_pdbx_validate_close_contact.auth_comp_id_2 
_pdbx_validate_close_contact.auth_seq_id_2 
_pdbx_validate_close_contact.PDB_ins_code_2 
_pdbx_validate_close_contact.label_alt_id_2 
_pdbx_validate_close_contact.dist 
1 1 O   B HOH 161 ? ? O B HOH 163 ? ? 1.94 
2 1 N   A MET 1   ? ? O A HOH 101 ? ? 2.01 
3 1 O   A HOH 128 ? ? O A HOH 163 ? ? 2.06 
4 1 NH1 A ARG 42  ? ? O A HOH 102 ? ? 2.13 
5 1 O   A HOH 159 ? ? O B HOH 159 ? ? 2.14 
6 1 NH2 B ARG 79  ? ? O B HOH 101 ? ? 2.15 
7 1 OD1 B ASP 15  ? ? O B HOH 102 ? ? 2.18 
8 1 O   B HOH 126 ? ? O B HOH 136 ? ? 2.18 
9 1 O   A MET 1   ? ? O A HOH 103 ? ? 2.19 
# 
loop_
_pdbx_validate_symm_contact.id 
_pdbx_validate_symm_contact.PDB_model_num 
_pdbx_validate_symm_contact.auth_atom_id_1 
_pdbx_validate_symm_contact.auth_asym_id_1 
_pdbx_validate_symm_contact.auth_comp_id_1 
_pdbx_validate_symm_contact.auth_seq_id_1 
_pdbx_validate_symm_contact.PDB_ins_code_1 
_pdbx_validate_symm_contact.label_alt_id_1 
_pdbx_validate_symm_contact.site_symmetry_1 
_pdbx_validate_symm_contact.auth_atom_id_2 
_pdbx_validate_symm_contact.auth_asym_id_2 
_pdbx_validate_symm_contact.auth_comp_id_2 
_pdbx_validate_symm_contact.auth_seq_id_2 
_pdbx_validate_symm_contact.PDB_ins_code_2 
_pdbx_validate_symm_contact.label_alt_id_2 
_pdbx_validate_symm_contact.site_symmetry_2 
_pdbx_validate_symm_contact.dist 
1 1 O A HOH 168 ? ? 1_555 O B HOH 165 ? ? 2_645 1.98 
2 1 O B HOH 124 ? ? 1_555 O B HOH 162 ? ? 1_455 2.16 
# 
loop_
_pdbx_unobs_or_zero_occ_residues.id 
_pdbx_unobs_or_zero_occ_residues.PDB_model_num 
_pdbx_unobs_or_zero_occ_residues.polymer_flag 
_pdbx_unobs_or_zero_occ_residues.occupancy_flag 
_pdbx_unobs_or_zero_occ_residues.auth_asym_id 
_pdbx_unobs_or_zero_occ_residues.auth_comp_id 
_pdbx_unobs_or_zero_occ_residues.auth_seq_id 
_pdbx_unobs_or_zero_occ_residues.PDB_ins_code 
_pdbx_unobs_or_zero_occ_residues.label_asym_id 
_pdbx_unobs_or_zero_occ_residues.label_comp_id 
_pdbx_unobs_or_zero_occ_residues.label_seq_id 
1 1 Y 1 B PRO 83 ? B PRO 83 
2 1 Y 1 B LYS 84 ? B LYS 84 
# 
loop_
_chem_comp_atom.comp_id 
_chem_comp_atom.atom_id 
_chem_comp_atom.type_symbol 
_chem_comp_atom.pdbx_aromatic_flag 
_chem_comp_atom.pdbx_stereo_config 
_chem_comp_atom.pdbx_ordinal 
ALA N    N N N 1   
ALA CA   C N S 2   
ALA C    C N N 3   
ALA O    O N N 4   
ALA CB   C N N 5   
ALA OXT  O N N 6   
ALA H    H N N 7   
ALA H2   H N N 8   
ALA HA   H N N 9   
ALA HB1  H N N 10  
ALA HB2  H N N 11  
ALA HB3  H N N 12  
ALA HXT  H N N 13  
ARG N    N N N 14  
ARG CA   C N S 15  
ARG C    C N N 16  
ARG O    O N N 17  
ARG CB   C N N 18  
ARG CG   C N N 19  
ARG CD   C N N 20  
ARG NE   N N N 21  
ARG CZ   C N N 22  
ARG NH1  N N N 23  
ARG NH2  N N N 24  
ARG OXT  O N N 25  
ARG H    H N N 26  
ARG H2   H N N 27  
ARG HA   H N N 28  
ARG HB2  H N N 29  
ARG HB3  H N N 30  
ARG HG2  H N N 31  
ARG HG3  H N N 32  
ARG HD2  H N N 33  
ARG HD3  H N N 34  
ARG HE   H N N 35  
ARG HH11 H N N 36  
ARG HH12 H N N 37  
ARG HH21 H N N 38  
ARG HH22 H N N 39  
ARG HXT  H N N 40  
ASP N    N N N 41  
ASP CA   C N S 42  
ASP C    C N N 43  
ASP O    O N N 44  
ASP CB   C N N 45  
ASP CG   C N N 46  
ASP OD1  O N N 47  
ASP OD2  O N N 48  
ASP OXT  O N N 49  
ASP H    H N N 50  
ASP H2   H N N 51  
ASP HA   H N N 52  
ASP HB2  H N N 53  
ASP HB3  H N N 54  
ASP HD2  H N N 55  
ASP HXT  H N N 56  
CYS N    N N N 57  
CYS CA   C N R 58  
CYS C    C N N 59  
CYS O    O N N 60  
CYS CB   C N N 61  
CYS SG   S N N 62  
CYS OXT  O N N 63  
CYS H    H N N 64  
CYS H2   H N N 65  
CYS HA   H N N 66  
CYS HB2  H N N 67  
CYS HB3  H N N 68  
CYS HG   H N N 69  
CYS HXT  H N N 70  
GLN N    N N N 71  
GLN CA   C N S 72  
GLN C    C N N 73  
GLN O    O N N 74  
GLN CB   C N N 75  
GLN CG   C N N 76  
GLN CD   C N N 77  
GLN OE1  O N N 78  
GLN NE2  N N N 79  
GLN OXT  O N N 80  
GLN H    H N N 81  
GLN H2   H N N 82  
GLN HA   H N N 83  
GLN HB2  H N N 84  
GLN HB3  H N N 85  
GLN HG2  H N N 86  
GLN HG3  H N N 87  
GLN HE21 H N N 88  
GLN HE22 H N N 89  
GLN HXT  H N N 90  
GLU N    N N N 91  
GLU CA   C N S 92  
GLU C    C N N 93  
GLU O    O N N 94  
GLU CB   C N N 95  
GLU CG   C N N 96  
GLU CD   C N N 97  
GLU OE1  O N N 98  
GLU OE2  O N N 99  
GLU OXT  O N N 100 
GLU H    H N N 101 
GLU H2   H N N 102 
GLU HA   H N N 103 
GLU HB2  H N N 104 
GLU HB3  H N N 105 
GLU HG2  H N N 106 
GLU HG3  H N N 107 
GLU HE2  H N N 108 
GLU HXT  H N N 109 
GLY N    N N N 110 
GLY CA   C N N 111 
GLY C    C N N 112 
GLY O    O N N 113 
GLY OXT  O N N 114 
GLY H    H N N 115 
GLY H2   H N N 116 
GLY HA2  H N N 117 
GLY HA3  H N N 118 
GLY HXT  H N N 119 
HIS N    N N N 120 
HIS CA   C N S 121 
HIS C    C N N 122 
HIS O    O N N 123 
HIS CB   C N N 124 
HIS CG   C Y N 125 
HIS ND1  N Y N 126 
HIS CD2  C Y N 127 
HIS CE1  C Y N 128 
HIS NE2  N Y N 129 
HIS OXT  O N N 130 
HIS H    H N N 131 
HIS H2   H N N 132 
HIS HA   H N N 133 
HIS HB2  H N N 134 
HIS HB3  H N N 135 
HIS HD1  H N N 136 
HIS HD2  H N N 137 
HIS HE1  H N N 138 
HIS HE2  H N N 139 
HIS HXT  H N N 140 
HOH O    O N N 141 
HOH H1   H N N 142 
HOH H2   H N N 143 
ILE N    N N N 144 
ILE CA   C N S 145 
ILE C    C N N 146 
ILE O    O N N 147 
ILE CB   C N S 148 
ILE CG1  C N N 149 
ILE CG2  C N N 150 
ILE CD1  C N N 151 
ILE OXT  O N N 152 
ILE H    H N N 153 
ILE H2   H N N 154 
ILE HA   H N N 155 
ILE HB   H N N 156 
ILE HG12 H N N 157 
ILE HG13 H N N 158 
ILE HG21 H N N 159 
ILE HG22 H N N 160 
ILE HG23 H N N 161 
ILE HD11 H N N 162 
ILE HD12 H N N 163 
ILE HD13 H N N 164 
ILE HXT  H N N 165 
LEU N    N N N 166 
LEU CA   C N S 167 
LEU C    C N N 168 
LEU O    O N N 169 
LEU CB   C N N 170 
LEU CG   C N N 171 
LEU CD1  C N N 172 
LEU CD2  C N N 173 
LEU OXT  O N N 174 
LEU H    H N N 175 
LEU H2   H N N 176 
LEU HA   H N N 177 
LEU HB2  H N N 178 
LEU HB3  H N N 179 
LEU HG   H N N 180 
LEU HD11 H N N 181 
LEU HD12 H N N 182 
LEU HD13 H N N 183 
LEU HD21 H N N 184 
LEU HD22 H N N 185 
LEU HD23 H N N 186 
LEU HXT  H N N 187 
LYS N    N N N 188 
LYS CA   C N S 189 
LYS C    C N N 190 
LYS O    O N N 191 
LYS CB   C N N 192 
LYS CG   C N N 193 
LYS CD   C N N 194 
LYS CE   C N N 195 
LYS NZ   N N N 196 
LYS OXT  O N N 197 
LYS H    H N N 198 
LYS H2   H N N 199 
LYS HA   H N N 200 
LYS HB2  H N N 201 
LYS HB3  H N N 202 
LYS HG2  H N N 203 
LYS HG3  H N N 204 
LYS HD2  H N N 205 
LYS HD3  H N N 206 
LYS HE2  H N N 207 
LYS HE3  H N N 208 
LYS HZ1  H N N 209 
LYS HZ2  H N N 210 
LYS HZ3  H N N 211 
LYS HXT  H N N 212 
MET N    N N N 213 
MET CA   C N S 214 
MET C    C N N 215 
MET O    O N N 216 
MET CB   C N N 217 
MET CG   C N N 218 
MET SD   S N N 219 
MET CE   C N N 220 
MET OXT  O N N 221 
MET H    H N N 222 
MET H2   H N N 223 
MET HA   H N N 224 
MET HB2  H N N 225 
MET HB3  H N N 226 
MET HG2  H N N 227 
MET HG3  H N N 228 
MET HE1  H N N 229 
MET HE2  H N N 230 
MET HE3  H N N 231 
MET HXT  H N N 232 
PHE N    N N N 233 
PHE CA   C N S 234 
PHE C    C N N 235 
PHE O    O N N 236 
PHE CB   C N N 237 
PHE CG   C Y N 238 
PHE CD1  C Y N 239 
PHE CD2  C Y N 240 
PHE CE1  C Y N 241 
PHE CE2  C Y N 242 
PHE CZ   C Y N 243 
PHE OXT  O N N 244 
PHE H    H N N 245 
PHE H2   H N N 246 
PHE HA   H N N 247 
PHE HB2  H N N 248 
PHE HB3  H N N 249 
PHE HD1  H N N 250 
PHE HD2  H N N 251 
PHE HE1  H N N 252 
PHE HE2  H N N 253 
PHE HZ   H N N 254 
PHE HXT  H N N 255 
PRO N    N N N 256 
PRO CA   C N S 257 
PRO C    C N N 258 
PRO O    O N N 259 
PRO CB   C N N 260 
PRO CG   C N N 261 
PRO CD   C N N 262 
PRO OXT  O N N 263 
PRO H    H N N 264 
PRO HA   H N N 265 
PRO HB2  H N N 266 
PRO HB3  H N N 267 
PRO HG2  H N N 268 
PRO HG3  H N N 269 
PRO HD2  H N N 270 
PRO HD3  H N N 271 
PRO HXT  H N N 272 
SER N    N N N 273 
SER CA   C N S 274 
SER C    C N N 275 
SER O    O N N 276 
SER CB   C N N 277 
SER OG   O N N 278 
SER OXT  O N N 279 
SER H    H N N 280 
SER H2   H N N 281 
SER HA   H N N 282 
SER HB2  H N N 283 
SER HB3  H N N 284 
SER HG   H N N 285 
SER HXT  H N N 286 
THR N    N N N 287 
THR CA   C N S 288 
THR C    C N N 289 
THR O    O N N 290 
THR CB   C N R 291 
THR OG1  O N N 292 
THR CG2  C N N 293 
THR OXT  O N N 294 
THR H    H N N 295 
THR H2   H N N 296 
THR HA   H N N 297 
THR HB   H N N 298 
THR HG1  H N N 299 
THR HG21 H N N 300 
THR HG22 H N N 301 
THR HG23 H N N 302 
THR HXT  H N N 303 
TRP N    N N N 304 
TRP CA   C N S 305 
TRP C    C N N 306 
TRP O    O N N 307 
TRP CB   C N N 308 
TRP CG   C Y N 309 
TRP CD1  C Y N 310 
TRP CD2  C Y N 311 
TRP NE1  N Y N 312 
TRP CE2  C Y N 313 
TRP CE3  C Y N 314 
TRP CZ2  C Y N 315 
TRP CZ3  C Y N 316 
TRP CH2  C Y N 317 
TRP OXT  O N N 318 
TRP H    H N N 319 
TRP H2   H N N 320 
TRP HA   H N N 321 
TRP HB2  H N N 322 
TRP HB3  H N N 323 
TRP HD1  H N N 324 
TRP HE1  H N N 325 
TRP HE3  H N N 326 
TRP HZ2  H N N 327 
TRP HZ3  H N N 328 
TRP HH2  H N N 329 
TRP HXT  H N N 330 
TYR N    N N N 331 
TYR CA   C N S 332 
TYR C    C N N 333 
TYR O    O N N 334 
TYR CB   C N N 335 
TYR CG   C Y N 336 
TYR CD1  C Y N 337 
TYR CD2  C Y N 338 
TYR CE1  C Y N 339 
TYR CE2  C Y N 340 
TYR CZ   C Y N 341 
TYR OH   O N N 342 
TYR OXT  O N N 343 
TYR H    H N N 344 
TYR H2   H N N 345 
TYR HA   H N N 346 
TYR HB2  H N N 347 
TYR HB3  H N N 348 
TYR HD1  H N N 349 
TYR HD2  H N N 350 
TYR HE1  H N N 351 
TYR HE2  H N N 352 
TYR HH   H N N 353 
TYR HXT  H N N 354 
VAL N    N N N 355 
VAL CA   C N S 356 
VAL C    C N N 357 
VAL O    O N N 358 
VAL CB   C N N 359 
VAL CG1  C N N 360 
VAL CG2  C N N 361 
VAL OXT  O N N 362 
VAL H    H N N 363 
VAL H2   H N N 364 
VAL HA   H N N 365 
VAL HB   H N N 366 
VAL HG11 H N N 367 
VAL HG12 H N N 368 
VAL HG13 H N N 369 
VAL HG21 H N N 370 
VAL HG22 H N N 371 
VAL HG23 H N N 372 
VAL HXT  H N N 373 
# 
loop_
_chem_comp_bond.comp_id 
_chem_comp_bond.atom_id_1 
_chem_comp_bond.atom_id_2 
_chem_comp_bond.value_order 
_chem_comp_bond.pdbx_aromatic_flag 
_chem_comp_bond.pdbx_stereo_config 
_chem_comp_bond.pdbx_ordinal 
ALA N   CA   sing N N 1   
ALA N   H    sing N N 2   
ALA N   H2   sing N N 3   
ALA CA  C    sing N N 4   
ALA CA  CB   sing N N 5   
ALA CA  HA   sing N N 6   
ALA C   O    doub N N 7   
ALA C   OXT  sing N N 8   
ALA CB  HB1  sing N N 9   
ALA CB  HB2  sing N N 10  
ALA CB  HB3  sing N N 11  
ALA OXT HXT  sing N N 12  
ARG N   CA   sing N N 13  
ARG N   H    sing N N 14  
ARG N   H2   sing N N 15  
ARG CA  C    sing N N 16  
ARG CA  CB   sing N N 17  
ARG CA  HA   sing N N 18  
ARG C   O    doub N N 19  
ARG C   OXT  sing N N 20  
ARG CB  CG   sing N N 21  
ARG CB  HB2  sing N N 22  
ARG CB  HB3  sing N N 23  
ARG CG  CD   sing N N 24  
ARG CG  HG2  sing N N 25  
ARG CG  HG3  sing N N 26  
ARG CD  NE   sing N N 27  
ARG CD  HD2  sing N N 28  
ARG CD  HD3  sing N N 29  
ARG NE  CZ   sing N N 30  
ARG NE  HE   sing N N 31  
ARG CZ  NH1  sing N N 32  
ARG CZ  NH2  doub N N 33  
ARG NH1 HH11 sing N N 34  
ARG NH1 HH12 sing N N 35  
ARG NH2 HH21 sing N N 36  
ARG NH2 HH22 sing N N 37  
ARG OXT HXT  sing N N 38  
ASP N   CA   sing N N 39  
ASP N   H    sing N N 40  
ASP N   H2   sing N N 41  
ASP CA  C    sing N N 42  
ASP CA  CB   sing N N 43  
ASP CA  HA   sing N N 44  
ASP C   O    doub N N 45  
ASP C   OXT  sing N N 46  
ASP CB  CG   sing N N 47  
ASP CB  HB2  sing N N 48  
ASP CB  HB3  sing N N 49  
ASP CG  OD1  doub N N 50  
ASP CG  OD2  sing N N 51  
ASP OD2 HD2  sing N N 52  
ASP OXT HXT  sing N N 53  
CYS N   CA   sing N N 54  
CYS N   H    sing N N 55  
CYS N   H2   sing N N 56  
CYS CA  C    sing N N 57  
CYS CA  CB   sing N N 58  
CYS CA  HA   sing N N 59  
CYS C   O    doub N N 60  
CYS C   OXT  sing N N 61  
CYS CB  SG   sing N N 62  
CYS CB  HB2  sing N N 63  
CYS CB  HB3  sing N N 64  
CYS SG  HG   sing N N 65  
CYS OXT HXT  sing N N 66  
GLN N   CA   sing N N 67  
GLN N   H    sing N N 68  
GLN N   H2   sing N N 69  
GLN CA  C    sing N N 70  
GLN CA  CB   sing N N 71  
GLN CA  HA   sing N N 72  
GLN C   O    doub N N 73  
GLN C   OXT  sing N N 74  
GLN CB  CG   sing N N 75  
GLN CB  HB2  sing N N 76  
GLN CB  HB3  sing N N 77  
GLN CG  CD   sing N N 78  
GLN CG  HG2  sing N N 79  
GLN CG  HG3  sing N N 80  
GLN CD  OE1  doub N N 81  
GLN CD  NE2  sing N N 82  
GLN NE2 HE21 sing N N 83  
GLN NE2 HE22 sing N N 84  
GLN OXT HXT  sing N N 85  
GLU N   CA   sing N N 86  
GLU N   H    sing N N 87  
GLU N   H2   sing N N 88  
GLU CA  C    sing N N 89  
GLU CA  CB   sing N N 90  
GLU CA  HA   sing N N 91  
GLU C   O    doub N N 92  
GLU C   OXT  sing N N 93  
GLU CB  CG   sing N N 94  
GLU CB  HB2  sing N N 95  
GLU CB  HB3  sing N N 96  
GLU CG  CD   sing N N 97  
GLU CG  HG2  sing N N 98  
GLU CG  HG3  sing N N 99  
GLU CD  OE1  doub N N 100 
GLU CD  OE2  sing N N 101 
GLU OE2 HE2  sing N N 102 
GLU OXT HXT  sing N N 103 
GLY N   CA   sing N N 104 
GLY N   H    sing N N 105 
GLY N   H2   sing N N 106 
GLY CA  C    sing N N 107 
GLY CA  HA2  sing N N 108 
GLY CA  HA3  sing N N 109 
GLY C   O    doub N N 110 
GLY C   OXT  sing N N 111 
GLY OXT HXT  sing N N 112 
HIS N   CA   sing N N 113 
HIS N   H    sing N N 114 
HIS N   H2   sing N N 115 
HIS CA  C    sing N N 116 
HIS CA  CB   sing N N 117 
HIS CA  HA   sing N N 118 
HIS C   O    doub N N 119 
HIS C   OXT  sing N N 120 
HIS CB  CG   sing N N 121 
HIS CB  HB2  sing N N 122 
HIS CB  HB3  sing N N 123 
HIS CG  ND1  sing Y N 124 
HIS CG  CD2  doub Y N 125 
HIS ND1 CE1  doub Y N 126 
HIS ND1 HD1  sing N N 127 
HIS CD2 NE2  sing Y N 128 
HIS CD2 HD2  sing N N 129 
HIS CE1 NE2  sing Y N 130 
HIS CE1 HE1  sing N N 131 
HIS NE2 HE2  sing N N 132 
HIS OXT HXT  sing N N 133 
HOH O   H1   sing N N 134 
HOH O   H2   sing N N 135 
ILE N   CA   sing N N 136 
ILE N   H    sing N N 137 
ILE N   H2   sing N N 138 
ILE CA  C    sing N N 139 
ILE CA  CB   sing N N 140 
ILE CA  HA   sing N N 141 
ILE C   O    doub N N 142 
ILE C   OXT  sing N N 143 
ILE CB  CG1  sing N N 144 
ILE CB  CG2  sing N N 145 
ILE CB  HB   sing N N 146 
ILE CG1 CD1  sing N N 147 
ILE CG1 HG12 sing N N 148 
ILE CG1 HG13 sing N N 149 
ILE CG2 HG21 sing N N 150 
ILE CG2 HG22 sing N N 151 
ILE CG2 HG23 sing N N 152 
ILE CD1 HD11 sing N N 153 
ILE CD1 HD12 sing N N 154 
ILE CD1 HD13 sing N N 155 
ILE OXT HXT  sing N N 156 
LEU N   CA   sing N N 157 
LEU N   H    sing N N 158 
LEU N   H2   sing N N 159 
LEU CA  C    sing N N 160 
LEU CA  CB   sing N N 161 
LEU CA  HA   sing N N 162 
LEU C   O    doub N N 163 
LEU C   OXT  sing N N 164 
LEU CB  CG   sing N N 165 
LEU CB  HB2  sing N N 166 
LEU CB  HB3  sing N N 167 
LEU CG  CD1  sing N N 168 
LEU CG  CD2  sing N N 169 
LEU CG  HG   sing N N 170 
LEU CD1 HD11 sing N N 171 
LEU CD1 HD12 sing N N 172 
LEU CD1 HD13 sing N N 173 
LEU CD2 HD21 sing N N 174 
LEU CD2 HD22 sing N N 175 
LEU CD2 HD23 sing N N 176 
LEU OXT HXT  sing N N 177 
LYS N   CA   sing N N 178 
LYS N   H    sing N N 179 
LYS N   H2   sing N N 180 
LYS CA  C    sing N N 181 
LYS CA  CB   sing N N 182 
LYS CA  HA   sing N N 183 
LYS C   O    doub N N 184 
LYS C   OXT  sing N N 185 
LYS CB  CG   sing N N 186 
LYS CB  HB2  sing N N 187 
LYS CB  HB3  sing N N 188 
LYS CG  CD   sing N N 189 
LYS CG  HG2  sing N N 190 
LYS CG  HG3  sing N N 191 
LYS CD  CE   sing N N 192 
LYS CD  HD2  sing N N 193 
LYS CD  HD3  sing N N 194 
LYS CE  NZ   sing N N 195 
LYS CE  HE2  sing N N 196 
LYS CE  HE3  sing N N 197 
LYS NZ  HZ1  sing N N 198 
LYS NZ  HZ2  sing N N 199 
LYS NZ  HZ3  sing N N 200 
LYS OXT HXT  sing N N 201 
MET N   CA   sing N N 202 
MET N   H    sing N N 203 
MET N   H2   sing N N 204 
MET CA  C    sing N N 205 
MET CA  CB   sing N N 206 
MET CA  HA   sing N N 207 
MET C   O    doub N N 208 
MET C   OXT  sing N N 209 
MET CB  CG   sing N N 210 
MET CB  HB2  sing N N 211 
MET CB  HB3  sing N N 212 
MET CG  SD   sing N N 213 
MET CG  HG2  sing N N 214 
MET CG  HG3  sing N N 215 
MET SD  CE   sing N N 216 
MET CE  HE1  sing N N 217 
MET CE  HE2  sing N N 218 
MET CE  HE3  sing N N 219 
MET OXT HXT  sing N N 220 
PHE N   CA   sing N N 221 
PHE N   H    sing N N 222 
PHE N   H2   sing N N 223 
PHE CA  C    sing N N 224 
PHE CA  CB   sing N N 225 
PHE CA  HA   sing N N 226 
PHE C   O    doub N N 227 
PHE C   OXT  sing N N 228 
PHE CB  CG   sing N N 229 
PHE CB  HB2  sing N N 230 
PHE CB  HB3  sing N N 231 
PHE CG  CD1  doub Y N 232 
PHE CG  CD2  sing Y N 233 
PHE CD1 CE1  sing Y N 234 
PHE CD1 HD1  sing N N 235 
PHE CD2 CE2  doub Y N 236 
PHE CD2 HD2  sing N N 237 
PHE CE1 CZ   doub Y N 238 
PHE CE1 HE1  sing N N 239 
PHE CE2 CZ   sing Y N 240 
PHE CE2 HE2  sing N N 241 
PHE CZ  HZ   sing N N 242 
PHE OXT HXT  sing N N 243 
PRO N   CA   sing N N 244 
PRO N   CD   sing N N 245 
PRO N   H    sing N N 246 
PRO CA  C    sing N N 247 
PRO CA  CB   sing N N 248 
PRO CA  HA   sing N N 249 
PRO C   O    doub N N 250 
PRO C   OXT  sing N N 251 
PRO CB  CG   sing N N 252 
PRO CB  HB2  sing N N 253 
PRO CB  HB3  sing N N 254 
PRO CG  CD   sing N N 255 
PRO CG  HG2  sing N N 256 
PRO CG  HG3  sing N N 257 
PRO CD  HD2  sing N N 258 
PRO CD  HD3  sing N N 259 
PRO OXT HXT  sing N N 260 
SER N   CA   sing N N 261 
SER N   H    sing N N 262 
SER N   H2   sing N N 263 
SER CA  C    sing N N 264 
SER CA  CB   sing N N 265 
SER CA  HA   sing N N 266 
SER C   O    doub N N 267 
SER C   OXT  sing N N 268 
SER CB  OG   sing N N 269 
SER CB  HB2  sing N N 270 
SER CB  HB3  sing N N 271 
SER OG  HG   sing N N 272 
SER OXT HXT  sing N N 273 
THR N   CA   sing N N 274 
THR N   H    sing N N 275 
THR N   H2   sing N N 276 
THR CA  C    sing N N 277 
THR CA  CB   sing N N 278 
THR CA  HA   sing N N 279 
THR C   O    doub N N 280 
THR C   OXT  sing N N 281 
THR CB  OG1  sing N N 282 
THR CB  CG2  sing N N 283 
THR CB  HB   sing N N 284 
THR OG1 HG1  sing N N 285 
THR CG2 HG21 sing N N 286 
THR CG2 HG22 sing N N 287 
THR CG2 HG23 sing N N 288 
THR OXT HXT  sing N N 289 
TRP N   CA   sing N N 290 
TRP N   H    sing N N 291 
TRP N   H2   sing N N 292 
TRP CA  C    sing N N 293 
TRP CA  CB   sing N N 294 
TRP CA  HA   sing N N 295 
TRP C   O    doub N N 296 
TRP C   OXT  sing N N 297 
TRP CB  CG   sing N N 298 
TRP CB  HB2  sing N N 299 
TRP CB  HB3  sing N N 300 
TRP CG  CD1  doub Y N 301 
TRP CG  CD2  sing Y N 302 
TRP CD1 NE1  sing Y N 303 
TRP CD1 HD1  sing N N 304 
TRP CD2 CE2  doub Y N 305 
TRP CD2 CE3  sing Y N 306 
TRP NE1 CE2  sing Y N 307 
TRP NE1 HE1  sing N N 308 
TRP CE2 CZ2  sing Y N 309 
TRP CE3 CZ3  doub Y N 310 
TRP CE3 HE3  sing N N 311 
TRP CZ2 CH2  doub Y N 312 
TRP CZ2 HZ2  sing N N 313 
TRP CZ3 CH2  sing Y N 314 
TRP CZ3 HZ3  sing N N 315 
TRP CH2 HH2  sing N N 316 
TRP OXT HXT  sing N N 317 
TYR N   CA   sing N N 318 
TYR N   H    sing N N 319 
TYR N   H2   sing N N 320 
TYR CA  C    sing N N 321 
TYR CA  CB   sing N N 322 
TYR CA  HA   sing N N 323 
TYR C   O    doub N N 324 
TYR C   OXT  sing N N 325 
TYR CB  CG   sing N N 326 
TYR CB  HB2  sing N N 327 
TYR CB  HB3  sing N N 328 
TYR CG  CD1  doub Y N 329 
TYR CG  CD2  sing Y N 330 
TYR CD1 CE1  sing Y N 331 
TYR CD1 HD1  sing N N 332 
TYR CD2 CE2  doub Y N 333 
TYR CD2 HD2  sing N N 334 
TYR CE1 CZ   doub Y N 335 
TYR CE1 HE1  sing N N 336 
TYR CE2 CZ   sing Y N 337 
TYR CE2 HE2  sing N N 338 
TYR CZ  OH   sing N N 339 
TYR OH  HH   sing N N 340 
TYR OXT HXT  sing N N 341 
VAL N   CA   sing N N 342 
VAL N   H    sing N N 343 
VAL N   H2   sing N N 344 
VAL CA  C    sing N N 345 
VAL CA  CB   sing N N 346 
VAL CA  HA   sing N N 347 
VAL C   O    doub N N 348 
VAL C   OXT  sing N N 349 
VAL CB  CG1  sing N N 350 
VAL CB  CG2  sing N N 351 
VAL CB  HB   sing N N 352 
VAL CG1 HG11 sing N N 353 
VAL CG1 HG12 sing N N 354 
VAL CG1 HG13 sing N N 355 
VAL CG2 HG21 sing N N 356 
VAL CG2 HG22 sing N N 357 
VAL CG2 HG23 sing N N 358 
VAL OXT HXT  sing N N 359 
# 
_pdbx_audit_support.funding_organization   'National Institutes of Health/National Cancer Institute (NIH/NCI)' 
_pdbx_audit_support.country                'United States' 
_pdbx_audit_support.grant_number           'P30 CA08748' 
_pdbx_audit_support.ordinal                1 
# 
_pdbx_entity_nonpoly.entity_id   2 
_pdbx_entity_nonpoly.name        water 
_pdbx_entity_nonpoly.comp_id     HOH 
# 
_pdbx_initial_refinement_model.id               1 
_pdbx_initial_refinement_model.entity_id_list   ? 
_pdbx_initial_refinement_model.type             'experimental model' 
_pdbx_initial_refinement_model.source_name      PDB 
_pdbx_initial_refinement_model.accession_code   1UAW 
_pdbx_initial_refinement_model.details          ? 
# 
_pdbx_struct_assembly_auth_evidence.id                     1 
_pdbx_struct_assembly_auth_evidence.assembly_id            1 
_pdbx_struct_assembly_auth_evidence.experimental_support   'gel filtration' 
_pdbx_struct_assembly_auth_evidence.details                ? 
# 
